data_5UDS
#
_entry.id   5UDS
#
_cell.length_a   107.724
_cell.length_b   107.724
_cell.length_c   318.054
_cell.angle_alpha   90.00
_cell.angle_beta   90.00
_cell.angle_gamma   90.00
#
_symmetry.space_group_name_H-M   'P 41 2 2'
#
loop_
_entity.id
_entity.type
_entity.pdbx_description
1 polymer 'Lactate racemization operon protein LarE'
2 non-polymer "ADENOSINE-5'-TRIPHOSPHATE"
3 non-polymer 'MAGNESIUM ION'
4 non-polymer 'PHOSPHATE ION'
5 water water
#
_entity_poly.entity_id   1
_entity_poly.type   'polypeptide(L)'
_entity_poly.pdbx_seq_one_letter_code
;MATLATKKATLVAALKDLQRVTVAFSGGIDSTLVLKMALDVLGRDNVTAVVANSELFTDEEFDKAMSLAEELGANVQGTT
LDYLSDDHIKNNTPDSWYYAKKMFYSRLNDIAANNGSAAVLDGMIKNDENDYRPGLKARSEAGARSLLQEADFFKTDVRA
LAQELGLTNWNKVASCSVSSRFPYGTTLTHDNIAQVMAAEKYLRSLGFPTVRVRFHNDIARIELPEARIGDFLVFNDRVN
RQLQSLGFRYVTLDLGGFRSGRMNDTLTKAQLATFAASWSHPQFEK
;
_entity_poly.pdbx_strand_id   A,B,C,D,E,F
#
# COMPACT_ATOMS: atom_id res chain seq x y z
N ALA A 2 21.70 44.74 12.47
CA ALA A 2 20.78 45.88 12.38
C ALA A 2 19.36 45.48 12.77
N THR A 3 18.46 46.45 12.78
CA THR A 3 17.08 46.23 13.17
C THR A 3 16.16 46.29 11.96
N LEU A 4 15.00 45.65 12.11
CA LEU A 4 13.99 45.67 11.05
C LEU A 4 13.62 47.10 10.65
N ALA A 5 13.47 47.99 11.63
CA ALA A 5 13.06 49.35 11.31
C ALA A 5 14.09 50.05 10.42
N THR A 6 15.38 49.78 10.65
CA THR A 6 16.40 50.35 9.77
C THR A 6 16.31 49.76 8.37
N LYS A 7 16.02 48.46 8.27
CA LYS A 7 15.96 47.82 6.95
C LYS A 7 14.81 48.39 6.14
N LYS A 8 13.67 48.66 6.79
CA LYS A 8 12.55 49.29 6.12
C LYS A 8 12.89 50.70 5.65
N ALA A 9 13.63 51.46 6.46
CA ALA A 9 14.00 52.82 6.10
C ALA A 9 14.92 52.84 4.89
N THR A 10 15.92 51.97 4.88
CA THR A 10 16.78 51.83 3.71
C THR A 10 15.95 51.59 2.46
N LEU A 11 14.96 50.71 2.57
CA LEU A 11 14.09 50.41 1.44
C LEU A 11 13.25 51.63 1.04
N VAL A 12 12.68 52.34 2.01
CA VAL A 12 11.87 53.51 1.70
C VAL A 12 12.71 54.56 0.99
N ALA A 13 13.91 54.84 1.52
CA ALA A 13 14.76 55.87 0.92
C ALA A 13 15.19 55.51 -0.50
N ALA A 14 15.59 54.25 -0.72
CA ALA A 14 15.99 53.84 -2.07
C ALA A 14 14.84 54.03 -3.04
N LEU A 15 13.62 53.76 -2.59
CA LEU A 15 12.44 53.99 -3.41
C LEU A 15 12.32 55.48 -3.75
N LYS A 16 12.46 56.34 -2.73
CA LYS A 16 12.38 57.78 -2.94
C LYS A 16 13.48 58.28 -3.89
N ASP A 17 14.70 57.76 -3.76
CA ASP A 17 15.76 58.19 -4.66
C ASP A 17 15.42 57.85 -6.11
N LEU A 18 14.63 56.78 -6.32
CA LEU A 18 14.31 56.30 -7.64
C LEU A 18 13.13 57.06 -8.26
N GLN A 19 12.09 57.34 -7.47
CA GLN A 19 10.94 58.18 -7.82
C GLN A 19 9.92 57.53 -8.77
N ARG A 20 10.37 56.75 -9.75
CA ARG A 20 9.45 56.05 -10.64
C ARG A 20 10.02 54.69 -10.98
N VAL A 21 9.24 53.62 -10.75
CA VAL A 21 9.75 52.26 -10.87
C VAL A 21 8.80 51.36 -11.65
N THR A 22 9.38 50.30 -12.19
CA THR A 22 8.66 49.17 -12.78
C THR A 22 8.99 47.94 -11.95
N VAL A 23 7.98 47.34 -11.32
CA VAL A 23 8.17 46.26 -10.36
C VAL A 23 7.81 44.96 -11.05
N ALA A 24 8.79 44.07 -11.15
CA ALA A 24 8.55 42.72 -11.66
C ALA A 24 7.76 41.95 -10.60
N PHE A 25 6.51 41.63 -10.92
CA PHE A 25 5.58 41.09 -9.93
C PHE A 25 5.19 39.67 -10.29
N SER A 26 5.58 38.72 -9.45
CA SER A 26 5.25 37.31 -9.66
C SER A 26 3.99 36.90 -8.93
N GLY A 27 3.56 37.68 -7.95
CA GLY A 27 2.49 37.26 -7.07
C GLY A 27 2.97 36.61 -5.79
N GLY A 28 4.25 36.26 -5.70
CA GLY A 28 4.79 35.70 -4.47
C GLY A 28 4.96 36.76 -3.42
N ILE A 29 5.30 36.31 -2.20
CA ILE A 29 5.33 37.23 -1.07
C ILE A 29 6.41 38.28 -1.24
N ASP A 30 7.55 37.91 -1.85
CA ASP A 30 8.66 38.86 -1.93
C ASP A 30 8.32 40.00 -2.89
N SER A 31 7.91 39.69 -4.12
CA SER A 31 7.56 40.79 -5.02
C SER A 31 6.28 41.51 -4.59
N THR A 32 5.42 40.85 -3.82
CA THR A 32 4.27 41.52 -3.22
C THR A 32 4.71 42.62 -2.25
N LEU A 33 5.70 42.31 -1.39
CA LEU A 33 6.21 43.31 -0.46
C LEU A 33 6.81 44.51 -1.19
N VAL A 34 7.64 44.24 -2.21
CA VAL A 34 8.24 45.35 -2.98
C VAL A 34 7.16 46.21 -3.60
N LEU A 35 6.17 45.59 -4.24
CA LEU A 35 5.08 46.33 -4.88
C LEU A 35 4.31 47.18 -3.86
N LYS A 36 3.98 46.60 -2.69
CA LYS A 36 3.24 47.37 -1.68
C LYS A 36 4.05 48.55 -1.18
N MET A 37 5.34 48.35 -0.93
CA MET A 37 6.19 49.42 -0.46
C MET A 37 6.38 50.49 -1.55
N ALA A 38 6.49 50.07 -2.81
CA ALA A 38 6.63 51.02 -3.90
C ALA A 38 5.40 51.89 -4.04
N LEU A 39 4.22 51.28 -3.94
CA LEU A 39 2.97 52.03 -4.02
C LEU A 39 2.90 53.04 -2.88
N ASP A 40 3.23 52.60 -1.68
CA ASP A 40 3.09 53.44 -0.49
C ASP A 40 4.01 54.65 -0.58
N VAL A 41 5.20 54.48 -1.17
CA VAL A 41 6.16 55.56 -1.16
C VAL A 41 6.03 56.44 -2.39
N LEU A 42 5.79 55.84 -3.56
CA LEU A 42 5.78 56.63 -4.78
C LEU A 42 4.37 56.89 -5.30
N GLY A 43 3.38 56.13 -4.86
CA GLY A 43 2.01 56.31 -5.32
C GLY A 43 1.75 55.57 -6.61
N ARG A 44 0.48 55.22 -6.86
CA ARG A 44 0.18 54.31 -7.96
C ARG A 44 0.61 54.87 -9.31
N ASP A 45 0.64 56.21 -9.44
CA ASP A 45 1.01 56.80 -10.73
C ASP A 45 2.48 56.63 -11.06
N ASN A 46 3.31 56.34 -10.04
CA ASN A 46 4.76 56.19 -10.20
C ASN A 46 5.20 54.75 -10.15
N VAL A 47 4.26 53.81 -10.11
CA VAL A 47 4.56 52.39 -10.04
C VAL A 47 3.87 51.70 -11.20
N THR A 48 4.60 50.84 -11.90
CA THR A 48 4.07 49.96 -12.93
C THR A 48 4.37 48.53 -12.53
N ALA A 49 3.33 47.72 -12.33
CA ALA A 49 3.48 46.29 -12.08
C ALA A 49 3.52 45.54 -13.40
N VAL A 50 4.51 44.66 -13.58
CA VAL A 50 4.64 43.87 -14.79
C VAL A 50 4.59 42.40 -14.40
N VAL A 51 3.66 41.66 -15.01
CA VAL A 51 3.54 40.22 -14.81
C VAL A 51 3.88 39.54 -16.13
N ALA A 52 4.94 38.71 -16.12
CA ALA A 52 5.36 37.98 -17.31
C ALA A 52 4.63 36.65 -17.42
N ASN A 53 3.98 36.45 -18.56
CA ASN A 53 3.38 35.20 -18.98
C ASN A 53 4.29 34.49 -19.97
N SER A 54 4.30 33.16 -19.90
CA SER A 54 5.15 32.39 -20.79
C SER A 54 4.64 30.95 -20.89
N GLU A 55 5.23 30.20 -21.82
CA GLU A 55 4.91 28.79 -22.00
C GLU A 55 5.48 27.92 -20.91
N LEU A 56 6.48 28.40 -20.18
CA LEU A 56 7.13 27.61 -19.14
C LEU A 56 6.39 27.63 -17.81
N PHE A 57 5.26 28.32 -17.71
CA PHE A 57 4.50 28.40 -16.47
C PHE A 57 3.01 28.30 -16.78
N THR A 58 2.21 28.07 -15.74
CA THR A 58 0.79 27.81 -15.92
C THR A 58 0.01 29.11 -16.13
N ASP A 59 -1.08 29.03 -16.89
CA ASP A 59 -1.96 30.18 -17.06
C ASP A 59 -2.59 30.61 -15.74
N GLU A 60 -2.85 29.66 -14.85
CA GLU A 60 -3.47 29.98 -13.57
C GLU A 60 -2.59 30.89 -12.74
N GLU A 61 -1.28 30.68 -12.76
CA GLU A 61 -0.40 31.50 -11.94
C GLU A 61 -0.30 32.92 -12.49
N PHE A 62 -0.26 33.06 -13.81
CA PHE A 62 -0.24 34.39 -14.41
C PHE A 62 -1.52 35.16 -14.10
N ASP A 63 -2.68 34.55 -14.34
CA ASP A 63 -3.94 35.23 -14.04
C ASP A 63 -4.01 35.57 -12.57
N LYS A 64 -3.54 34.65 -11.72
CA LYS A 64 -3.54 34.90 -10.28
C LYS A 64 -2.70 36.13 -9.95
N ALA A 65 -1.56 36.29 -10.62
CA ALA A 65 -0.67 37.42 -10.32
C ALA A 65 -1.27 38.74 -10.79
N MET A 66 -1.85 38.78 -12.00
CA MET A 66 -2.50 39.99 -12.48
C MET A 66 -3.57 40.48 -11.50
N SER A 67 -4.42 39.56 -11.01
CA SER A 67 -5.47 39.96 -10.08
C SER A 67 -4.89 40.45 -8.76
N LEU A 68 -3.79 39.82 -8.30
CA LEU A 68 -3.20 40.22 -7.03
C LEU A 68 -2.62 41.63 -7.11
N ALA A 69 -1.96 41.97 -8.22
CA ALA A 69 -1.45 43.32 -8.41
C ALA A 69 -2.59 44.34 -8.48
N GLU A 70 -3.66 43.99 -9.20
CA GLU A 70 -4.84 44.84 -9.21
C GLU A 70 -5.38 45.02 -7.80
N GLU A 71 -5.41 43.92 -7.03
CA GLU A 71 -5.88 44.01 -5.65
C GLU A 71 -5.02 44.95 -4.81
N LEU A 72 -3.72 45.04 -5.10
CA LEU A 72 -2.88 46.00 -4.38
C LEU A 72 -3.06 47.43 -4.85
N GLY A 73 -3.81 47.64 -5.94
CA GLY A 73 -4.06 48.98 -6.40
C GLY A 73 -3.03 49.51 -7.36
N ALA A 74 -2.34 48.64 -8.07
CA ALA A 74 -1.29 49.05 -8.99
C ALA A 74 -1.80 49.04 -10.42
N ASN A 75 -1.33 50.01 -11.20
CA ASN A 75 -1.42 49.90 -12.65
C ASN A 75 -0.52 48.75 -13.05
N VAL A 76 -1.10 47.75 -13.71
CA VAL A 76 -0.39 46.51 -14.01
C VAL A 76 -0.40 46.28 -15.52
N GLN A 77 0.69 45.75 -16.03
CA GLN A 77 0.79 45.39 -17.43
C GLN A 77 1.23 43.95 -17.52
N GLY A 78 0.48 43.17 -18.30
CA GLY A 78 0.88 41.83 -18.64
C GLY A 78 1.76 41.89 -19.87
N THR A 79 2.80 41.07 -19.89
CA THR A 79 3.64 40.90 -21.06
C THR A 79 3.82 39.40 -21.26
N THR A 80 3.92 38.99 -22.51
CA THR A 80 4.13 37.59 -22.86
C THR A 80 5.56 37.42 -23.36
N LEU A 81 6.28 36.47 -22.79
CA LEU A 81 7.62 36.12 -23.27
C LEU A 81 7.58 34.81 -24.04
N ASP A 82 8.38 34.73 -25.11
CA ASP A 82 8.56 33.49 -25.86
C ASP A 82 9.95 32.96 -25.54
N TYR A 83 10.06 32.28 -24.40
CA TYR A 83 11.35 31.73 -23.99
C TYR A 83 11.91 30.77 -25.04
N LEU A 84 11.04 30.08 -25.78
CA LEU A 84 11.47 29.04 -26.72
C LEU A 84 12.15 29.59 -27.96
N SER A 85 12.16 30.92 -28.15
CA SER A 85 12.88 31.50 -29.29
C SER A 85 14.39 31.44 -29.12
N ASP A 86 14.88 31.32 -27.88
CA ASP A 86 16.31 31.15 -27.60
C ASP A 86 16.67 29.67 -27.63
N ASP A 87 17.68 29.32 -28.43
CA ASP A 87 18.02 27.91 -28.63
C ASP A 87 18.50 27.24 -27.35
N HIS A 88 19.13 27.99 -26.43
CA HIS A 88 19.54 27.39 -25.16
C HIS A 88 18.34 26.90 -24.36
N ILE A 89 17.24 27.67 -24.39
CA ILE A 89 16.01 27.26 -23.70
C ILE A 89 15.32 26.14 -24.46
N LYS A 90 15.13 26.32 -25.77
CA LYS A 90 14.41 25.35 -26.57
C LYS A 90 15.08 23.98 -26.54
N ASN A 91 16.41 23.95 -26.53
CA ASN A 91 17.15 22.68 -26.51
C ASN A 91 17.59 22.30 -25.08
N ASN A 92 17.11 23.04 -24.08
CA ASN A 92 17.23 22.70 -22.68
C ASN A 92 18.66 22.28 -22.32
N THR A 93 19.53 23.26 -22.38
CA THR A 93 20.90 23.06 -21.92
C THR A 93 20.96 23.33 -20.43
N PRO A 94 22.05 22.93 -19.77
CA PRO A 94 22.17 23.24 -18.34
C PRO A 94 22.21 24.73 -18.01
N ASP A 95 22.54 25.61 -18.96
CA ASP A 95 22.51 27.04 -18.67
C ASP A 95 21.24 27.72 -19.18
N SER A 96 20.26 26.93 -19.65
CA SER A 96 19.01 27.47 -20.18
C SER A 96 18.35 28.46 -19.24
N TRP A 97 18.43 28.20 -17.93
CA TRP A 97 17.84 29.10 -16.94
C TRP A 97 18.39 30.52 -17.08
N TYR A 98 19.69 30.67 -17.32
CA TYR A 98 20.32 31.98 -17.34
C TYR A 98 19.81 32.80 -18.51
N TYR A 99 19.71 32.17 -19.68
CA TYR A 99 19.19 32.81 -20.87
C TYR A 99 17.70 33.12 -20.73
N ALA A 100 17.00 32.33 -19.91
CA ALA A 100 15.62 32.69 -19.58
C ALA A 100 15.58 34.01 -18.81
N LYS A 101 16.45 34.14 -17.81
CA LYS A 101 16.50 35.39 -17.06
C LYS A 101 16.96 36.55 -17.94
N LYS A 102 17.91 36.29 -18.85
CA LYS A 102 18.38 37.34 -19.74
C LYS A 102 17.23 37.90 -20.57
N MET A 103 16.43 37.02 -21.15
CA MET A 103 15.29 37.48 -21.93
C MET A 103 14.27 38.19 -21.04
N PHE A 104 14.05 37.68 -19.83
CA PHE A 104 13.10 38.25 -18.89
C PHE A 104 13.49 39.69 -18.52
N TYR A 105 14.72 39.89 -18.06
CA TYR A 105 15.13 41.21 -17.62
C TYR A 105 15.25 42.17 -18.80
N SER A 106 15.58 41.67 -19.98
CA SER A 106 15.60 42.53 -21.16
C SER A 106 14.21 43.10 -21.44
N ARG A 107 13.17 42.26 -21.38
CA ARG A 107 11.83 42.73 -21.67
C ARG A 107 11.34 43.73 -20.62
N LEU A 108 11.67 43.50 -19.34
CA LEU A 108 11.23 44.46 -18.33
C LEU A 108 11.96 45.79 -18.44
N ASN A 109 13.25 45.77 -18.82
CA ASN A 109 13.97 47.01 -19.04
C ASN A 109 13.38 47.82 -20.19
N ASP A 110 12.95 47.12 -21.25
CA ASP A 110 12.28 47.78 -22.37
C ASP A 110 10.99 48.46 -21.89
N ILE A 111 10.21 47.76 -21.05
CA ILE A 111 8.98 48.35 -20.51
C ILE A 111 9.31 49.57 -19.66
N ALA A 112 10.31 49.44 -18.77
CA ALA A 112 10.64 50.55 -17.87
C ALA A 112 11.14 51.76 -18.65
N ALA A 113 11.95 51.54 -19.67
CA ALA A 113 12.42 52.64 -20.51
C ALA A 113 11.29 53.34 -21.25
N ASN A 114 10.19 52.62 -21.57
CA ASN A 114 9.12 53.25 -22.34
C ASN A 114 8.10 53.98 -21.47
N ASN A 115 8.00 53.64 -20.18
CA ASN A 115 7.08 54.33 -19.28
C ASN A 115 7.78 55.31 -18.35
N GLY A 116 9.08 55.52 -18.54
CA GLY A 116 9.81 56.49 -17.75
C GLY A 116 10.20 56.06 -16.36
N SER A 117 10.30 54.76 -16.09
CA SER A 117 10.77 54.32 -14.78
C SER A 117 12.27 54.52 -14.65
N ALA A 118 12.74 54.70 -13.42
CA ALA A 118 14.17 54.82 -13.20
C ALA A 118 14.87 53.47 -13.03
N ALA A 119 14.13 52.41 -12.71
CA ALA A 119 14.75 51.11 -12.55
C ALA A 119 13.69 50.03 -12.62
N VAL A 120 14.14 48.81 -12.88
CA VAL A 120 13.33 47.62 -12.70
C VAL A 120 13.60 47.10 -11.29
N LEU A 121 12.53 46.73 -10.59
CA LEU A 121 12.62 46.13 -9.27
C LEU A 121 12.15 44.69 -9.32
N ASP A 122 12.88 43.82 -8.64
CA ASP A 122 12.42 42.47 -8.41
C ASP A 122 12.39 42.22 -6.90
N GLY A 123 11.95 41.04 -6.50
CA GLY A 123 11.82 40.74 -5.08
C GLY A 123 12.87 39.77 -4.59
N MET A 124 14.04 39.75 -5.20
CA MET A 124 15.10 38.88 -4.71
C MET A 124 15.53 39.27 -3.30
N ILE A 125 15.85 38.26 -2.50
CA ILE A 125 16.37 38.44 -1.15
C ILE A 125 17.88 38.31 -1.20
N LYS A 137 26.17 38.57 -14.47
CA LYS A 137 24.97 38.45 -13.63
C LYS A 137 23.76 39.14 -14.30
N ALA A 138 22.62 38.43 -14.35
CA ALA A 138 21.48 38.89 -15.14
C ALA A 138 20.94 40.23 -14.62
N ARG A 139 20.89 40.41 -13.30
CA ARG A 139 20.45 41.69 -12.75
C ARG A 139 21.50 42.77 -12.96
N SER A 140 22.78 42.46 -12.70
CA SER A 140 23.84 43.44 -12.88
C SER A 140 24.11 43.75 -14.36
N GLU A 141 23.72 42.85 -15.25
CA GLU A 141 23.73 43.14 -16.68
C GLU A 141 22.58 44.07 -17.05
N ALA A 142 21.36 43.74 -16.64
CA ALA A 142 20.19 44.53 -16.99
C ALA A 142 20.14 45.87 -16.28
N GLY A 143 20.80 45.99 -15.14
CA GLY A 143 20.58 47.12 -14.25
C GLY A 143 19.47 46.93 -13.25
N ALA A 144 19.04 45.69 -13.02
CA ALA A 144 17.91 45.43 -12.13
C ALA A 144 18.29 45.64 -10.68
N ARG A 145 17.33 46.15 -9.90
CA ARG A 145 17.54 46.43 -8.48
C ARG A 145 16.74 45.50 -7.60
N SER A 146 17.41 44.90 -6.61
CA SER A 146 16.80 44.08 -5.59
C SER A 146 16.89 44.87 -4.28
N LEU A 147 15.91 45.75 -4.05
CA LEU A 147 15.99 46.66 -2.91
C LEU A 147 15.88 45.92 -1.57
N LEU A 148 15.15 44.81 -1.52
CA LEU A 148 15.11 44.04 -0.28
C LEU A 148 16.49 43.49 0.03
N GLN A 149 17.23 43.07 -1.00
CA GLN A 149 18.56 42.51 -0.79
C GLN A 149 19.56 43.60 -0.43
N GLU A 150 19.44 44.77 -1.06
CA GLU A 150 20.34 45.87 -0.71
C GLU A 150 20.08 46.34 0.72
N ALA A 151 18.85 46.20 1.21
CA ALA A 151 18.49 46.53 2.58
C ALA A 151 18.63 45.34 3.53
N ASP A 152 19.27 44.25 3.09
CA ASP A 152 19.58 43.07 3.93
C ASP A 152 18.35 42.41 4.54
N PHE A 153 17.27 42.31 3.79
CA PHE A 153 16.10 41.57 4.26
C PHE A 153 16.41 40.08 4.23
N PHE A 154 16.13 39.41 5.34
CA PHE A 154 16.07 37.95 5.37
C PHE A 154 14.62 37.53 5.17
N LYS A 155 14.38 36.22 5.07
CA LYS A 155 13.02 35.75 4.82
C LYS A 155 12.05 36.15 5.94
N THR A 156 12.48 36.06 7.20
CA THR A 156 11.57 36.41 8.29
C THR A 156 11.30 37.92 8.34
N ASP A 157 12.29 38.75 7.99
CA ASP A 157 12.06 40.19 7.87
C ASP A 157 11.03 40.49 6.77
N VAL A 158 11.07 39.74 5.67
CA VAL A 158 10.04 39.89 4.64
C VAL A 158 8.68 39.58 5.24
N ARG A 159 8.58 38.51 6.04
CA ARG A 159 7.31 38.13 6.63
C ARG A 159 6.85 39.17 7.65
N ALA A 160 7.79 39.70 8.44
CA ALA A 160 7.42 40.67 9.47
C ALA A 160 6.83 41.93 8.84
N LEU A 161 7.48 42.45 7.81
CA LEU A 161 7.01 43.69 7.19
C LEU A 161 5.71 43.47 6.42
N ALA A 162 5.55 42.31 5.79
CA ALA A 162 4.30 42.05 5.11
C ALA A 162 3.13 41.99 6.10
N GLN A 163 3.34 41.34 7.25
CA GLN A 163 2.31 41.33 8.27
C GLN A 163 2.09 42.73 8.83
N GLU A 164 3.18 43.43 9.15
CA GLU A 164 3.08 44.80 9.66
C GLU A 164 2.34 45.72 8.69
N LEU A 165 2.53 45.52 7.38
CA LEU A 165 1.81 46.31 6.39
C LEU A 165 0.37 45.85 6.19
N GLY A 166 -0.07 44.76 6.81
CA GLY A 166 -1.42 44.28 6.58
C GLY A 166 -1.62 43.48 5.30
N LEU A 167 -0.55 43.03 4.66
CA LEU A 167 -0.64 42.15 3.49
C LEU A 167 -0.96 40.74 3.96
N THR A 168 -2.00 40.13 3.36
CA THR A 168 -2.34 38.74 3.66
C THR A 168 -2.52 37.89 2.43
N ASN A 169 -2.58 38.47 1.25
CA ASN A 169 -2.91 37.74 0.03
C ASN A 169 -1.69 37.70 -0.87
N TRP A 170 -1.25 36.50 -1.21
CA TRP A 170 -0.16 36.31 -2.17
C TRP A 170 -0.18 34.84 -2.58
N ASN A 171 0.53 34.53 -3.65
CA ASN A 171 0.58 33.15 -4.12
C ASN A 171 1.57 32.38 -3.26
N LYS A 172 1.06 31.45 -2.45
CA LYS A 172 1.87 30.64 -1.56
C LYS A 172 2.31 29.33 -2.20
N VAL A 173 1.82 29.02 -3.40
CA VAL A 173 2.11 27.78 -4.10
C VAL A 173 3.37 27.98 -4.93
N ALA A 174 4.39 27.18 -4.64
CA ALA A 174 5.67 27.28 -5.33
C ALA A 174 5.54 26.88 -6.80
N SER A 175 5.90 27.80 -7.68
CA SER A 175 5.95 27.51 -9.11
C SER A 175 7.34 27.06 -9.49
N CYS A 176 7.42 26.27 -10.55
CA CYS A 176 8.69 25.79 -11.06
C CYS A 176 8.59 25.71 -12.57
N SER A 177 9.61 26.21 -13.26
CA SER A 177 9.60 26.17 -14.72
C SER A 177 9.47 24.73 -15.21
N VAL A 178 8.60 24.53 -16.17
CA VAL A 178 8.31 23.22 -16.72
C VAL A 178 9.52 22.62 -17.43
N SER A 179 10.53 23.44 -17.73
CA SER A 179 11.74 22.92 -18.34
C SER A 179 12.41 21.87 -17.44
N SER A 180 12.14 21.92 -16.13
CA SER A 180 12.68 20.92 -15.20
C SER A 180 12.09 19.54 -15.40
N ARG A 181 10.96 19.42 -16.08
CA ARG A 181 10.44 18.10 -16.36
C ARG A 181 11.14 17.42 -17.53
N PHE A 182 12.07 18.10 -18.21
CA PHE A 182 12.74 17.58 -19.38
C PHE A 182 14.21 17.37 -19.11
N PRO A 183 14.77 16.27 -19.61
CA PRO A 183 16.22 16.05 -19.53
C PRO A 183 16.98 17.13 -20.29
N TYR A 184 18.21 17.39 -19.86
CA TYR A 184 19.08 18.28 -20.61
C TYR A 184 19.30 17.70 -22.01
N GLY A 185 19.25 18.58 -23.02
CA GLY A 185 19.45 18.16 -24.38
C GLY A 185 18.18 17.77 -25.11
N THR A 186 17.09 17.53 -24.39
CA THR A 186 15.81 17.24 -24.99
C THR A 186 15.13 18.53 -25.48
N THR A 187 14.65 18.51 -26.71
CA THR A 187 14.03 19.70 -27.29
C THR A 187 12.64 19.93 -26.72
N LEU A 188 12.41 21.14 -26.19
CA LEU A 188 11.06 21.51 -25.78
C LEU A 188 10.22 21.88 -27.00
N THR A 189 8.98 21.39 -27.04
CA THR A 189 8.05 21.80 -28.08
C THR A 189 6.78 22.34 -27.42
N HIS A 190 6.00 23.08 -28.20
CA HIS A 190 4.69 23.51 -27.72
C HIS A 190 3.86 22.29 -27.32
N ASP A 191 3.99 21.20 -28.09
CA ASP A 191 3.19 20.01 -27.84
C ASP A 191 3.65 19.28 -26.58
N ASN A 192 4.96 19.03 -26.47
CA ASN A 192 5.42 18.27 -25.30
C ASN A 192 5.27 19.09 -24.03
N ILE A 193 5.43 20.42 -24.09
CA ILE A 193 5.16 21.25 -22.92
C ILE A 193 3.70 21.13 -22.52
N ALA A 194 2.78 21.27 -23.47
CA ALA A 194 1.36 21.14 -23.14
C ALA A 194 1.05 19.74 -22.62
N GLN A 195 1.72 18.74 -23.18
CA GLN A 195 1.54 17.35 -22.77
C GLN A 195 1.92 17.14 -21.30
N VAL A 196 3.07 17.69 -20.91
CA VAL A 196 3.51 17.63 -19.52
C VAL A 196 2.57 18.43 -18.61
N MET A 197 2.16 19.61 -19.05
CA MET A 197 1.31 20.45 -18.23
C MET A 197 -0.06 19.80 -18.03
N ALA A 198 -0.60 19.20 -19.09
CA ALA A 198 -1.89 18.53 -18.95
C ALA A 198 -1.81 17.36 -18.00
N ALA A 199 -0.69 16.62 -18.03
CA ALA A 199 -0.53 15.45 -17.18
C ALA A 199 -0.48 15.83 -15.70
N GLU A 200 0.33 16.82 -15.35
CA GLU A 200 0.45 17.21 -13.94
C GLU A 200 -0.88 17.77 -13.40
N LYS A 201 -1.61 18.51 -14.24
CA LYS A 201 -2.90 19.05 -13.81
C LYS A 201 -3.88 17.93 -13.51
N TYR A 202 -3.90 16.90 -14.34
CA TYR A 202 -4.75 15.75 -14.07
C TYR A 202 -4.37 15.09 -12.74
N LEU A 203 -3.07 14.93 -12.47
CA LEU A 203 -2.65 14.30 -11.23
C LEU A 203 -2.96 15.18 -10.02
N ARG A 204 -2.78 16.49 -10.14
CA ARG A 204 -3.23 17.36 -9.05
C ARG A 204 -4.73 17.23 -8.85
N SER A 205 -5.49 17.08 -9.95
CA SER A 205 -6.93 17.00 -9.80
C SER A 205 -7.37 15.75 -9.05
N LEU A 206 -6.52 14.73 -8.92
CA LEU A 206 -6.90 13.57 -8.15
C LEU A 206 -6.57 13.69 -6.68
N GLY A 207 -6.00 14.82 -6.26
CA GLY A 207 -5.62 14.99 -4.87
C GLY A 207 -4.13 14.89 -4.60
N PHE A 208 -3.28 15.13 -5.59
CA PHE A 208 -1.82 15.02 -5.46
C PHE A 208 -1.20 16.35 -5.85
N PRO A 209 -1.18 17.32 -4.93
CA PRO A 209 -0.70 18.66 -5.30
C PRO A 209 0.80 18.76 -5.50
N THR A 210 1.59 17.86 -4.93
CA THR A 210 3.03 17.86 -5.13
C THR A 210 3.33 16.69 -6.06
N VAL A 211 3.67 16.98 -7.32
CA VAL A 211 3.82 15.93 -8.32
C VAL A 211 4.67 16.46 -9.46
N ARG A 212 5.36 15.55 -10.16
CA ARG A 212 6.07 15.85 -11.40
C ARG A 212 5.82 14.76 -12.43
N VAL A 213 5.54 15.17 -13.66
CA VAL A 213 5.51 14.24 -14.78
C VAL A 213 6.77 14.50 -15.59
N ARG A 214 7.81 13.72 -15.32
CA ARG A 214 9.06 13.89 -16.05
C ARG A 214 8.94 13.27 -17.43
N PHE A 215 9.40 14.00 -18.44
CA PHE A 215 9.25 13.65 -19.84
C PHE A 215 10.47 12.85 -20.29
N HIS A 216 10.25 11.65 -20.82
CA HIS A 216 11.32 10.80 -21.37
C HIS A 216 10.87 10.21 -22.70
N ASN A 217 10.58 11.11 -23.65
CA ASN A 217 10.04 10.79 -24.97
C ASN A 217 8.73 10.04 -24.88
N ASP A 218 8.75 8.73 -25.08
CA ASP A 218 7.53 7.95 -25.05
C ASP A 218 7.16 7.47 -23.65
N ILE A 219 7.98 7.82 -22.64
CA ILE A 219 7.76 7.41 -21.25
C ILE A 219 7.42 8.64 -20.39
N ALA A 220 6.36 8.53 -19.60
CA ALA A 220 6.17 9.46 -18.50
C ALA A 220 6.63 8.80 -17.21
N ARG A 221 7.48 9.50 -16.46
CA ARG A 221 8.02 9.03 -15.18
C ARG A 221 7.49 9.96 -14.08
N ILE A 222 6.52 9.46 -13.32
CA ILE A 222 5.82 10.26 -12.32
C ILE A 222 6.57 10.21 -11.00
N GLU A 223 6.84 11.38 -10.45
CA GLU A 223 7.44 11.53 -9.13
C GLU A 223 6.33 11.94 -8.18
N LEU A 224 6.17 11.19 -7.10
CA LEU A 224 5.23 11.49 -6.03
C LEU A 224 5.94 11.42 -4.69
N PRO A 225 5.48 12.19 -3.71
CA PRO A 225 5.90 11.92 -2.33
C PRO A 225 5.58 10.48 -1.97
N GLU A 226 6.59 9.78 -1.41
CA GLU A 226 6.47 8.35 -1.18
C GLU A 226 5.33 8.00 -0.25
N ALA A 227 5.00 8.89 0.69
CA ALA A 227 3.90 8.60 1.61
C ALA A 227 2.56 8.54 0.88
N ARG A 228 2.49 9.04 -0.34
CA ARG A 228 1.26 9.04 -1.11
C ARG A 228 1.12 7.84 -2.05
N ILE A 229 2.18 7.03 -2.23
CA ILE A 229 2.14 6.03 -3.30
C ILE A 229 1.16 4.91 -2.96
N GLY A 230 0.98 4.59 -1.67
CA GLY A 230 0.02 3.56 -1.31
C GLY A 230 -1.41 3.91 -1.68
N ASP A 231 -1.80 5.17 -1.46
CA ASP A 231 -3.15 5.61 -1.81
C ASP A 231 -3.32 5.77 -3.31
N PHE A 232 -2.22 6.01 -4.02
CA PHE A 232 -2.26 6.27 -5.44
C PHE A 232 -2.70 5.06 -6.25
N LEU A 233 -2.59 3.86 -5.68
CA LEU A 233 -2.77 2.64 -6.46
C LEU A 233 -4.19 2.52 -7.01
N VAL A 234 -5.17 3.10 -6.29
CA VAL A 234 -6.56 3.10 -6.74
C VAL A 234 -6.74 3.86 -8.05
N PHE A 235 -5.77 4.68 -8.43
CA PHE A 235 -5.85 5.44 -9.67
C PHE A 235 -4.94 4.93 -10.77
N ASN A 236 -4.09 3.93 -10.51
CA ASN A 236 -3.11 3.47 -11.50
C ASN A 236 -3.69 3.42 -12.90
N ASP A 237 -4.79 2.69 -13.07
CA ASP A 237 -5.30 2.41 -14.40
C ASP A 237 -5.80 3.67 -15.08
N ARG A 238 -6.51 4.52 -14.32
CA ARG A 238 -7.01 5.76 -14.90
C ARG A 238 -5.85 6.69 -15.28
N VAL A 239 -4.82 6.75 -14.43
CA VAL A 239 -3.65 7.57 -14.76
C VAL A 239 -2.95 7.02 -16.00
N ASN A 240 -2.75 5.70 -16.05
CA ASN A 240 -2.14 5.08 -17.22
C ASN A 240 -2.87 5.49 -18.51
N ARG A 241 -4.18 5.28 -18.53
CA ARG A 241 -4.96 5.59 -19.72
C ARG A 241 -4.97 7.09 -19.98
N GLN A 242 -5.14 7.91 -18.94
CA GLN A 242 -5.20 9.35 -19.16
C GLN A 242 -3.89 9.87 -19.75
N LEU A 243 -2.75 9.46 -19.20
CA LEU A 243 -1.49 9.98 -19.72
C LEU A 243 -1.12 9.35 -21.05
N GLN A 244 -1.63 8.17 -21.35
CA GLN A 244 -1.46 7.65 -22.70
C GLN A 244 -2.26 8.47 -23.71
N SER A 245 -3.49 8.85 -23.35
CA SER A 245 -4.29 9.65 -24.27
C SER A 245 -3.72 11.06 -24.42
N LEU A 246 -2.83 11.48 -23.51
CA LEU A 246 -2.10 12.73 -23.72
C LEU A 246 -0.88 12.57 -24.60
N GLY A 247 -0.52 11.35 -24.97
CA GLY A 247 0.56 11.13 -25.92
C GLY A 247 1.71 10.27 -25.44
N PHE A 248 1.82 9.93 -24.16
CA PHE A 248 2.86 9.02 -23.73
C PHE A 248 2.48 7.60 -24.12
N ARG A 249 3.47 6.82 -24.55
CA ARG A 249 3.25 5.40 -24.78
C ARG A 249 3.34 4.62 -23.47
N TYR A 250 4.25 5.02 -22.61
CA TYR A 250 4.41 4.38 -21.32
C TYR A 250 4.22 5.38 -20.21
N VAL A 251 3.43 5.00 -19.21
CA VAL A 251 3.19 5.78 -18.02
C VAL A 251 3.74 4.99 -16.84
N THR A 252 4.72 5.57 -16.13
CA THR A 252 5.42 4.85 -15.09
C THR A 252 5.52 5.70 -13.83
N LEU A 253 5.73 5.03 -12.71
CA LEU A 253 5.86 5.65 -11.41
C LEU A 253 7.28 5.44 -10.90
N ASP A 254 7.98 6.53 -10.61
CA ASP A 254 9.35 6.48 -10.12
C ASP A 254 9.39 5.82 -8.75
N LEU A 255 10.14 4.72 -8.64
CA LEU A 255 10.25 4.02 -7.37
C LEU A 255 10.97 4.85 -6.32
N GLY A 256 11.81 5.79 -6.73
CA GLY A 256 12.48 6.68 -5.78
C GLY A 256 11.63 7.85 -5.29
N GLY A 257 10.52 8.15 -5.99
CA GLY A 257 9.63 9.21 -5.57
C GLY A 257 10.12 10.63 -5.84
N PHE A 258 9.42 11.56 -5.21
CA PHE A 258 9.69 12.99 -5.39
C PHE A 258 10.89 13.36 -4.53
N ARG A 259 11.92 13.94 -5.14
CA ARG A 259 13.16 14.29 -4.44
C ARG A 259 13.78 13.06 -3.76
N SER A 260 14.13 12.09 -4.61
CA SER A 260 14.71 10.83 -4.16
C SER A 260 15.81 11.06 -3.13
N GLY A 261 15.89 10.16 -2.14
CA GLY A 261 16.94 10.18 -1.15
C GLY A 261 16.78 11.22 -0.05
N ARG A 262 15.85 12.18 -0.19
CA ARG A 262 15.67 13.15 0.88
C ARG A 262 14.94 12.56 2.08
N MET A 263 14.31 11.39 1.92
CA MET A 263 13.62 10.71 3.00
C MET A 263 14.19 9.32 3.25
N ASN A 264 15.48 9.16 3.00
CA ASN A 264 16.17 7.89 3.21
C ASN A 264 17.07 7.97 4.43
N ASP A 265 17.30 6.81 5.03
CA ASP A 265 18.28 6.67 6.11
C ASP A 265 19.67 7.09 5.64
N THR A 266 20.57 7.31 6.62
CA THR A 266 21.84 7.96 6.33
C THR A 266 22.67 7.17 5.32
N LEU A 267 22.76 5.85 5.49
CA LEU A 267 23.60 5.02 4.64
C LEU A 267 23.10 4.99 3.20
N THR A 268 21.81 4.68 2.99
CA THR A 268 21.27 4.55 1.65
C THR A 268 20.88 5.89 1.03
N LYS A 269 20.95 6.99 1.78
CA LYS A 269 20.79 8.32 1.18
C LYS A 269 22.10 8.80 0.58
N ALA A 270 23.23 8.42 1.18
CA ALA A 270 24.55 8.70 0.59
C ALA A 270 24.85 7.75 -0.58
N GLN A 271 24.32 6.52 -0.57
CA GLN A 271 24.48 5.64 -1.72
C GLN A 271 23.59 6.07 -2.89
N LEU A 272 22.41 6.65 -2.59
CA LEU A 272 21.56 7.22 -3.63
C LEU A 272 22.16 8.49 -4.23
N ALA A 273 22.86 9.27 -3.39
CA ALA A 273 23.56 10.46 -3.88
C ALA A 273 24.82 10.10 -4.64
N THR A 274 25.49 8.99 -4.26
CA THR A 274 26.67 8.52 -4.98
C THR A 274 26.31 8.06 -6.39
N PHE A 275 25.21 7.30 -6.52
CA PHE A 275 24.77 6.83 -7.84
C PHE A 275 24.44 7.99 -8.78
N ALA A 276 23.86 9.07 -8.25
CA ALA A 276 23.59 10.28 -9.05
C ALA A 276 24.87 11.08 -9.28
N ALA B 2 -13.45 42.63 -11.36
CA ALA B 2 -13.53 43.67 -10.36
C ALA B 2 -12.67 43.28 -9.17
N THR B 3 -12.09 44.26 -8.49
CA THR B 3 -11.21 43.92 -7.38
C THR B 3 -11.99 43.51 -6.15
N LEU B 4 -11.32 42.73 -5.29
CA LEU B 4 -11.94 42.33 -4.03
C LEU B 4 -12.39 43.54 -3.24
N ALA B 5 -11.57 44.58 -3.20
CA ALA B 5 -11.95 45.78 -2.46
C ALA B 5 -13.25 46.37 -3.01
N THR B 6 -13.45 46.28 -4.32
CA THR B 6 -14.71 46.74 -4.91
C THR B 6 -15.89 45.87 -4.51
N LYS B 7 -15.72 44.55 -4.51
CA LYS B 7 -16.84 43.68 -4.12
C LYS B 7 -17.16 43.85 -2.65
N LYS B 8 -16.13 43.99 -1.81
CA LYS B 8 -16.33 44.26 -0.39
C LYS B 8 -17.08 45.57 -0.18
N ALA B 9 -16.73 46.60 -0.97
CA ALA B 9 -17.41 47.88 -0.86
C ALA B 9 -18.88 47.75 -1.25
N THR B 10 -19.17 47.05 -2.35
CA THR B 10 -20.55 46.71 -2.68
C THR B 10 -21.21 46.01 -1.50
N LEU B 11 -20.50 45.08 -0.88
CA LEU B 11 -21.07 44.39 0.27
C LEU B 11 -21.30 45.37 1.42
N VAL B 12 -20.33 46.23 1.71
CA VAL B 12 -20.48 47.22 2.78
C VAL B 12 -21.69 48.12 2.52
N ALA B 13 -21.84 48.60 1.29
CA ALA B 13 -22.95 49.51 0.99
C ALA B 13 -24.30 48.80 1.15
N ALA B 14 -24.41 47.58 0.64
CA ALA B 14 -25.67 46.85 0.78
C ALA B 14 -26.04 46.67 2.24
N LEU B 15 -25.06 46.31 3.07
CA LEU B 15 -25.32 46.12 4.50
C LEU B 15 -25.76 47.43 5.14
N LYS B 16 -25.04 48.53 4.86
CA LYS B 16 -25.45 49.82 5.40
C LYS B 16 -26.86 50.16 4.95
N ASP B 17 -27.17 49.87 3.68
CA ASP B 17 -28.49 50.16 3.16
C ASP B 17 -29.59 49.42 3.91
N LEU B 18 -29.27 48.24 4.44
CA LEU B 18 -30.28 47.40 5.09
C LEU B 18 -30.50 47.76 6.55
N GLN B 19 -29.48 48.31 7.22
CA GLN B 19 -29.53 48.74 8.62
C GLN B 19 -29.66 47.61 9.65
N ARG B 20 -30.60 46.68 9.46
CA ARG B 20 -30.81 45.63 10.45
C ARG B 20 -31.19 44.35 9.73
N VAL B 21 -30.43 43.28 9.99
CA VAL B 21 -30.51 42.04 9.23
C VAL B 21 -30.55 40.84 10.17
N THR B 22 -31.09 39.74 9.64
CA THR B 22 -31.05 38.43 10.27
C THR B 22 -30.25 37.51 9.37
N VAL B 23 -29.16 36.94 9.88
CA VAL B 23 -28.23 36.17 9.06
C VAL B 23 -28.44 34.67 9.32
N ALA B 24 -28.84 33.94 8.28
CA ALA B 24 -28.93 32.47 8.35
C ALA B 24 -27.53 31.91 8.41
N PHE B 25 -27.15 31.34 9.55
CA PHE B 25 -25.75 31.00 9.79
C PHE B 25 -25.57 29.49 9.89
N SER B 26 -24.80 28.93 8.96
CA SER B 26 -24.53 27.49 8.95
C SER B 26 -23.23 27.10 9.65
N GLY B 27 -22.30 28.03 9.83
CA GLY B 27 -20.97 27.68 10.29
C GLY B 27 -19.95 27.43 9.19
N GLY B 28 -20.37 27.34 7.92
CA GLY B 28 -19.43 27.22 6.81
C GLY B 28 -18.75 28.55 6.51
N ILE B 29 -17.77 28.52 5.60
CA ILE B 29 -16.98 29.73 5.37
C ILE B 29 -17.84 30.83 4.75
N ASP B 30 -18.82 30.47 3.92
CA ASP B 30 -19.54 31.53 3.23
C ASP B 30 -20.38 32.34 4.21
N SER B 31 -21.26 31.67 4.96
CA SER B 31 -22.08 32.41 5.91
C SER B 31 -21.25 32.98 7.06
N THR B 32 -20.07 32.41 7.35
CA THR B 32 -19.17 33.00 8.33
C THR B 32 -18.70 34.38 7.86
N LEU B 33 -18.30 34.49 6.59
CA LEU B 33 -17.87 35.77 6.06
C LEU B 33 -19.01 36.78 6.14
N VAL B 34 -20.21 36.36 5.74
CA VAL B 34 -21.37 37.25 5.78
C VAL B 34 -21.64 37.68 7.21
N LEU B 35 -21.67 36.72 8.13
CA LEU B 35 -21.97 37.09 9.51
C LEU B 35 -20.97 38.09 10.05
N LYS B 36 -19.67 37.87 9.77
CA LYS B 36 -18.65 38.76 10.27
C LYS B 36 -18.77 40.15 9.64
N MET B 37 -19.03 40.22 8.34
CA MET B 37 -19.18 41.52 7.71
C MET B 37 -20.40 42.27 8.28
N ALA B 38 -21.49 41.55 8.52
CA ALA B 38 -22.66 42.21 9.09
C ALA B 38 -22.34 42.77 10.47
N LEU B 39 -21.71 41.95 11.32
CA LEU B 39 -21.30 42.43 12.63
C LEU B 39 -20.35 43.60 12.51
N ASP B 40 -19.36 43.50 11.60
CA ASP B 40 -18.36 44.55 11.46
C ASP B 40 -18.96 45.85 10.94
N VAL B 41 -20.02 45.79 10.14
CA VAL B 41 -20.60 46.99 9.57
C VAL B 41 -21.78 47.49 10.39
N LEU B 42 -22.59 46.59 10.96
CA LEU B 42 -23.79 47.03 11.67
C LEU B 42 -23.72 46.96 13.18
N GLY B 43 -22.78 46.20 13.75
CA GLY B 43 -22.72 46.06 15.18
C GLY B 43 -23.63 44.94 15.69
N ARG B 44 -23.29 44.42 16.88
CA ARG B 44 -23.96 43.23 17.38
C ARG B 44 -25.46 43.46 17.62
N ASP B 45 -25.86 44.71 17.92
CA ASP B 45 -27.26 45.01 18.19
C ASP B 45 -28.14 44.99 16.95
N ASN B 46 -27.57 45.15 15.76
CA ASN B 46 -28.38 45.21 14.56
C ASN B 46 -28.29 43.94 13.72
N VAL B 47 -27.72 42.87 14.27
CA VAL B 47 -27.57 41.60 13.57
C VAL B 47 -28.13 40.49 14.44
N THR B 48 -28.95 39.62 13.86
CA THR B 48 -29.35 38.41 14.58
C THR B 48 -28.91 37.22 13.75
N ALA B 49 -28.01 36.40 14.32
CA ALA B 49 -27.59 35.16 13.69
C ALA B 49 -28.56 34.05 14.07
N VAL B 50 -29.05 33.31 13.07
CA VAL B 50 -29.96 32.19 13.29
C VAL B 50 -29.30 30.94 12.75
N VAL B 51 -29.21 29.93 13.60
CA VAL B 51 -28.70 28.60 13.27
C VAL B 51 -29.87 27.62 13.32
N ALA B 52 -30.12 26.94 12.21
CA ALA B 52 -31.20 25.96 12.12
C ALA B 52 -30.72 24.57 12.54
N ASN B 53 -31.39 24.00 13.53
CA ASN B 53 -31.22 22.61 13.93
C ASN B 53 -32.37 21.81 13.36
N SER B 54 -32.09 20.61 12.87
CA SER B 54 -33.15 19.80 12.27
C SER B 54 -32.73 18.35 12.29
N GLU B 55 -33.69 17.48 11.94
CA GLU B 55 -33.43 16.04 11.89
C GLU B 55 -32.59 15.64 10.69
N LEU B 56 -32.54 16.45 9.65
CA LEU B 56 -31.77 16.06 8.47
C LEU B 56 -30.30 16.49 8.50
N PHE B 57 -29.83 17.17 9.55
CA PHE B 57 -28.45 17.61 9.66
C PHE B 57 -27.98 17.29 11.08
N THR B 58 -26.68 17.23 11.28
CA THR B 58 -26.21 16.67 12.53
C THR B 58 -26.28 17.64 13.70
N ASP B 59 -26.53 17.07 14.89
CA ASP B 59 -26.42 17.84 16.11
C ASP B 59 -25.01 18.43 16.31
N GLU B 60 -23.97 17.72 15.85
CA GLU B 60 -22.60 18.23 15.96
C GLU B 60 -22.37 19.47 15.10
N GLU B 61 -22.87 19.49 13.88
CA GLU B 61 -22.70 20.67 13.06
C GLU B 61 -23.52 21.83 13.61
N PHE B 62 -24.68 21.53 14.19
CA PHE B 62 -25.47 22.57 14.85
C PHE B 62 -24.72 23.18 16.03
N ASP B 63 -24.18 22.35 16.93
CA ASP B 63 -23.48 22.88 18.11
C ASP B 63 -22.28 23.72 17.69
N LYS B 64 -21.56 23.26 16.67
CA LYS B 64 -20.38 24.00 16.21
C LYS B 64 -20.74 25.40 15.74
N ALA B 65 -21.85 25.54 15.00
CA ALA B 65 -22.24 26.85 14.47
C ALA B 65 -22.67 27.79 15.58
N MET B 66 -23.48 27.29 16.52
CA MET B 66 -23.87 28.09 17.68
C MET B 66 -22.63 28.60 18.40
N SER B 67 -21.63 27.75 18.58
CA SER B 67 -20.40 28.21 19.22
C SER B 67 -19.68 29.22 18.33
N LEU B 68 -19.64 28.96 17.02
CA LEU B 68 -18.95 29.85 16.10
C LEU B 68 -19.63 31.22 16.04
N ALA B 69 -20.96 31.26 16.07
CA ALA B 69 -21.64 32.55 16.03
C ALA B 69 -21.31 33.39 17.25
N GLU B 70 -21.36 32.78 18.44
CA GLU B 70 -21.01 33.52 19.65
C GLU B 70 -19.55 33.99 19.59
N GLU B 71 -18.67 33.09 19.18
CA GLU B 71 -17.26 33.45 19.03
C GLU B 71 -17.07 34.57 18.04
N LEU B 72 -17.95 34.67 17.04
CA LEU B 72 -17.88 35.78 16.12
C LEU B 72 -18.47 37.05 16.71
N GLY B 73 -19.05 36.98 17.91
CA GLY B 73 -19.58 38.16 18.55
C GLY B 73 -21.02 38.49 18.20
N ALA B 74 -21.80 37.52 17.78
CA ALA B 74 -23.18 37.77 17.42
C ALA B 74 -24.10 37.31 18.53
N ASN B 75 -25.21 38.01 18.69
CA ASN B 75 -26.34 37.41 19.40
C ASN B 75 -26.90 36.34 18.47
N VAL B 76 -26.92 35.10 18.94
CA VAL B 76 -27.28 33.97 18.10
C VAL B 76 -28.48 33.27 18.70
N GLN B 77 -29.37 32.80 17.84
CA GLN B 77 -30.58 32.12 18.24
C GLN B 77 -30.65 30.78 17.52
N GLY B 78 -30.92 29.73 18.27
CA GLY B 78 -31.18 28.43 17.68
C GLY B 78 -32.65 28.34 17.34
N THR B 79 -32.95 27.73 16.21
CA THR B 79 -34.32 27.41 15.87
C THR B 79 -34.35 25.98 15.34
N THR B 80 -35.43 25.25 15.64
CA THR B 80 -35.57 23.87 15.21
C THR B 80 -36.64 23.72 14.14
N LEU B 81 -36.26 23.13 13.03
CA LEU B 81 -37.17 22.86 11.94
C LEU B 81 -37.56 21.39 11.94
N ASP B 82 -38.80 21.10 11.56
CA ASP B 82 -39.17 19.70 11.36
C ASP B 82 -39.40 19.48 9.87
N TYR B 83 -38.33 19.21 9.16
CA TYR B 83 -38.48 18.92 7.76
C TYR B 83 -39.42 17.73 7.56
N LEU B 84 -39.40 16.75 8.48
CA LEU B 84 -40.19 15.53 8.28
C LEU B 84 -41.68 15.73 8.50
N SER B 85 -42.11 16.85 9.07
CA SER B 85 -43.53 17.07 9.21
C SER B 85 -44.17 17.33 7.86
N ASP B 86 -43.37 17.68 6.85
CA ASP B 86 -43.85 17.83 5.49
C ASP B 86 -43.78 16.50 4.77
N ASP B 87 -44.91 16.08 4.20
CA ASP B 87 -44.99 14.77 3.56
C ASP B 87 -44.13 14.67 2.31
N HIS B 88 -43.95 15.78 1.59
CA HIS B 88 -43.09 15.77 0.41
C HIS B 88 -41.65 15.45 0.79
N ILE B 89 -41.20 15.99 1.92
CA ILE B 89 -39.85 15.70 2.40
C ILE B 89 -39.78 14.27 2.92
N LYS B 90 -40.75 13.90 3.75
CA LYS B 90 -40.69 12.61 4.40
C LYS B 90 -40.77 11.47 3.38
N ASN B 91 -41.41 11.68 2.23
CA ASN B 91 -41.50 10.62 1.24
C ASN B 91 -40.37 10.64 0.22
N ASN B 92 -39.40 11.53 0.39
CA ASN B 92 -38.12 11.56 -0.33
C ASN B 92 -38.28 11.43 -1.85
N THR B 93 -38.85 12.45 -2.45
CA THR B 93 -38.95 12.60 -3.90
C THR B 93 -37.94 13.63 -4.41
N PRO B 94 -37.75 13.72 -5.73
CA PRO B 94 -36.88 14.79 -6.27
C PRO B 94 -37.38 16.18 -5.95
N ASP B 95 -38.61 16.35 -5.48
CA ASP B 95 -39.13 17.65 -5.09
C ASP B 95 -38.98 17.92 -3.59
N SER B 96 -38.36 17.01 -2.84
CA SER B 96 -38.16 17.21 -1.41
C SER B 96 -37.39 18.49 -1.13
N TRP B 97 -36.32 18.73 -1.89
CA TRP B 97 -35.51 19.95 -1.70
C TRP B 97 -36.38 21.19 -1.71
N TYR B 98 -37.39 21.23 -2.60
CA TYR B 98 -38.15 22.46 -2.77
C TYR B 98 -38.93 22.78 -1.50
N TYR B 99 -39.60 21.79 -0.93
CA TYR B 99 -40.37 22.00 0.27
C TYR B 99 -39.48 22.27 1.47
N ALA B 100 -38.29 21.67 1.49
CA ALA B 100 -37.33 21.94 2.54
C ALA B 100 -36.88 23.40 2.51
N LYS B 101 -36.52 23.89 1.34
CA LYS B 101 -36.08 25.29 1.23
C LYS B 101 -37.22 26.24 1.58
N LYS B 102 -38.45 25.87 1.21
CA LYS B 102 -39.61 26.67 1.57
C LYS B 102 -39.74 26.75 3.09
N MET B 103 -39.66 25.60 3.76
CA MET B 103 -39.83 25.58 5.20
C MET B 103 -38.69 26.33 5.88
N PHE B 104 -37.48 26.18 5.34
CA PHE B 104 -36.31 26.86 5.91
C PHE B 104 -36.44 28.39 5.83
N TYR B 105 -36.73 28.90 4.64
CA TYR B 105 -36.82 30.35 4.48
C TYR B 105 -38.07 30.91 5.13
N SER B 106 -39.13 30.10 5.24
CA SER B 106 -40.31 30.54 5.95
C SER B 106 -40.03 30.78 7.44
N ARG B 107 -39.33 29.85 8.11
CA ARG B 107 -39.04 30.04 9.53
C ARG B 107 -38.12 31.25 9.74
N LEU B 108 -37.16 31.44 8.82
CA LEU B 108 -36.25 32.56 8.95
C LEU B 108 -36.93 33.90 8.70
N ASN B 109 -37.93 33.91 7.82
CA ASN B 109 -38.71 35.11 7.58
C ASN B 109 -39.54 35.50 8.80
N ASP B 110 -40.14 34.51 9.47
CA ASP B 110 -40.88 34.78 10.71
C ASP B 110 -39.98 35.38 11.78
N ILE B 111 -38.76 34.83 11.92
CA ILE B 111 -37.84 35.37 12.89
C ILE B 111 -37.48 36.81 12.52
N ALA B 112 -37.13 37.03 11.25
CA ALA B 112 -36.67 38.35 10.82
C ALA B 112 -37.77 39.41 10.99
N ALA B 113 -39.00 39.08 10.60
CA ALA B 113 -40.13 39.99 10.78
C ALA B 113 -40.42 40.26 12.24
N ASN B 114 -40.16 39.30 13.12
CA ASN B 114 -40.52 39.48 14.51
C ASN B 114 -39.47 40.23 15.32
N ASN B 115 -38.23 40.31 14.85
CA ASN B 115 -37.22 41.13 15.51
C ASN B 115 -36.93 42.41 14.73
N GLY B 116 -37.69 42.69 13.67
CA GLY B 116 -37.54 43.94 12.95
C GLY B 116 -36.39 44.02 11.99
N SER B 117 -35.90 42.90 11.49
CA SER B 117 -34.83 42.97 10.50
C SER B 117 -35.42 43.39 9.16
N ALA B 118 -34.57 43.97 8.32
CA ALA B 118 -34.98 44.38 6.99
C ALA B 118 -34.87 43.26 5.98
N ALA B 119 -34.09 42.22 6.30
CA ALA B 119 -33.95 41.10 5.38
C ALA B 119 -33.36 39.92 6.12
N VAL B 120 -33.52 38.75 5.52
CA VAL B 120 -32.77 37.55 5.87
C VAL B 120 -31.55 37.49 4.96
N LEU B 121 -30.38 37.24 5.53
CA LEU B 121 -29.17 37.06 4.73
C LEU B 121 -28.70 35.62 4.83
N ASP B 122 -28.28 35.05 3.70
CA ASP B 122 -27.61 33.76 3.65
C ASP B 122 -26.25 33.89 2.94
N GLY B 123 -25.54 32.78 2.83
CA GLY B 123 -24.21 32.84 2.27
C GLY B 123 -24.00 32.33 0.87
N MET B 124 -25.03 32.40 0.02
CA MET B 124 -24.86 32.02 -1.38
C MET B 124 -23.80 32.86 -2.08
N ILE B 125 -22.96 32.20 -2.86
CA ILE B 125 -21.93 32.87 -3.64
C ILE B 125 -22.18 32.66 -5.13
N LYS B 126 -21.51 33.49 -5.93
CA LYS B 126 -21.57 33.32 -7.37
C LYS B 126 -20.99 31.96 -7.74
N ASN B 127 -21.77 31.18 -8.48
CA ASN B 127 -21.43 29.80 -8.89
C ASN B 127 -21.07 28.91 -7.70
N ALA B 142 -34.41 34.26 -2.83
CA ALA B 142 -35.86 34.12 -2.93
C ALA B 142 -36.54 35.35 -2.30
N GLY B 143 -36.98 35.16 -1.05
CA GLY B 143 -37.27 36.28 -0.18
C GLY B 143 -36.09 36.49 0.76
N ALA B 144 -34.89 36.28 0.22
CA ALA B 144 -33.66 36.29 0.98
C ALA B 144 -32.56 36.97 0.17
N ARG B 145 -31.65 37.65 0.86
CA ARG B 145 -30.59 38.36 0.17
C ARG B 145 -29.28 37.60 0.28
N SER B 146 -28.65 37.37 -0.87
CA SER B 146 -27.34 36.74 -0.93
C SER B 146 -26.35 37.83 -1.35
N LEU B 147 -25.88 38.59 -0.35
CA LEU B 147 -25.06 39.76 -0.66
C LEU B 147 -23.73 39.38 -1.29
N LEU B 148 -23.17 38.21 -0.95
CA LEU B 148 -21.94 37.76 -1.62
C LEU B 148 -22.20 37.48 -3.09
N GLN B 149 -23.36 36.93 -3.41
CA GLN B 149 -23.71 36.69 -4.80
C GLN B 149 -24.01 38.01 -5.51
N GLU B 150 -24.68 38.93 -4.83
CA GLU B 150 -24.93 40.22 -5.47
C GLU B 150 -23.64 41.01 -5.68
N ALA B 151 -22.66 40.85 -4.80
CA ALA B 151 -21.37 41.51 -4.96
C ALA B 151 -20.39 40.66 -5.77
N ASP B 152 -20.86 39.56 -6.34
CA ASP B 152 -20.07 38.69 -7.23
C ASP B 152 -18.85 38.05 -6.56
N PHE B 153 -19.02 37.58 -5.31
CA PHE B 153 -17.96 36.80 -4.68
C PHE B 153 -17.90 35.40 -5.27
N PHE B 154 -16.71 35.00 -5.69
CA PHE B 154 -16.42 33.61 -6.00
C PHE B 154 -15.74 32.95 -4.80
N LYS B 155 -15.57 31.63 -4.88
CA LYS B 155 -14.96 30.90 -3.76
C LYS B 155 -13.58 31.46 -3.42
N THR B 156 -12.81 31.88 -4.44
CA THR B 156 -11.49 32.44 -4.20
C THR B 156 -11.57 33.81 -3.51
N ASP B 157 -12.56 34.63 -3.88
CA ASP B 157 -12.78 35.91 -3.19
C ASP B 157 -13.22 35.72 -1.76
N VAL B 158 -14.05 34.70 -1.51
CA VAL B 158 -14.49 34.43 -0.15
C VAL B 158 -13.29 34.16 0.76
N ARG B 159 -12.35 33.33 0.28
CA ARG B 159 -11.20 32.95 1.10
C ARG B 159 -10.28 34.13 1.33
N ALA B 160 -10.06 34.94 0.29
CA ALA B 160 -9.17 36.08 0.42
C ALA B 160 -9.71 37.10 1.43
N LEU B 161 -11.01 37.40 1.34
CA LEU B 161 -11.59 38.36 2.28
C LEU B 161 -11.63 37.77 3.68
N ALA B 162 -11.82 36.45 3.78
CA ALA B 162 -11.83 35.79 5.08
C ALA B 162 -10.47 35.90 5.76
N GLN B 163 -9.40 35.70 4.99
CA GLN B 163 -8.06 35.86 5.55
C GLN B 163 -7.80 37.31 5.92
N GLU B 164 -8.18 38.25 5.05
CA GLU B 164 -7.95 39.65 5.36
C GLU B 164 -8.66 40.00 6.66
N LEU B 165 -9.81 39.40 6.93
CA LEU B 165 -10.53 39.65 8.16
C LEU B 165 -9.98 38.87 9.35
N GLY B 166 -8.99 38.00 9.14
CA GLY B 166 -8.49 37.20 10.23
C GLY B 166 -9.36 36.04 10.62
N LEU B 167 -10.37 35.72 9.81
CA LEU B 167 -11.22 34.55 10.05
C LEU B 167 -10.46 33.28 9.72
N THR B 168 -10.40 32.36 10.68
CA THR B 168 -9.76 31.08 10.43
C THR B 168 -10.59 29.89 10.87
N ASN B 169 -11.64 30.08 11.65
CA ASN B 169 -12.35 28.98 12.25
C ASN B 169 -13.74 28.88 11.64
N TRP B 170 -14.02 27.77 11.00
CA TRP B 170 -15.33 27.47 10.43
C TRP B 170 -15.38 25.97 10.19
N ASN B 171 -16.59 25.46 9.94
CA ASN B 171 -16.77 24.03 9.69
C ASN B 171 -16.33 23.74 8.25
N LYS B 172 -15.26 22.95 8.11
CA LYS B 172 -14.65 22.72 6.80
C LYS B 172 -15.23 21.53 6.05
N VAL B 173 -16.07 20.71 6.67
CA VAL B 173 -16.68 19.58 5.98
C VAL B 173 -18.05 20.00 5.44
N ALA B 174 -18.19 19.94 4.11
CA ALA B 174 -19.42 20.37 3.43
C ALA B 174 -20.59 19.47 3.82
N SER B 175 -21.65 20.09 4.31
CA SER B 175 -22.83 19.36 4.78
C SER B 175 -23.86 19.13 3.69
N CYS B 176 -24.58 18.02 3.83
CA CYS B 176 -25.60 17.63 2.88
C CYS B 176 -26.74 16.97 3.64
N SER B 177 -27.98 17.28 3.26
CA SER B 177 -29.14 16.70 3.91
C SER B 177 -29.04 15.17 3.91
N VAL B 178 -29.35 14.56 5.05
CA VAL B 178 -29.26 13.11 5.15
C VAL B 178 -30.22 12.39 4.24
N SER B 179 -31.24 13.09 3.73
CA SER B 179 -32.18 12.42 2.84
C SER B 179 -31.49 11.86 1.60
N SER B 180 -30.32 12.40 1.20
CA SER B 180 -29.57 11.89 0.06
C SER B 180 -29.00 10.50 0.31
N ARG B 181 -28.98 10.04 1.55
CA ARG B 181 -28.56 8.69 1.84
C ARG B 181 -29.66 7.68 1.56
N PHE B 182 -30.86 8.12 1.21
CA PHE B 182 -31.92 7.18 0.95
C PHE B 182 -32.38 7.32 -0.50
N PRO B 183 -32.68 6.22 -1.17
CA PRO B 183 -33.17 6.31 -2.55
C PRO B 183 -34.50 7.03 -2.63
N TYR B 184 -34.73 7.68 -3.78
CA TYR B 184 -36.03 8.29 -4.04
C TYR B 184 -37.13 7.26 -3.94
N GLY B 185 -38.24 7.65 -3.30
CA GLY B 185 -39.34 6.75 -3.06
C GLY B 185 -39.28 6.03 -1.73
N THR B 186 -38.12 6.03 -1.07
CA THR B 186 -37.96 5.47 0.27
C THR B 186 -38.46 6.48 1.30
N THR B 187 -39.33 6.04 2.19
CA THR B 187 -39.85 6.89 3.25
C THR B 187 -38.80 7.05 4.36
N LEU B 188 -38.52 8.29 4.74
CA LEU B 188 -37.64 8.56 5.86
C LEU B 188 -38.35 8.30 7.17
N THR B 189 -37.67 7.65 8.10
CA THR B 189 -38.18 7.47 9.45
C THR B 189 -37.17 8.01 10.44
N HIS B 190 -37.63 8.24 11.68
CA HIS B 190 -36.71 8.62 12.75
C HIS B 190 -35.65 7.55 12.93
N ASP B 191 -36.04 6.28 12.81
CA ASP B 191 -35.11 5.19 13.02
C ASP B 191 -34.09 5.08 11.89
N ASN B 192 -34.54 5.12 10.65
CA ASN B 192 -33.58 4.91 9.57
C ASN B 192 -32.63 6.09 9.46
N ILE B 193 -33.10 7.30 9.77
CA ILE B 193 -32.22 8.46 9.80
C ILE B 193 -31.18 8.28 10.90
N ALA B 194 -31.62 7.96 12.12
CA ALA B 194 -30.72 7.83 13.25
C ALA B 194 -29.67 6.76 12.99
N GLN B 195 -30.07 5.67 12.34
CA GLN B 195 -29.13 4.60 12.01
C GLN B 195 -28.04 5.11 11.08
N VAL B 196 -28.42 5.84 10.04
CA VAL B 196 -27.44 6.43 9.14
C VAL B 196 -26.59 7.48 9.84
N MET B 197 -27.21 8.32 10.69
CA MET B 197 -26.44 9.34 11.38
C MET B 197 -25.41 8.73 12.31
N ALA B 198 -25.78 7.66 13.02
CA ALA B 198 -24.82 7.01 13.91
C ALA B 198 -23.69 6.35 13.13
N ALA B 199 -24.02 5.75 11.99
CA ALA B 199 -23.00 5.08 11.17
C ALA B 199 -21.97 6.07 10.64
N GLU B 200 -22.43 7.20 10.11
CA GLU B 200 -21.52 8.23 9.60
C GLU B 200 -20.71 8.86 10.73
N LYS B 201 -21.33 9.07 11.88
CA LYS B 201 -20.59 9.63 13.00
C LYS B 201 -19.47 8.69 13.43
N TYR B 202 -19.74 7.40 13.50
CA TYR B 202 -18.66 6.48 13.86
C TYR B 202 -17.54 6.57 12.85
N LEU B 203 -17.87 6.66 11.56
CA LEU B 203 -16.85 6.68 10.51
C LEU B 203 -16.02 7.97 10.54
N ARG B 204 -16.66 9.12 10.76
CA ARG B 204 -15.91 10.36 10.89
C ARG B 204 -14.96 10.29 12.09
N SER B 205 -15.38 9.61 13.16
CA SER B 205 -14.53 9.54 14.34
C SER B 205 -13.26 8.72 14.11
N LEU B 206 -13.21 7.94 13.05
CA LEU B 206 -12.00 7.19 12.75
C LEU B 206 -11.04 8.00 11.89
N GLY B 207 -11.39 9.22 11.54
CA GLY B 207 -10.54 10.05 10.71
C GLY B 207 -10.96 10.21 9.28
N PHE B 208 -12.24 9.99 8.94
CA PHE B 208 -12.73 10.10 7.57
C PHE B 208 -13.85 11.14 7.56
N PRO B 209 -13.50 12.42 7.46
CA PRO B 209 -14.51 13.47 7.62
C PRO B 209 -15.49 13.52 6.47
N THR B 210 -15.15 12.98 5.31
CA THR B 210 -16.05 12.92 4.17
C THR B 210 -16.52 11.49 3.93
N VAL B 211 -17.80 11.22 4.19
CA VAL B 211 -18.29 9.86 4.03
C VAL B 211 -19.81 9.89 3.87
N ARG B 212 -20.35 8.86 3.22
CA ARG B 212 -21.79 8.64 3.16
C ARG B 212 -22.06 7.19 3.48
N VAL B 213 -23.02 6.93 4.34
CA VAL B 213 -23.52 5.56 4.55
C VAL B 213 -24.86 5.51 3.83
N ARG B 214 -24.84 5.05 2.57
CA ARG B 214 -26.07 4.96 1.80
C ARG B 214 -26.89 3.77 2.27
N PHE B 215 -28.17 4.01 2.47
CA PHE B 215 -29.07 3.05 3.06
C PHE B 215 -29.74 2.21 1.97
N HIS B 216 -29.64 0.89 2.11
CA HIS B 216 -30.33 -0.07 1.25
C HIS B 216 -30.94 -1.14 2.14
N ASN B 217 -31.77 -0.67 3.07
CA ASN B 217 -32.42 -1.51 4.07
C ASN B 217 -31.40 -2.31 4.84
N ASP B 218 -31.21 -3.58 4.51
CA ASP B 218 -30.29 -4.38 5.31
C ASP B 218 -28.85 -4.23 4.87
N ILE B 219 -28.60 -3.46 3.80
CA ILE B 219 -27.26 -3.20 3.30
C ILE B 219 -26.89 -1.74 3.53
N ALA B 220 -25.72 -1.53 4.14
CA ALA B 220 -25.08 -0.21 4.15
C ALA B 220 -24.03 -0.15 3.04
N ARG B 221 -24.08 0.90 2.24
CA ARG B 221 -23.12 1.06 1.16
C ARG B 221 -22.32 2.32 1.46
N ILE B 222 -21.10 2.13 1.92
CA ILE B 222 -20.27 3.24 2.37
C ILE B 222 -19.57 3.85 1.19
N GLU B 223 -19.64 5.17 1.09
CA GLU B 223 -18.90 5.93 0.09
C GLU B 223 -17.79 6.70 0.77
N LEU B 224 -16.57 6.54 0.27
CA LEU B 224 -15.40 7.25 0.74
C LEU B 224 -14.73 7.93 -0.44
N PRO B 225 -14.05 9.06 -0.21
CA PRO B 225 -13.10 9.56 -1.23
C PRO B 225 -12.12 8.46 -1.56
N GLU B 226 -11.93 8.21 -2.87
CA GLU B 226 -11.13 7.07 -3.30
C GLU B 226 -9.71 7.17 -2.77
N ALA B 227 -9.22 8.40 -2.62
CA ALA B 227 -7.87 8.60 -2.14
C ALA B 227 -7.70 8.11 -0.72
N ARG B 228 -8.79 7.91 0.00
CA ARG B 228 -8.74 7.44 1.38
C ARG B 228 -8.96 5.95 1.51
N ILE B 229 -9.37 5.29 0.42
CA ILE B 229 -9.84 3.92 0.60
C ILE B 229 -8.69 3.00 0.97
N GLY B 230 -7.47 3.30 0.49
CA GLY B 230 -6.32 2.46 0.83
C GLY B 230 -6.03 2.38 2.31
N ASP B 231 -6.15 3.51 3.02
CA ASP B 231 -5.94 3.55 4.47
C ASP B 231 -7.11 3.00 5.27
N PHE B 232 -8.30 2.97 4.69
CA PHE B 232 -9.47 2.56 5.44
C PHE B 232 -9.39 1.10 5.87
N LEU B 233 -8.53 0.31 5.23
CA LEU B 233 -8.57 -1.14 5.39
C LEU B 233 -8.30 -1.58 6.83
N VAL B 234 -7.49 -0.82 7.58
CA VAL B 234 -7.23 -1.14 8.98
C VAL B 234 -8.49 -1.10 9.81
N PHE B 235 -9.58 -0.52 9.29
CA PHE B 235 -10.82 -0.38 10.04
C PHE B 235 -11.95 -1.32 9.59
N ASN B 236 -11.75 -2.09 8.51
CA ASN B 236 -12.80 -2.95 7.95
C ASN B 236 -13.64 -3.69 8.99
N ASP B 237 -12.99 -4.42 9.87
CA ASP B 237 -13.69 -5.28 10.81
C ASP B 237 -14.45 -4.48 11.86
N ARG B 238 -13.86 -3.40 12.38
CA ARG B 238 -14.55 -2.59 13.39
C ARG B 238 -15.76 -1.86 12.79
N VAL B 239 -15.61 -1.33 11.58
CA VAL B 239 -16.75 -0.66 10.95
C VAL B 239 -17.84 -1.68 10.68
N ASN B 240 -17.44 -2.84 10.17
CA ASN B 240 -18.37 -3.94 9.92
C ASN B 240 -19.16 -4.26 11.17
N ARG B 241 -18.46 -4.49 12.28
CA ARG B 241 -19.15 -4.88 13.50
C ARG B 241 -19.99 -3.75 14.05
N GLN B 242 -19.49 -2.51 14.00
CA GLN B 242 -20.24 -1.40 14.54
C GLN B 242 -21.50 -1.15 13.73
N LEU B 243 -21.40 -1.18 12.40
CA LEU B 243 -22.60 -0.88 11.62
C LEU B 243 -23.60 -2.02 11.67
N GLN B 244 -23.15 -3.22 12.01
CA GLN B 244 -24.11 -4.29 12.23
C GLN B 244 -24.88 -4.10 13.54
N SER B 245 -24.21 -3.67 14.60
CA SER B 245 -24.96 -3.47 15.82
C SER B 245 -25.91 -2.30 15.70
N LEU B 246 -25.69 -1.40 14.74
CA LEU B 246 -26.66 -0.34 14.50
C LEU B 246 -27.85 -0.84 13.70
N GLY B 247 -27.81 -2.06 13.18
CA GLY B 247 -28.95 -2.67 12.53
C GLY B 247 -28.73 -3.13 11.10
N PHE B 248 -27.62 -2.81 10.44
CA PHE B 248 -27.36 -3.35 9.11
C PHE B 248 -26.93 -4.81 9.19
N ARG B 249 -27.34 -5.60 8.20
CA ARG B 249 -26.89 -6.98 8.09
C ARG B 249 -25.58 -7.10 7.30
N TYR B 250 -25.42 -6.35 6.23
CA TYR B 250 -24.22 -6.35 5.41
C TYR B 250 -23.64 -4.95 5.40
N VAL B 251 -22.34 -4.84 5.63
CA VAL B 251 -21.63 -3.57 5.64
C VAL B 251 -20.63 -3.61 4.50
N THR B 252 -20.80 -2.70 3.53
CA THR B 252 -20.04 -2.77 2.28
C THR B 252 -19.42 -1.43 1.90
N LEU B 253 -18.47 -1.50 0.98
CA LEU B 253 -17.78 -0.32 0.46
C LEU B 253 -18.07 -0.19 -1.03
N ASP B 254 -18.60 0.96 -1.43
CA ASP B 254 -18.85 1.22 -2.85
C ASP B 254 -17.52 1.35 -3.57
N LEU B 255 -17.32 0.53 -4.62
CA LEU B 255 -16.08 0.56 -5.37
C LEU B 255 -15.90 1.87 -6.13
N GLY B 256 -16.99 2.59 -6.38
CA GLY B 256 -16.88 3.86 -7.08
C GLY B 256 -16.41 5.02 -6.24
N GLY B 257 -16.41 4.88 -4.92
CA GLY B 257 -15.99 5.95 -4.03
C GLY B 257 -17.07 7.02 -3.85
N PHE B 258 -16.67 8.13 -3.25
CA PHE B 258 -17.64 9.14 -2.87
C PHE B 258 -18.12 9.92 -4.09
N ARG B 259 -19.45 9.97 -4.26
CA ARG B 259 -20.11 10.61 -5.38
C ARG B 259 -19.66 10.03 -6.72
N ALA C 2 -19.20 38.53 30.80
CA ALA C 2 -18.73 39.77 30.21
C ALA C 2 -18.44 39.62 28.71
N THR C 3 -18.41 40.76 28.04
CA THR C 3 -18.15 40.82 26.61
C THR C 3 -16.67 40.54 26.34
N LEU C 4 -16.37 40.12 25.12
CA LEU C 4 -14.98 40.04 24.72
C LEU C 4 -14.33 41.40 24.91
N ALA C 5 -15.07 42.47 24.59
CA ALA C 5 -14.53 43.81 24.71
C ALA C 5 -14.16 44.14 26.15
N THR C 6 -14.97 43.73 27.14
CA THR C 6 -14.60 43.99 28.52
C THR C 6 -13.35 43.20 28.90
N LYS C 7 -13.24 41.96 28.44
CA LYS C 7 -12.05 41.17 28.73
C LYS C 7 -10.83 41.75 28.03
N LYS C 8 -10.99 42.23 26.80
CA LYS C 8 -9.87 42.85 26.11
C LYS C 8 -9.41 44.10 26.86
N ALA C 9 -10.37 44.91 27.34
CA ALA C 9 -10.04 46.12 28.08
C ALA C 9 -9.34 45.80 29.39
N THR C 10 -9.80 44.78 30.11
CA THR C 10 -9.08 44.34 31.31
C THR C 10 -7.64 43.99 30.99
N LEU C 11 -7.44 43.26 29.90
CA LEU C 11 -6.10 42.84 29.53
C LEU C 11 -5.24 44.06 29.17
N VAL C 12 -5.82 45.00 28.43
CA VAL C 12 -5.08 46.21 28.03
C VAL C 12 -4.63 47.00 29.26
N ALA C 13 -5.54 47.20 30.24
CA ALA C 13 -5.19 48.01 31.41
C ALA C 13 -4.06 47.37 32.21
N ALA C 14 -4.14 46.04 32.40
CA ALA C 14 -3.10 45.34 33.11
C ALA C 14 -1.76 45.49 32.43
N LEU C 15 -1.75 45.43 31.09
CA LEU C 15 -0.52 45.63 30.34
C LEU C 15 0.02 47.05 30.55
N LYS C 16 -0.87 48.06 30.42
CA LYS C 16 -0.43 49.44 30.61
C LYS C 16 0.23 49.64 31.97
N ASP C 17 -0.36 49.09 33.02
CA ASP C 17 0.21 49.25 34.35
C ASP C 17 1.62 48.66 34.46
N LEU C 18 1.90 47.61 33.69
CA LEU C 18 3.17 46.92 33.80
C LEU C 18 4.26 47.65 33.03
N GLN C 19 3.90 48.31 31.92
N GLN C 19 3.91 48.35 31.95
CA GLN C 19 4.76 49.14 31.09
CA GLN C 19 4.83 49.19 31.18
C GLN C 19 5.86 48.37 30.37
C GLN C 19 5.85 48.37 30.40
N ARG C 20 6.57 47.48 31.06
CA ARG C 20 7.61 46.68 30.45
C ARG C 20 7.41 45.23 30.87
N VAL C 21 7.40 44.33 29.90
CA VAL C 21 7.04 42.93 30.15
C VAL C 21 7.99 41.96 29.45
N THR C 22 8.06 40.76 30.01
CA THR C 22 8.74 39.62 29.40
C THR C 22 7.71 38.53 29.16
N VAL C 23 7.54 38.14 27.90
CA VAL C 23 6.50 37.19 27.53
C VAL C 23 7.16 35.82 27.28
N ALA C 24 6.74 34.81 28.04
CA ALA C 24 7.11 33.43 27.74
C ALA C 24 6.36 32.99 26.48
N PHE C 25 7.08 32.80 25.38
CA PHE C 25 6.46 32.57 24.07
C PHE C 25 6.75 31.15 23.60
N SER C 26 5.70 30.33 23.52
CA SER C 26 5.84 28.97 23.00
C SER C 26 5.56 28.90 21.50
N GLY C 27 4.93 29.93 20.94
CA GLY C 27 4.46 29.85 19.57
C GLY C 27 3.04 29.38 19.44
N GLY C 28 2.43 28.88 20.54
CA GLY C 28 1.03 28.51 20.52
C GLY C 28 0.12 29.74 20.52
N ILE C 29 -1.18 29.47 20.37
CA ILE C 29 -2.15 30.55 20.14
C ILE C 29 -2.27 31.47 21.36
N ASP C 30 -2.16 30.92 22.57
CA ASP C 30 -2.41 31.68 23.79
C ASP C 30 -1.28 32.69 24.04
N SER C 31 -0.03 32.22 24.08
CA SER C 31 1.07 33.16 24.23
C SER C 31 1.21 34.02 22.99
N THR C 32 0.74 33.55 21.84
CA THR C 32 0.70 34.42 20.67
C THR C 32 -0.21 35.61 20.92
N LEU C 33 -1.39 35.35 21.48
CA LEU C 33 -2.31 36.43 21.82
C LEU C 33 -1.71 37.36 22.86
N VAL C 34 -1.10 36.80 23.93
CA VAL C 34 -0.45 37.64 24.94
C VAL C 34 0.62 38.51 24.31
N LEU C 35 1.49 37.90 23.50
CA LEU C 35 2.57 38.63 22.85
C LEU C 35 2.05 39.72 21.92
N LYS C 36 1.06 39.42 21.07
CA LYS C 36 0.50 40.45 20.18
C LYS C 36 -0.12 41.59 20.97
N MET C 37 -0.85 41.27 22.04
CA MET C 37 -1.43 42.32 22.88
C MET C 37 -0.34 43.13 23.59
N ALA C 38 0.71 42.48 24.08
CA ALA C 38 1.78 43.26 24.73
C ALA C 38 2.37 44.23 23.73
N LEU C 39 2.61 43.77 22.50
CA LEU C 39 3.15 44.63 21.45
C LEU C 39 2.21 45.80 21.13
N ASP C 40 0.91 45.53 21.01
CA ASP C 40 -0.03 46.57 20.62
C ASP C 40 -0.16 47.65 21.69
N VAL C 41 -0.04 47.28 22.96
CA VAL C 41 -0.27 48.22 24.05
C VAL C 41 1.02 48.90 24.50
N LEU C 42 2.13 48.16 24.60
CA LEU C 42 3.37 48.66 25.18
C LEU C 42 4.43 49.05 24.15
N GLY C 43 4.31 48.57 22.94
CA GLY C 43 5.30 48.85 21.91
C GLY C 43 6.45 47.86 21.93
N ARG C 44 7.07 47.71 20.76
CA ARG C 44 8.09 46.69 20.55
C ARG C 44 9.29 46.90 21.45
N ASP C 45 9.57 48.15 21.82
CA ASP C 45 10.73 48.46 22.64
C ASP C 45 10.58 47.98 24.06
N ASN C 46 9.35 47.71 24.50
CA ASN C 46 9.03 47.42 25.89
C ASN C 46 8.65 45.98 26.15
N VAL C 47 8.85 45.13 25.16
CA VAL C 47 8.49 43.72 25.23
C VAL C 47 9.72 42.89 24.90
N THR C 48 9.98 41.88 25.72
CA THR C 48 10.98 40.88 25.38
C THR C 48 10.25 39.54 25.31
N ALA C 49 10.23 38.95 24.13
CA ALA C 49 9.70 37.60 23.93
C ALA C 49 10.84 36.62 24.17
N VAL C 50 10.58 35.58 24.96
CA VAL C 50 11.56 34.55 25.27
C VAL C 50 11.01 33.19 24.86
N VAL C 51 11.80 32.45 24.08
CA VAL C 51 11.51 31.06 23.73
C VAL C 51 12.54 30.17 24.42
N ALA C 52 12.07 29.23 25.23
CA ALA C 52 12.94 28.29 25.91
C ALA C 52 13.24 27.10 25.01
N ASN C 53 14.51 26.84 24.80
CA ASN C 53 14.98 25.61 24.16
C ASN C 53 15.44 24.65 25.25
N SER C 54 15.20 23.36 25.06
CA SER C 54 15.62 22.38 26.05
C SER C 54 15.77 21.01 25.40
N GLU C 55 16.29 20.06 26.18
CA GLU C 55 16.43 18.69 25.71
C GLU C 55 15.09 17.96 25.62
N LEU C 56 14.08 18.38 26.37
CA LEU C 56 12.83 17.62 26.35
C LEU C 56 11.88 18.01 25.22
N PHE C 57 12.27 18.96 24.36
CA PHE C 57 11.42 19.39 23.26
C PHE C 57 12.28 19.59 22.02
N THR C 58 11.63 19.59 20.85
CA THR C 58 12.37 19.54 19.60
C THR C 58 12.88 20.92 19.23
N ASP C 59 14.03 20.91 18.54
CA ASP C 59 14.57 22.14 17.96
C ASP C 59 13.60 22.74 16.94
N GLU C 60 12.81 21.91 16.24
CA GLU C 60 11.86 22.43 15.27
C GLU C 60 10.79 23.28 15.96
N GLU C 61 10.33 22.88 17.14
CA GLU C 61 9.35 23.69 17.85
C GLU C 61 9.97 25.01 18.31
N PHE C 62 11.24 24.95 18.71
CA PHE C 62 11.96 26.14 19.14
C PHE C 62 12.16 27.14 17.99
N ASP C 63 12.74 26.67 16.88
CA ASP C 63 12.99 27.59 15.78
C ASP C 63 11.70 28.17 15.24
N LYS C 64 10.64 27.37 15.23
CA LYS C 64 9.35 27.84 14.76
C LYS C 64 8.84 28.97 15.66
N ALA C 65 8.98 28.84 16.97
CA ALA C 65 8.50 29.91 17.85
C ALA C 65 9.34 31.17 17.67
N MET C 66 10.66 31.02 17.59
CA MET C 66 11.56 32.15 17.34
C MET C 66 11.16 32.91 16.07
N SER C 67 10.88 32.20 14.98
CA SER C 67 10.45 32.88 13.76
C SER C 67 9.09 33.53 13.94
N LEU C 68 8.16 32.84 14.60
CA LEU C 68 6.81 33.38 14.77
C LEU C 68 6.83 34.68 15.57
N ALA C 69 7.60 34.72 16.66
CA ALA C 69 7.71 35.94 17.48
C ALA C 69 8.28 37.08 16.66
N GLU C 70 9.32 36.81 15.88
CA GLU C 70 9.87 37.82 14.98
C GLU C 70 8.79 38.30 14.02
N GLU C 71 8.05 37.36 13.44
CA GLU C 71 6.99 37.72 12.51
C GLU C 71 5.93 38.60 13.17
N LEU C 72 5.68 38.44 14.47
CA LEU C 72 4.73 39.37 15.06
C LEU C 72 5.32 40.75 15.28
N GLY C 73 6.62 40.93 15.07
CA GLY C 73 7.26 42.20 15.30
C GLY C 73 7.83 42.38 16.69
N ALA C 74 8.14 41.29 17.37
CA ALA C 74 8.72 41.34 18.70
C ALA C 74 10.21 41.08 18.65
N ASN C 75 10.93 41.74 19.52
CA ASN C 75 12.30 41.33 19.86
C ASN C 75 12.20 40.03 20.63
N VAL C 76 12.86 38.99 20.15
CA VAL C 76 12.80 37.67 20.76
C VAL C 76 14.21 37.21 21.12
N GLN C 77 14.35 36.55 22.27
CA GLN C 77 15.63 35.98 22.64
C GLN C 77 15.40 34.53 23.05
N GLY C 78 16.26 33.65 22.56
CA GLY C 78 16.25 32.26 22.99
C GLY C 78 17.09 32.05 24.24
N THR C 79 16.61 31.14 25.08
CA THR C 79 17.31 30.72 26.28
C THR C 79 17.25 29.19 26.35
N THR C 80 18.30 28.60 26.91
CA THR C 80 18.43 27.15 27.05
C THR C 80 18.25 26.71 28.48
N LEU C 81 17.35 25.76 28.69
CA LEU C 81 17.18 25.10 29.97
C LEU C 81 17.86 23.74 29.96
N ASP C 82 18.48 23.39 31.09
CA ASP C 82 19.14 22.11 31.32
C ASP C 82 18.27 21.34 32.31
N TYR C 83 17.18 20.80 31.80
CA TYR C 83 16.24 20.10 32.66
C TYR C 83 16.87 18.88 33.33
N LEU C 84 17.82 18.20 32.66
CA LEU C 84 18.36 16.95 33.20
C LEU C 84 19.31 17.15 34.37
N SER C 85 19.73 18.38 34.66
CA SER C 85 20.53 18.63 35.85
C SER C 85 19.70 18.53 37.14
N ASP C 86 18.39 18.63 37.04
CA ASP C 86 17.50 18.38 38.17
C ASP C 86 17.20 16.89 38.22
N ASP C 87 17.54 16.25 39.33
CA ASP C 87 17.37 14.81 39.41
C ASP C 87 15.90 14.43 39.43
N HIS C 88 15.01 15.30 39.94
CA HIS C 88 13.59 15.00 39.90
C HIS C 88 13.10 14.88 38.47
N ILE C 89 13.63 15.70 37.56
CA ILE C 89 13.27 15.57 36.15
C ILE C 89 13.95 14.33 35.58
N LYS C 90 15.24 14.19 35.88
CA LYS C 90 16.06 13.11 35.36
C LYS C 90 15.51 11.74 35.75
N ASN C 91 14.89 11.62 36.92
CA ASN C 91 14.38 10.34 37.38
C ASN C 91 12.94 10.08 36.96
N ASN C 92 12.36 10.99 36.17
CA ASN C 92 11.09 10.78 35.47
C ASN C 92 10.02 10.18 36.38
N THR C 93 9.66 10.94 37.39
CA THR C 93 8.55 10.66 38.29
C THR C 93 7.34 11.48 37.88
N PRO C 94 6.18 11.24 38.48
CA PRO C 94 5.02 12.06 38.12
C PRO C 94 5.19 13.54 38.42
N ASP C 95 6.08 13.92 39.33
CA ASP C 95 6.25 15.33 39.67
C ASP C 95 7.43 15.97 38.97
N SER C 96 8.09 15.26 38.05
CA SER C 96 9.16 15.88 37.28
C SER C 96 8.72 17.17 36.61
N TRP C 97 7.45 17.26 36.21
CA TRP C 97 7.01 18.40 35.43
C TRP C 97 6.93 19.66 36.28
N TYR C 98 6.64 19.53 37.57
CA TYR C 98 6.73 20.69 38.45
C TYR C 98 8.16 21.22 38.54
N TYR C 99 9.15 20.32 38.67
CA TYR C 99 10.52 20.83 38.74
C TYR C 99 10.96 21.42 37.41
N ALA C 100 10.45 20.89 36.30
CA ALA C 100 10.72 21.53 35.02
C ALA C 100 10.14 22.94 34.96
N LYS C 101 8.88 23.10 35.38
CA LYS C 101 8.28 24.43 35.34
C LYS C 101 8.95 25.37 36.34
N LYS C 102 9.37 24.84 37.48
CA LYS C 102 10.09 25.67 38.44
C LYS C 102 11.39 26.20 37.83
N MET C 103 12.15 25.33 37.15
CA MET C 103 13.37 25.79 36.52
C MET C 103 13.09 26.80 35.42
N PHE C 104 12.02 26.56 34.67
CA PHE C 104 11.59 27.43 33.60
C PHE C 104 11.27 28.83 34.14
N TYR C 105 10.40 28.89 35.14
CA TYR C 105 10.01 30.20 35.61
C TYR C 105 11.16 30.88 36.33
N SER C 106 12.06 30.11 36.93
CA SER C 106 13.24 30.72 37.52
C SER C 106 14.07 31.41 36.45
N ARG C 107 14.25 30.76 35.29
CA ARG C 107 15.04 31.43 34.25
C ARG C 107 14.33 32.68 33.74
N LEU C 108 12.99 32.65 33.59
CA LEU C 108 12.32 33.83 33.07
C LEU C 108 12.36 34.99 34.06
N ASN C 109 12.33 34.71 35.36
CA ASN C 109 12.49 35.78 36.34
C ASN C 109 13.87 36.40 36.25
N ASP C 110 14.91 35.58 36.06
CA ASP C 110 16.25 36.14 35.87
C ASP C 110 16.29 37.03 34.62
N ILE C 111 15.68 36.58 33.52
CA ILE C 111 15.68 37.39 32.31
C ILE C 111 14.90 38.68 32.54
N ALA C 112 13.73 38.58 33.18
CA ALA C 112 12.93 39.78 33.43
C ALA C 112 13.65 40.74 34.39
N ALA C 113 14.29 40.20 35.42
CA ALA C 113 15.04 41.06 36.33
C ALA C 113 16.17 41.78 35.61
N ASN C 114 16.75 41.15 34.61
CA ASN C 114 17.93 41.72 34.01
C ASN C 114 17.60 42.72 32.90
N ASN C 115 16.39 42.68 32.33
CA ASN C 115 16.00 43.69 31.36
C ASN C 115 14.99 44.69 31.94
N GLY C 116 14.71 44.62 33.24
CA GLY C 116 13.86 45.60 33.86
C GLY C 116 12.38 45.46 33.60
N SER C 117 11.88 44.25 33.33
CA SER C 117 10.45 44.05 33.15
C SER C 117 9.78 44.04 34.50
N ALA C 118 8.51 44.42 34.53
CA ALA C 118 7.76 44.39 35.77
C ALA C 118 7.14 43.04 36.05
N ALA C 119 7.08 42.15 35.06
CA ALA C 119 6.49 40.83 35.20
C ALA C 119 6.97 39.91 34.08
N VAL C 120 6.86 38.62 34.33
CA VAL C 120 6.92 37.59 33.31
C VAL C 120 5.49 37.27 32.92
N LEU C 121 5.20 37.21 31.63
CA LEU C 121 3.87 36.84 31.18
C LEU C 121 3.90 35.47 30.49
N ASP C 122 2.93 34.64 30.82
CA ASP C 122 2.71 33.42 30.05
C ASP C 122 1.30 33.47 29.48
N GLY C 123 0.94 32.40 28.76
CA GLY C 123 -0.35 32.35 28.11
C GLY C 123 -1.35 31.40 28.77
N MET C 124 -1.25 31.20 30.09
CA MET C 124 -2.23 30.36 30.77
C MET C 124 -3.62 30.97 30.61
N ILE C 125 -4.58 30.12 30.30
CA ILE C 125 -5.97 30.54 30.18
C ILE C 125 -6.81 29.90 31.28
N LYS C 126 -8.04 30.39 31.38
CA LYS C 126 -9.00 29.98 32.40
C LYS C 126 -9.54 28.57 32.11
N ASN C 127 -10.21 28.00 33.11
CA ASN C 127 -11.02 26.78 32.95
C ASN C 127 -12.11 26.70 34.02
N LEU C 136 0.72 24.48 37.83
CA LEU C 136 0.36 25.89 38.00
C LEU C 136 0.88 26.46 39.34
N LYS C 137 1.20 25.56 40.27
CA LYS C 137 1.87 25.98 41.51
C LYS C 137 3.17 26.70 41.22
N ALA C 138 4.03 26.11 40.36
CA ALA C 138 5.33 26.69 40.05
C ALA C 138 5.23 28.10 39.46
N ARG C 139 4.17 28.37 38.68
CA ARG C 139 4.00 29.69 38.10
C ARG C 139 3.76 30.75 39.18
N SER C 140 2.85 30.48 40.11
CA SER C 140 2.53 31.45 41.15
C SER C 140 3.65 31.59 42.15
N GLU C 141 4.39 30.52 42.42
CA GLU C 141 5.49 30.64 43.36
C GLU C 141 6.63 31.46 42.77
N ALA C 142 6.78 31.47 41.45
CA ALA C 142 7.74 32.36 40.80
C ALA C 142 7.15 33.75 40.52
N GLY C 143 5.87 33.94 40.76
CA GLY C 143 5.25 35.23 40.57
C GLY C 143 4.99 35.63 39.14
N ALA C 144 4.84 34.67 38.24
CA ALA C 144 4.45 35.01 36.87
C ALA C 144 2.96 35.27 36.80
N ARG C 145 2.57 36.12 35.85
CA ARG C 145 1.19 36.55 35.66
C ARG C 145 0.60 35.89 34.42
N SER C 146 -0.61 35.35 34.54
CA SER C 146 -1.36 34.81 33.40
C SER C 146 -2.53 35.76 33.13
N LEU C 147 -2.26 36.82 32.37
CA LEU C 147 -3.24 37.89 32.22
C LEU C 147 -4.48 37.44 31.46
N LEU C 148 -4.35 36.49 30.51
CA LEU C 148 -5.54 35.96 29.86
C LEU C 148 -6.42 35.23 30.87
N GLN C 149 -5.79 34.53 31.81
CA GLN C 149 -6.55 33.82 32.83
C GLN C 149 -7.15 34.79 33.83
N GLU C 150 -6.44 35.86 34.17
CA GLU C 150 -7.00 36.86 35.08
C GLU C 150 -8.17 37.60 34.44
N ALA C 151 -8.17 37.77 33.13
CA ALA C 151 -9.26 38.47 32.45
C ALA C 151 -10.41 37.57 32.06
N ASP C 152 -10.44 36.35 32.59
CA ASP C 152 -11.52 35.37 32.36
C ASP C 152 -11.63 34.98 30.89
N PHE C 153 -10.49 34.89 30.23
CA PHE C 153 -10.45 34.36 28.87
C PHE C 153 -10.55 32.84 28.93
N PHE C 154 -11.55 32.29 28.25
CA PHE C 154 -11.58 30.87 27.92
C PHE C 154 -11.08 30.69 26.50
N LYS C 155 -10.97 29.43 26.07
CA LYS C 155 -10.40 29.11 24.76
C LYS C 155 -11.14 29.83 23.63
N THR C 156 -12.46 29.92 23.68
CA THR C 156 -13.19 30.61 22.61
C THR C 156 -12.94 32.13 22.64
N ASP C 157 -12.74 32.69 23.83
CA ASP C 157 -12.32 34.09 23.92
C ASP C 157 -10.97 34.30 23.26
N VAL C 158 -10.05 33.36 23.47
CA VAL C 158 -8.75 33.44 22.81
C VAL C 158 -8.91 33.46 21.29
N ARG C 159 -9.76 32.57 20.78
CA ARG C 159 -9.94 32.50 19.33
C ARG C 159 -10.61 33.76 18.81
N ALA C 160 -11.58 34.28 19.56
CA ALA C 160 -12.30 35.47 19.15
C ALA C 160 -11.37 36.69 19.08
N LEU C 161 -10.55 36.90 20.12
CA LEU C 161 -9.68 38.07 20.09
C LEU C 161 -8.58 37.90 19.05
N ALA C 162 -8.08 36.68 18.87
CA ALA C 162 -7.07 36.45 17.84
C ALA C 162 -7.62 36.75 16.47
N GLN C 163 -8.87 36.36 16.22
CA GLN C 163 -9.50 36.71 14.96
C GLN C 163 -9.60 38.22 14.80
N GLU C 164 -10.09 38.90 15.85
CA GLU C 164 -10.21 40.35 15.80
C GLU C 164 -8.87 41.03 15.55
N LEU C 165 -7.79 40.50 16.14
CA LEU C 165 -6.47 41.07 15.93
C LEU C 165 -5.86 40.70 14.58
N GLY C 166 -6.51 39.85 13.81
CA GLY C 166 -5.90 39.44 12.56
C GLY C 166 -4.81 38.42 12.69
N LEU C 167 -4.70 37.76 13.84
CA LEU C 167 -3.74 36.69 14.00
C LEU C 167 -4.29 35.45 13.32
N THR C 168 -3.52 34.87 12.41
CA THR C 168 -3.93 33.62 11.77
C THR C 168 -2.86 32.55 11.82
N ASN C 169 -1.63 32.91 12.12
CA ASN C 169 -0.49 31.99 12.11
C ASN C 169 -0.02 31.80 13.54
N TRP C 170 -0.01 30.55 13.98
CA TRP C 170 0.51 30.18 15.29
C TRP C 170 0.78 28.68 15.22
N ASN C 171 1.54 28.18 16.18
CA ASN C 171 1.88 26.77 16.15
C ASN C 171 0.69 25.95 16.62
N LYS C 172 0.15 25.13 15.71
CA LYS C 172 -1.00 24.27 15.96
C LYS C 172 -0.61 22.89 16.46
N VAL C 173 0.68 22.58 16.50
CA VAL C 173 1.16 21.27 16.95
C VAL C 173 1.38 21.32 18.46
N ALA C 174 0.59 20.52 19.18
CA ALA C 174 0.72 20.45 20.64
C ALA C 174 2.03 19.78 21.00
N SER C 175 2.86 20.46 21.78
CA SER C 175 4.13 19.87 22.16
C SER C 175 3.94 19.02 23.39
N CYS C 176 4.79 18.02 23.53
CA CYS C 176 4.75 17.12 24.66
C CYS C 176 6.20 16.81 25.02
N SER C 177 6.51 16.88 26.31
CA SER C 177 7.86 16.55 26.73
C SER C 177 8.19 15.14 26.30
N VAL C 178 9.42 14.93 25.81
CA VAL C 178 9.88 13.64 25.35
C VAL C 178 9.87 12.59 26.44
N SER C 179 9.74 13.01 27.71
CA SER C 179 9.67 12.07 28.83
C SER C 179 8.49 11.12 28.74
N SER C 180 7.43 11.47 27.98
CA SER C 180 6.32 10.55 27.78
C SER C 180 6.71 9.33 26.94
N ARG C 181 7.86 9.34 26.29
CA ARG C 181 8.38 8.18 25.59
C ARG C 181 9.06 7.20 26.53
N PHE C 182 9.22 7.56 27.80
CA PHE C 182 9.90 6.64 28.69
C PHE C 182 8.96 6.25 29.83
N PRO C 183 8.92 4.97 30.22
CA PRO C 183 8.04 4.57 31.32
C PRO C 183 8.44 5.27 32.61
N TYR C 184 7.46 5.51 33.48
CA TYR C 184 7.79 6.05 34.79
C TYR C 184 8.77 5.16 35.52
N GLY C 185 9.77 5.80 36.15
CA GLY C 185 10.85 5.13 36.82
C GLY C 185 12.07 4.89 35.96
N THR C 186 11.93 5.00 34.64
CA THR C 186 13.07 4.87 33.75
C THR C 186 13.89 6.14 33.79
N THR C 187 15.19 6.00 33.96
CA THR C 187 16.09 7.14 34.07
C THR C 187 16.31 7.78 32.71
N LEU C 188 16.11 9.09 32.63
CA LEU C 188 16.44 9.83 31.42
C LEU C 188 17.94 10.08 31.36
N THR C 189 18.54 9.81 30.20
CA THR C 189 19.92 10.15 29.90
C THR C 189 19.96 10.97 28.63
N HIS C 190 21.08 11.65 28.42
CA HIS C 190 21.31 12.38 27.18
C HIS C 190 21.25 11.46 25.97
N ASP C 191 21.80 10.25 26.11
CA ASP C 191 21.84 9.36 24.96
C ASP C 191 20.46 8.80 24.63
N ASN C 192 19.71 8.33 25.63
CA ASN C 192 18.42 7.76 25.28
C ASN C 192 17.42 8.83 24.84
N ILE C 193 17.54 10.05 25.38
CA ILE C 193 16.70 11.14 24.89
C ILE C 193 17.02 11.42 23.42
N ALA C 194 18.30 11.56 23.11
CA ALA C 194 18.70 11.85 21.73
C ALA C 194 18.24 10.75 20.79
N GLN C 195 18.32 9.51 21.26
CA GLN C 195 17.96 8.38 20.43
C GLN C 195 16.50 8.46 20.03
N VAL C 196 15.62 8.75 21.00
CA VAL C 196 14.20 8.89 20.71
C VAL C 196 13.93 10.12 19.84
N MET C 197 14.62 11.25 20.13
CA MET C 197 14.38 12.47 19.36
C MET C 197 14.81 12.31 17.91
N ALA C 198 15.98 11.71 17.69
CA ALA C 198 16.44 11.51 16.32
C ALA C 198 15.48 10.58 15.58
N ALA C 199 14.98 9.56 16.28
CA ALA C 199 14.04 8.63 15.67
C ALA C 199 12.73 9.33 15.29
N GLU C 200 12.14 10.08 16.22
CA GLU C 200 10.89 10.76 15.90
C GLU C 200 11.10 11.82 14.84
N LYS C 201 12.23 12.52 14.89
CA LYS C 201 12.52 13.52 13.87
C LYS C 201 12.63 12.88 12.49
N TYR C 202 13.27 11.72 12.40
CA TYR C 202 13.32 11.03 11.11
C TYR C 202 11.93 10.59 10.63
N LEU C 203 11.10 10.05 11.52
CA LEU C 203 9.77 9.60 11.10
C LEU C 203 8.89 10.76 10.67
N ARG C 204 8.94 11.88 11.38
CA ARG C 204 8.18 13.05 10.93
C ARG C 204 8.63 13.46 9.54
N SER C 205 9.93 13.36 9.28
CA SER C 205 10.46 13.79 7.99
C SER C 205 9.94 12.94 6.84
N LEU C 206 9.36 11.77 7.13
CA LEU C 206 8.80 10.94 6.09
C LEU C 206 7.35 11.30 5.76
N GLY C 207 6.76 12.25 6.45
CA GLY C 207 5.38 12.59 6.27
C GLY C 207 4.45 12.14 7.39
N PHE C 208 4.98 11.91 8.59
CA PHE C 208 4.17 11.51 9.73
C PHE C 208 4.40 12.51 10.86
N PRO C 209 3.71 13.65 10.84
CA PRO C 209 3.95 14.68 11.86
C PRO C 209 3.49 14.29 13.24
N THR C 210 2.56 13.34 13.35
CA THR C 210 2.08 12.85 14.63
C THR C 210 2.63 11.45 14.80
N VAL C 211 3.58 11.27 15.72
CA VAL C 211 4.27 10.00 15.86
C VAL C 211 4.85 9.94 17.27
N ARG C 212 4.99 8.71 17.78
CA ARG C 212 5.69 8.42 19.02
C ARG C 212 6.62 7.22 18.83
N VAL C 213 7.84 7.35 19.33
CA VAL C 213 8.77 6.23 19.46
C VAL C 213 8.89 5.91 20.94
N ARG C 214 8.11 4.94 21.42
CA ARG C 214 8.20 4.59 22.84
C ARG C 214 9.45 3.75 23.10
N PHE C 215 10.19 4.12 24.14
CA PHE C 215 11.48 3.52 24.45
C PHE C 215 11.27 2.35 25.39
N HIS C 216 11.73 1.17 24.98
CA HIS C 216 11.70 -0.03 25.81
C HIS C 216 13.08 -0.69 25.72
N ASN C 217 14.09 0.09 26.08
CA ASN C 217 15.50 -0.29 26.03
C ASN C 217 15.94 -0.61 24.60
N ASP C 218 16.03 -1.90 24.27
CA ASP C 218 16.50 -2.30 22.96
C ASP C 218 15.37 -2.41 21.94
N ILE C 219 14.12 -2.15 22.34
CA ILE C 219 12.97 -2.17 21.44
C ILE C 219 12.47 -0.75 21.27
N ALA C 220 12.34 -0.31 20.03
CA ALA C 220 11.56 0.86 19.71
C ALA C 220 10.16 0.41 19.32
N ARG C 221 9.15 0.96 19.98
CA ARG C 221 7.75 0.65 19.70
C ARG C 221 7.12 1.92 19.16
N ILE C 222 6.92 1.96 17.83
CA ILE C 222 6.44 3.14 17.12
C ILE C 222 4.93 3.19 17.15
N GLU C 223 4.39 4.33 17.56
CA GLU C 223 2.96 4.58 17.54
C GLU C 223 2.63 5.50 16.37
N LEU C 224 1.71 5.05 15.53
CA LEU C 224 1.23 5.87 14.43
C LEU C 224 -0.29 5.96 14.53
N PRO C 225 -0.88 7.06 14.09
CA PRO C 225 -2.33 7.06 13.87
C PRO C 225 -2.67 5.89 12.98
N GLU C 226 -3.67 5.12 13.37
CA GLU C 226 -3.96 3.90 12.61
C GLU C 226 -4.27 4.20 11.14
N ALA C 227 -4.87 5.35 10.86
CA ALA C 227 -5.22 5.68 9.47
C ALA C 227 -3.98 5.92 8.60
N ARG C 228 -2.80 6.12 9.21
CA ARG C 228 -1.56 6.35 8.48
C ARG C 228 -0.71 5.10 8.31
N ILE C 229 -1.06 3.99 8.95
CA ILE C 229 -0.15 2.85 8.91
C ILE C 229 -0.07 2.28 7.50
N GLY C 230 -1.17 2.35 6.73
CA GLY C 230 -1.13 1.88 5.35
C GLY C 230 -0.12 2.61 4.50
N ASP C 231 0.05 3.90 4.72
CA ASP C 231 1.04 4.65 3.97
C ASP C 231 2.45 4.30 4.41
N PHE C 232 2.62 3.84 5.64
CA PHE C 232 3.95 3.68 6.20
C PHE C 232 4.74 2.55 5.57
N LEU C 233 4.07 1.60 4.90
CA LEU C 233 4.71 0.36 4.50
C LEU C 233 5.90 0.56 3.57
N VAL C 234 5.84 1.57 2.69
CA VAL C 234 6.94 1.88 1.79
C VAL C 234 8.21 2.29 2.54
N PHE C 235 8.10 2.60 3.84
CA PHE C 235 9.23 3.06 4.62
C PHE C 235 9.78 2.01 5.59
N ASN C 236 9.12 0.85 5.75
CA ASN C 236 9.51 -0.16 6.73
C ASN C 236 11.02 -0.38 6.81
N ASP C 237 11.66 -0.70 5.68
CA ASP C 237 13.06 -1.08 5.74
C ASP C 237 13.95 0.10 6.14
N ARG C 238 13.68 1.31 5.61
CA ARG C 238 14.52 2.45 5.98
C ARG C 238 14.36 2.81 7.46
N VAL C 239 13.14 2.78 7.98
CA VAL C 239 12.93 3.10 9.39
C VAL C 239 13.62 2.07 10.27
N ASN C 240 13.46 0.80 9.93
CA ASN C 240 14.10 -0.30 10.65
C ASN C 240 15.61 -0.10 10.76
N ARG C 241 16.28 0.07 9.61
CA ARG C 241 17.72 0.24 9.62
C ARG C 241 18.12 1.60 10.24
N GLN C 242 17.39 2.67 9.92
CA GLN C 242 17.70 3.98 10.52
C GLN C 242 17.64 3.94 12.03
N LEU C 243 16.62 3.33 12.61
CA LEU C 243 16.51 3.32 14.07
C LEU C 243 17.45 2.31 14.72
N GLN C 244 17.86 1.27 14.01
CA GLN C 244 18.91 0.42 14.55
C GLN C 244 20.23 1.17 14.57
N SER C 245 20.50 1.93 13.52
CA SER C 245 21.71 2.73 13.53
C SER C 245 21.66 3.80 14.61
N LEU C 246 20.48 4.12 15.13
CA LEU C 246 20.40 4.99 16.30
C LEU C 246 20.61 4.22 17.60
N GLY C 247 20.68 2.90 17.54
CA GLY C 247 21.03 2.10 18.71
C GLY C 247 20.01 1.08 19.15
N PHE C 248 18.80 1.07 18.59
CA PHE C 248 17.84 0.05 18.96
C PHE C 248 18.21 -1.29 18.33
N ARG C 249 17.91 -2.37 19.06
CA ARG C 249 18.11 -3.70 18.46
C ARG C 249 16.92 -4.10 17.58
N TYR C 250 15.72 -3.82 18.03
CA TYR C 250 14.49 -4.14 17.30
C TYR C 250 13.68 -2.88 17.07
N VAL C 251 13.16 -2.73 15.85
CA VAL C 251 12.32 -1.61 15.49
C VAL C 251 10.94 -2.17 15.17
N THR C 252 9.94 -1.76 15.95
CA THR C 252 8.62 -2.35 15.86
C THR C 252 7.58 -1.26 15.71
N LEU C 253 6.42 -1.67 15.21
CA LEU C 253 5.28 -0.79 15.01
C LEU C 253 4.17 -1.32 15.90
N ASP C 254 3.64 -0.47 16.77
CA ASP C 254 2.57 -0.89 17.66
C ASP C 254 1.30 -1.17 16.86
N LEU C 255 0.78 -2.39 16.92
CA LEU C 255 -0.42 -2.72 16.18
C LEU C 255 -1.62 -1.92 16.66
N GLY C 256 -1.56 -1.40 17.89
CA GLY C 256 -2.62 -0.59 18.46
C GLY C 256 -2.67 0.85 17.98
N GLY C 257 -1.64 1.33 17.32
CA GLY C 257 -1.69 2.69 16.84
C GLY C 257 -1.36 3.72 17.91
N PHE C 258 -1.75 4.95 17.61
CA PHE C 258 -1.32 6.10 18.40
C PHE C 258 -2.00 6.12 19.75
N ARG C 259 -1.19 6.17 20.82
CA ARG C 259 -1.69 6.18 22.19
C ARG C 259 -2.58 4.95 22.40
N THR D 3 -1.12 -47.82 6.08
CA THR D 3 -0.22 -47.38 5.01
C THR D 3 -1.01 -47.05 3.74
N LEU D 4 -0.41 -46.23 2.87
CA LEU D 4 -1.02 -45.95 1.57
C LEU D 4 -1.19 -47.24 0.76
N ALA D 5 -0.18 -48.11 0.78
CA ALA D 5 -0.23 -49.37 0.02
C ALA D 5 -1.40 -50.24 0.47
N THR D 6 -1.68 -50.28 1.78
CA THR D 6 -2.84 -51.00 2.30
C THR D 6 -4.15 -50.38 1.83
N LYS D 7 -4.23 -49.05 1.78
CA LYS D 7 -5.45 -48.37 1.33
C LYS D 7 -5.70 -48.56 -0.17
N LYS D 8 -4.65 -48.54 -0.99
CA LYS D 8 -4.80 -48.78 -2.42
C LYS D 8 -5.35 -50.18 -2.70
N ALA D 9 -4.90 -51.18 -1.94
CA ALA D 9 -5.41 -52.53 -2.13
C ALA D 9 -6.91 -52.61 -1.82
N THR D 10 -7.35 -51.97 -0.74
CA THR D 10 -8.77 -51.87 -0.45
C THR D 10 -9.53 -51.27 -1.63
N LEU D 11 -8.98 -50.19 -2.20
CA LEU D 11 -9.57 -49.58 -3.38
C LEU D 11 -9.50 -50.51 -4.59
N VAL D 12 -8.34 -51.16 -4.79
CA VAL D 12 -8.17 -52.10 -5.90
C VAL D 12 -9.15 -53.26 -5.76
N ALA D 13 -9.28 -53.82 -4.56
CA ALA D 13 -10.17 -54.96 -4.34
C ALA D 13 -11.63 -54.59 -4.56
N ALA D 14 -12.05 -53.43 -4.04
CA ALA D 14 -13.44 -53.00 -4.16
C ALA D 14 -13.86 -52.85 -5.63
N LEU D 15 -12.97 -52.29 -6.46
CA LEU D 15 -13.27 -52.15 -7.88
C LEU D 15 -13.38 -53.51 -8.57
N LYS D 16 -12.45 -54.43 -8.27
CA LYS D 16 -12.46 -55.76 -8.87
C LYS D 16 -13.79 -56.47 -8.63
N ASP D 17 -14.33 -56.36 -7.41
CA ASP D 17 -15.62 -56.97 -7.11
C ASP D 17 -16.76 -56.38 -7.94
N LEU D 18 -16.67 -55.10 -8.32
CA LEU D 18 -17.78 -54.40 -8.96
C LEU D 18 -17.84 -54.53 -10.49
N GLN D 19 -16.76 -54.91 -11.18
CA GLN D 19 -16.78 -55.10 -12.63
C GLN D 19 -17.04 -53.81 -13.43
N ARG D 20 -18.23 -53.65 -13.99
CA ARG D 20 -18.55 -52.49 -14.81
C ARG D 20 -19.05 -51.34 -13.92
N VAL D 21 -18.42 -50.16 -14.06
CA VAL D 21 -18.72 -49.04 -13.18
C VAL D 21 -18.98 -47.80 -14.03
N THR D 22 -19.75 -46.88 -13.46
CA THR D 22 -19.97 -45.56 -14.02
C THR D 22 -19.48 -44.54 -12.99
N VAL D 23 -18.49 -43.72 -13.37
CA VAL D 23 -17.80 -42.82 -12.45
C VAL D 23 -18.33 -41.41 -12.63
N ALA D 24 -18.88 -40.83 -11.56
CA ALA D 24 -19.25 -39.41 -11.57
C ALA D 24 -17.98 -38.57 -11.50
N PHE D 25 -17.65 -37.89 -12.58
CA PHE D 25 -16.34 -37.26 -12.72
C PHE D 25 -16.43 -35.75 -12.72
N SER D 26 -15.86 -35.12 -11.69
CA SER D 26 -15.90 -33.66 -11.54
C SER D 26 -14.68 -32.95 -12.14
N GLY D 27 -13.59 -33.67 -12.41
CA GLY D 27 -12.37 -33.03 -12.84
C GLY D 27 -11.46 -32.63 -11.71
N GLY D 28 -11.94 -32.68 -10.47
CA GLY D 28 -11.11 -32.42 -9.32
C GLY D 28 -10.23 -33.61 -8.99
N ILE D 29 -9.33 -33.38 -8.02
CA ILE D 29 -8.32 -34.39 -7.71
C ILE D 29 -8.97 -35.68 -7.24
N ASP D 30 -10.09 -35.60 -6.51
CA ASP D 30 -10.66 -36.81 -5.93
C ASP D 30 -11.33 -37.69 -6.98
N SER D 31 -12.25 -37.14 -7.77
CA SER D 31 -12.85 -37.99 -8.80
C SER D 31 -11.83 -38.35 -9.87
N THR D 32 -10.77 -37.54 -10.02
CA THR D 32 -9.68 -37.92 -10.93
C THR D 32 -8.99 -39.19 -10.47
N LEU D 33 -8.69 -39.29 -9.17
CA LEU D 33 -8.07 -40.51 -8.66
C LEU D 33 -8.98 -41.72 -8.86
N VAL D 34 -10.27 -41.58 -8.55
CA VAL D 34 -11.18 -42.70 -8.71
C VAL D 34 -11.22 -43.16 -10.16
N LEU D 35 -11.39 -42.22 -11.10
CA LEU D 35 -11.49 -42.60 -12.50
C LEU D 35 -10.24 -43.32 -12.98
N LYS D 36 -9.06 -42.78 -12.66
CA LYS D 36 -7.81 -43.40 -13.09
C LYS D 36 -7.63 -44.78 -12.48
N MET D 37 -7.96 -44.93 -11.20
CA MET D 37 -7.87 -46.26 -10.58
C MET D 37 -8.88 -47.21 -11.20
N ALA D 38 -10.06 -46.73 -11.54
CA ALA D 38 -11.03 -47.59 -12.21
C ALA D 38 -10.50 -48.04 -13.57
N LEU D 39 -9.94 -47.10 -14.33
CA LEU D 39 -9.36 -47.45 -15.63
C LEU D 39 -8.24 -48.47 -15.48
N ASP D 40 -7.39 -48.29 -14.47
CA ASP D 40 -6.21 -49.13 -14.33
C ASP D 40 -6.60 -50.58 -14.03
N VAL D 41 -7.65 -50.79 -13.25
CA VAL D 41 -7.99 -52.12 -12.77
C VAL D 41 -9.04 -52.79 -13.65
N LEU D 42 -9.97 -52.02 -14.20
CA LEU D 42 -11.07 -52.58 -14.98
C LEU D 42 -10.92 -52.40 -16.48
N GLY D 43 -10.09 -51.47 -16.94
CA GLY D 43 -9.92 -51.26 -18.36
C GLY D 43 -10.98 -50.34 -18.94
N ARG D 44 -10.60 -49.73 -20.08
CA ARG D 44 -11.41 -48.66 -20.68
C ARG D 44 -12.78 -49.15 -21.12
N ASP D 45 -12.91 -50.43 -21.49
CA ASP D 45 -14.21 -50.92 -21.91
C ASP D 45 -15.18 -51.06 -20.75
N ASN D 46 -14.70 -51.08 -19.51
CA ASN D 46 -15.58 -51.26 -18.36
C ASN D 46 -15.79 -50.01 -17.52
N VAL D 47 -15.36 -48.84 -18.00
CA VAL D 47 -15.52 -47.59 -17.27
C VAL D 47 -16.22 -46.58 -18.16
N THR D 48 -17.21 -45.89 -17.59
CA THR D 48 -17.89 -44.76 -18.22
C THR D 48 -17.69 -43.51 -17.37
N ALA D 49 -17.06 -42.50 -17.95
CA ALA D 49 -16.94 -41.20 -17.30
C ALA D 49 -18.15 -40.36 -17.64
N VAL D 50 -18.77 -39.77 -16.61
CA VAL D 50 -19.91 -38.89 -16.78
C VAL D 50 -19.56 -37.52 -16.20
N VAL D 51 -19.68 -36.49 -17.02
CA VAL D 51 -19.51 -35.11 -16.57
C VAL D 51 -20.85 -34.42 -16.69
N ALA D 52 -21.38 -33.97 -15.56
CA ALA D 52 -22.66 -33.27 -15.55
C ALA D 52 -22.47 -31.80 -15.91
N ASN D 53 -23.22 -31.34 -16.92
CA ASN D 53 -23.34 -29.94 -17.28
C ASN D 53 -24.66 -29.39 -16.76
N SER D 54 -24.62 -28.18 -16.21
CA SER D 54 -25.81 -27.55 -15.65
C SER D 54 -25.58 -26.06 -15.53
N GLU D 55 -26.66 -25.33 -15.25
CA GLU D 55 -26.58 -23.88 -15.10
C GLU D 55 -25.92 -23.47 -13.79
N LEU D 56 -25.92 -24.32 -12.79
CA LEU D 56 -25.40 -23.88 -11.51
C LEU D 56 -23.89 -23.97 -11.40
N PHE D 57 -23.19 -24.44 -12.43
CA PHE D 57 -21.73 -24.55 -12.42
C PHE D 57 -21.20 -24.10 -13.78
N THR D 58 -19.91 -23.76 -13.83
CA THR D 58 -19.42 -23.05 -15.01
C THR D 58 -19.13 -23.96 -16.19
N ASP D 59 -19.31 -23.41 -17.39
CA ASP D 59 -18.93 -24.12 -18.61
C ASP D 59 -17.44 -24.44 -18.59
N GLU D 60 -16.64 -23.58 -17.97
CA GLU D 60 -15.19 -23.82 -17.88
C GLU D 60 -14.90 -25.10 -17.10
N GLU D 61 -15.67 -25.35 -16.05
CA GLU D 61 -15.48 -26.57 -15.30
C GLU D 61 -15.97 -27.77 -16.10
N PHE D 62 -17.09 -27.64 -16.80
CA PHE D 62 -17.59 -28.73 -17.61
C PHE D 62 -16.60 -29.09 -18.71
N ASP D 63 -16.16 -28.10 -19.47
CA ASP D 63 -15.23 -28.34 -20.57
C ASP D 63 -13.89 -28.88 -20.05
N LYS D 64 -13.41 -28.39 -18.91
CA LYS D 64 -12.16 -28.91 -18.35
C LYS D 64 -12.28 -30.38 -17.96
N ALA D 65 -13.43 -30.75 -17.36
CA ALA D 65 -13.59 -32.12 -16.89
C ALA D 65 -13.70 -33.09 -18.05
N MET D 66 -14.47 -32.72 -19.07
CA MET D 66 -14.60 -33.53 -20.28
C MET D 66 -13.25 -33.81 -20.93
N SER D 67 -12.39 -32.80 -21.04
CA SER D 67 -11.07 -33.04 -21.61
C SER D 67 -10.22 -33.94 -20.71
N LEU D 68 -10.27 -33.74 -19.39
CA LEU D 68 -9.40 -34.50 -18.49
C LEU D 68 -9.75 -35.98 -18.47
N ALA D 69 -11.05 -36.32 -18.50
CA ALA D 69 -11.43 -37.73 -18.51
C ALA D 69 -10.95 -38.42 -19.79
N GLU D 70 -11.16 -37.78 -20.95
CA GLU D 70 -10.60 -38.32 -22.19
C GLU D 70 -9.09 -38.41 -22.11
N GLU D 71 -8.46 -37.35 -21.60
CA GLU D 71 -7.01 -37.29 -21.44
C GLU D 71 -6.49 -38.39 -20.53
N LEU D 72 -7.25 -38.77 -19.51
CA LEU D 72 -6.88 -39.90 -18.66
C LEU D 72 -7.14 -41.24 -19.31
N GLY D 73 -7.77 -41.26 -20.48
CA GLY D 73 -8.01 -42.51 -21.19
C GLY D 73 -9.33 -43.18 -20.91
N ALA D 74 -10.32 -42.45 -20.44
CA ALA D 74 -11.63 -43.01 -20.21
C ALA D 74 -12.52 -42.57 -21.35
N ASN D 75 -13.49 -43.42 -21.71
CA ASN D 75 -14.63 -43.00 -22.52
C ASN D 75 -15.48 -42.06 -21.67
N VAL D 76 -15.73 -40.85 -22.17
CA VAL D 76 -16.39 -39.83 -21.37
C VAL D 76 -17.73 -39.48 -22.03
N GLN D 77 -18.71 -39.26 -21.17
CA GLN D 77 -20.06 -38.93 -21.61
C GLN D 77 -20.55 -37.69 -20.87
N GLY D 78 -21.10 -36.75 -21.62
CA GLY D 78 -21.77 -35.61 -21.05
C GLY D 78 -23.26 -35.84 -20.82
N THR D 79 -23.76 -35.25 -19.75
CA THR D 79 -25.19 -35.20 -19.49
C THR D 79 -25.56 -33.78 -19.06
N THR D 80 -26.72 -33.29 -19.48
CA THR D 80 -27.13 -31.95 -19.07
C THR D 80 -28.25 -32.07 -18.06
N LEU D 81 -28.05 -31.48 -16.89
CA LEU D 81 -29.12 -31.41 -15.90
C LEU D 81 -29.74 -30.03 -16.00
N ASP D 82 -31.05 -29.99 -15.90
CA ASP D 82 -31.83 -28.76 -15.89
C ASP D 82 -32.31 -28.62 -14.44
N TYR D 83 -31.43 -28.09 -13.59
CA TYR D 83 -31.77 -27.91 -12.18
C TYR D 83 -32.94 -26.96 -12.00
N LEU D 84 -33.02 -25.92 -12.83
CA LEU D 84 -34.06 -24.91 -12.64
C LEU D 84 -35.44 -25.40 -13.02
N SER D 85 -35.56 -26.60 -13.61
CA SER D 85 -36.88 -27.18 -13.81
C SER D 85 -37.49 -27.58 -12.48
N ASP D 86 -36.65 -27.76 -11.46
CA ASP D 86 -37.14 -28.02 -10.12
C ASP D 86 -37.46 -26.69 -9.47
N ASP D 87 -38.70 -26.55 -8.98
CA ASP D 87 -39.14 -25.29 -8.42
C ASP D 87 -38.46 -25.00 -7.08
N HIS D 88 -38.06 -26.03 -6.35
CA HIS D 88 -37.30 -25.78 -5.12
C HIS D 88 -35.97 -25.11 -5.42
N ILE D 89 -35.31 -25.55 -6.51
CA ILE D 89 -34.07 -24.92 -6.96
C ILE D 89 -34.37 -23.56 -7.58
N LYS D 90 -35.38 -23.51 -8.44
CA LYS D 90 -35.70 -22.26 -9.14
C LYS D 90 -35.98 -21.13 -8.17
N ASN D 91 -36.66 -21.43 -7.08
CA ASN D 91 -37.01 -20.44 -6.07
C ASN D 91 -36.03 -20.43 -4.90
N ASN D 92 -34.92 -21.17 -5.02
CA ASN D 92 -33.81 -21.12 -4.07
C ASN D 92 -34.31 -21.15 -2.65
N THR D 93 -34.81 -22.28 -2.22
CA THR D 93 -35.21 -22.47 -0.84
C THR D 93 -34.00 -22.90 -0.06
N PRO D 94 -34.07 -22.92 1.27
CA PRO D 94 -32.94 -23.46 2.04
C PRO D 94 -32.68 -24.94 1.77
N ASP D 95 -33.65 -25.68 1.24
CA ASP D 95 -33.47 -27.10 0.93
C ASP D 95 -33.22 -27.36 -0.56
N SER D 96 -32.96 -26.31 -1.36
CA SER D 96 -32.63 -26.48 -2.77
C SER D 96 -31.52 -27.53 -2.96
N TRP D 97 -30.47 -27.44 -2.14
CA TRP D 97 -29.33 -28.35 -2.22
C TRP D 97 -29.77 -29.79 -2.32
N TYR D 98 -30.85 -30.14 -1.64
CA TYR D 98 -31.27 -31.53 -1.55
C TYR D 98 -31.88 -31.99 -2.87
N TYR D 99 -32.76 -31.15 -3.43
CA TYR D 99 -33.42 -31.50 -4.67
C TYR D 99 -32.46 -31.52 -5.84
N ALA D 100 -31.39 -30.71 -5.78
CA ALA D 100 -30.34 -30.76 -6.80
C ALA D 100 -29.62 -32.11 -6.77
N LYS D 101 -29.26 -32.57 -5.58
CA LYS D 101 -28.56 -33.83 -5.50
C LYS D 101 -29.44 -34.98 -5.97
N LYS D 102 -30.74 -34.90 -5.69
CA LYS D 102 -31.66 -35.94 -6.16
C LYS D 102 -31.62 -36.07 -7.68
N MET D 103 -31.68 -34.93 -8.39
CA MET D 103 -31.62 -35.02 -9.85
C MET D 103 -30.26 -35.52 -10.32
N PHE D 104 -29.19 -35.09 -9.66
CA PHE D 104 -27.85 -35.53 -10.05
C PHE D 104 -27.72 -37.03 -9.93
N TYR D 105 -28.00 -37.58 -8.75
CA TYR D 105 -27.79 -39.01 -8.56
C TYR D 105 -28.82 -39.84 -9.31
N SER D 106 -30.03 -39.30 -9.49
CA SER D 106 -31.02 -39.98 -10.31
C SER D 106 -30.52 -40.12 -11.73
N ARG D 107 -29.95 -39.05 -12.28
CA ARG D 107 -29.46 -39.10 -13.66
C ARG D 107 -28.30 -40.07 -13.83
N LEU D 108 -27.34 -40.07 -12.89
CA LEU D 108 -26.26 -41.05 -13.00
C LEU D 108 -26.72 -42.47 -12.69
N ASN D 109 -27.71 -42.63 -11.81
CA ASN D 109 -28.26 -43.97 -11.57
C ASN D 109 -28.96 -44.49 -12.82
N ASP D 110 -29.64 -43.61 -13.55
CA ASP D 110 -30.25 -44.01 -14.82
C ASP D 110 -29.20 -44.49 -15.82
N ILE D 111 -28.11 -43.73 -15.97
CA ILE D 111 -27.07 -44.09 -16.93
C ILE D 111 -26.43 -45.42 -16.56
N ALA D 112 -26.10 -45.61 -15.28
CA ALA D 112 -25.43 -46.84 -14.86
C ALA D 112 -26.29 -48.08 -15.07
N ALA D 113 -27.58 -47.99 -14.76
CA ALA D 113 -28.50 -49.09 -15.07
C ALA D 113 -28.62 -49.32 -16.56
N ASN D 114 -28.44 -48.26 -17.36
CA ASN D 114 -28.63 -48.33 -18.80
C ASN D 114 -27.37 -48.75 -19.56
N ASN D 115 -26.17 -48.61 -18.97
CA ASN D 115 -24.96 -49.12 -19.60
C ASN D 115 -24.42 -50.37 -18.92
N GLY D 116 -25.18 -50.95 -17.99
CA GLY D 116 -24.78 -52.18 -17.32
C GLY D 116 -23.77 -52.01 -16.21
N SER D 117 -23.67 -50.82 -15.61
CA SER D 117 -22.73 -50.64 -14.51
C SER D 117 -23.30 -51.28 -13.24
N ALA D 118 -22.39 -51.69 -12.35
CA ALA D 118 -22.78 -52.23 -11.06
C ALA D 118 -22.94 -51.16 -9.99
N ALA D 119 -22.41 -49.97 -10.22
CA ALA D 119 -22.54 -48.88 -9.26
C ALA D 119 -22.21 -47.56 -9.94
N VAL D 120 -22.69 -46.48 -9.34
CA VAL D 120 -22.21 -45.12 -9.60
C VAL D 120 -21.13 -44.81 -8.57
N LEU D 121 -20.00 -44.29 -9.00
CA LEU D 121 -18.89 -43.92 -8.11
C LEU D 121 -18.70 -42.41 -8.07
N ASP D 122 -18.42 -41.88 -6.89
CA ASP D 122 -17.98 -40.49 -6.73
C ASP D 122 -16.67 -40.47 -5.92
N GLY D 123 -16.14 -39.25 -5.74
CA GLY D 123 -14.87 -39.06 -5.06
C GLY D 123 -14.91 -38.39 -3.68
N MET D 124 -15.97 -38.54 -2.91
CA MET D 124 -15.98 -37.96 -1.58
C MET D 124 -14.87 -38.57 -0.72
N ILE D 125 -14.19 -37.72 0.06
CA ILE D 125 -13.10 -38.14 0.97
C ILE D 125 -13.57 -39.12 2.03
N ALA D 144 -24.66 -44.48 -4.50
CA ALA D 144 -23.30 -44.20 -4.96
C ALA D 144 -22.24 -44.65 -3.95
N ARG D 145 -21.07 -45.03 -4.46
CA ARG D 145 -19.93 -45.52 -3.67
C ARG D 145 -18.82 -44.48 -3.63
N SER D 146 -18.32 -44.18 -2.44
CA SER D 146 -17.12 -43.36 -2.30
C SER D 146 -16.02 -44.27 -1.79
N LEU D 147 -15.39 -44.99 -2.73
CA LEU D 147 -14.41 -45.99 -2.36
C LEU D 147 -13.18 -45.35 -1.73
N LEU D 148 -12.88 -44.11 -2.11
CA LEU D 148 -11.82 -43.38 -1.43
C LEU D 148 -12.20 -43.14 0.03
N GLN D 149 -13.47 -42.84 0.27
CA GLN D 149 -13.95 -42.62 1.64
C GLN D 149 -14.04 -43.94 2.40
N GLU D 150 -14.44 -45.02 1.72
CA GLU D 150 -14.48 -46.32 2.39
C GLU D 150 -13.09 -46.83 2.74
N ALA D 151 -12.09 -46.49 1.94
CA ALA D 151 -10.72 -46.93 2.15
C ALA D 151 -9.94 -46.00 3.09
N ASP D 152 -10.63 -45.06 3.75
CA ASP D 152 -10.00 -44.16 4.72
C ASP D 152 -8.90 -43.31 4.09
N PHE D 153 -9.16 -42.83 2.88
CA PHE D 153 -8.27 -41.88 2.23
C PHE D 153 -8.46 -40.50 2.85
N PHE D 154 -7.36 -39.92 3.29
CA PHE D 154 -7.36 -38.51 3.67
C PHE D 154 -6.93 -37.69 2.47
N LYS D 155 -7.01 -36.36 2.61
CA LYS D 155 -6.61 -35.49 1.51
C LYS D 155 -5.17 -35.78 1.10
N THR D 156 -4.31 -36.09 2.08
CA THR D 156 -2.91 -36.41 1.82
C THR D 156 -2.75 -37.76 1.11
N ASP D 157 -3.58 -38.75 1.44
CA ASP D 157 -3.53 -40.02 0.72
C ASP D 157 -3.85 -39.83 -0.76
N VAL D 158 -4.81 -38.95 -1.05
CA VAL D 158 -5.16 -38.63 -2.43
C VAL D 158 -3.96 -38.04 -3.18
N ARG D 159 -3.18 -37.17 -2.52
CA ARG D 159 -2.06 -36.52 -3.20
C ARG D 159 -0.91 -37.50 -3.48
N ALA D 160 -0.56 -38.33 -2.51
CA ALA D 160 0.55 -39.26 -2.69
C ALA D 160 0.25 -40.31 -3.74
N LEU D 161 -0.96 -40.89 -3.70
CA LEU D 161 -1.30 -41.94 -4.65
C LEU D 161 -1.43 -41.41 -6.07
N ALA D 162 -1.98 -40.20 -6.23
CA ALA D 162 -2.09 -39.61 -7.57
C ALA D 162 -0.73 -39.30 -8.17
N GLN D 163 0.20 -38.78 -7.34
CA GLN D 163 1.56 -38.56 -7.82
C GLN D 163 2.20 -39.88 -8.22
N GLU D 164 2.01 -40.91 -7.41
CA GLU D 164 2.53 -42.25 -7.70
C GLU D 164 2.04 -42.75 -9.07
N LEU D 165 0.79 -42.45 -9.42
CA LEU D 165 0.27 -42.86 -10.72
C LEU D 165 0.73 -41.95 -11.85
N GLY D 166 1.52 -40.91 -11.56
CA GLY D 166 1.92 -39.95 -12.57
C GLY D 166 0.88 -38.91 -12.90
N LEU D 167 -0.15 -38.76 -12.07
CA LEU D 167 -1.20 -37.76 -12.25
C LEU D 167 -0.71 -36.39 -11.83
N THR D 168 -0.77 -35.42 -12.73
CA THR D 168 -0.44 -34.05 -12.41
C THR D 168 -1.49 -33.06 -12.88
N ASN D 169 -2.45 -33.48 -13.69
CA ASN D 169 -3.40 -32.57 -14.32
C ASN D 169 -4.80 -32.79 -13.75
N TRP D 170 -5.36 -31.74 -13.16
CA TRP D 170 -6.74 -31.75 -12.69
C TRP D 170 -7.17 -30.32 -12.42
N ASN D 171 -8.49 -30.11 -12.30
CA ASN D 171 -9.04 -28.78 -12.06
C ASN D 171 -8.88 -28.47 -10.57
N LYS D 172 -8.06 -27.47 -10.27
CA LYS D 172 -7.73 -27.10 -8.90
C LYS D 172 -8.69 -26.09 -8.30
N VAL D 173 -9.62 -25.54 -9.07
CA VAL D 173 -10.55 -24.54 -8.56
C VAL D 173 -11.78 -25.26 -8.03
N ALA D 174 -11.98 -25.19 -6.71
CA ALA D 174 -13.13 -25.83 -6.07
C ALA D 174 -14.41 -25.07 -6.41
N SER D 175 -15.31 -25.71 -7.13
CA SER D 175 -16.56 -25.08 -7.52
C SER D 175 -17.63 -25.34 -6.47
N CYS D 176 -18.59 -24.43 -6.39
CA CYS D 176 -19.72 -24.58 -5.49
C CYS D 176 -20.92 -23.99 -6.22
N SER D 177 -22.10 -24.57 -6.00
CA SER D 177 -23.28 -24.17 -6.75
C SER D 177 -23.53 -22.67 -6.65
N VAL D 178 -23.85 -22.07 -7.81
CA VAL D 178 -24.07 -20.64 -7.89
C VAL D 178 -25.29 -20.18 -7.08
N SER D 179 -26.17 -21.10 -6.67
CA SER D 179 -27.33 -20.71 -5.84
C SER D 179 -26.91 -20.05 -4.54
N SER D 180 -25.69 -20.30 -4.07
CA SER D 180 -25.20 -19.71 -2.85
C SER D 180 -25.01 -18.20 -2.95
N ARG D 181 -24.96 -17.65 -4.17
CA ARG D 181 -24.89 -16.21 -4.36
C ARG D 181 -26.26 -15.54 -4.26
N PHE D 182 -27.28 -16.31 -4.15
CA PHE D 182 -28.56 -15.68 -4.09
C PHE D 182 -29.19 -15.90 -2.73
N PRO D 183 -29.89 -14.90 -2.19
CA PRO D 183 -30.57 -15.11 -0.93
C PRO D 183 -31.63 -16.19 -1.10
N TYR D 184 -31.89 -16.91 -0.01
CA TYR D 184 -32.99 -17.85 0.01
C TYR D 184 -34.29 -17.12 -0.29
N GLY D 185 -35.12 -17.73 -1.13
CA GLY D 185 -36.37 -17.13 -1.55
C GLY D 185 -36.28 -16.33 -2.82
N THR D 186 -35.07 -15.97 -3.24
CA THR D 186 -34.87 -15.27 -4.50
C THR D 186 -35.03 -16.24 -5.66
N THR D 187 -35.77 -15.82 -6.67
CA THR D 187 -35.96 -16.65 -7.84
C THR D 187 -34.70 -16.64 -8.70
N LEU D 188 -34.20 -17.83 -9.01
CA LEU D 188 -33.14 -17.93 -9.98
C LEU D 188 -33.70 -17.77 -11.38
N THR D 189 -33.00 -17.00 -12.21
CA THR D 189 -33.31 -16.94 -13.63
C THR D 189 -32.05 -17.21 -14.43
N HIS D 190 -32.24 -17.50 -15.71
CA HIS D 190 -31.10 -17.63 -16.61
C HIS D 190 -30.27 -16.35 -16.62
N ASP D 191 -30.91 -15.19 -16.54
CA ASP D 191 -30.18 -13.93 -16.58
C ASP D 191 -29.41 -13.68 -15.29
N ASN D 192 -29.99 -14.02 -14.14
CA ASN D 192 -29.31 -13.80 -12.87
C ASN D 192 -28.05 -14.65 -12.77
N ILE D 193 -28.15 -15.90 -13.18
CA ILE D 193 -27.01 -16.80 -13.09
C ILE D 193 -25.89 -16.32 -14.00
N ALA D 194 -26.23 -15.97 -15.25
CA ALA D 194 -25.20 -15.53 -16.19
C ALA D 194 -24.50 -14.25 -15.70
N GLN D 195 -25.24 -13.33 -15.10
CA GLN D 195 -24.65 -12.08 -14.62
C GLN D 195 -23.66 -12.32 -13.48
N VAL D 196 -24.05 -13.15 -12.52
CA VAL D 196 -23.15 -13.49 -11.43
C VAL D 196 -21.97 -14.30 -11.95
N MET D 197 -22.22 -15.20 -12.90
CA MET D 197 -21.14 -16.04 -13.38
C MET D 197 -20.10 -15.21 -14.12
N ALA D 198 -20.53 -14.30 -14.99
CA ALA D 198 -19.57 -13.45 -15.70
C ALA D 198 -18.80 -12.55 -14.72
N ALA D 199 -19.47 -12.05 -13.68
CA ALA D 199 -18.79 -11.17 -12.72
C ALA D 199 -17.71 -11.92 -11.96
N GLU D 200 -18.03 -13.11 -11.45
CA GLU D 200 -17.03 -13.90 -10.75
C GLU D 200 -15.90 -14.32 -11.68
N LYS D 201 -16.22 -14.63 -12.94
CA LYS D 201 -15.18 -15.00 -13.90
C LYS D 201 -14.23 -13.85 -14.17
N TYR D 202 -14.75 -12.64 -14.36
CA TYR D 202 -13.90 -11.48 -14.56
C TYR D 202 -12.97 -11.28 -13.36
N LEU D 203 -13.49 -11.48 -12.15
CA LEU D 203 -12.69 -11.26 -10.94
C LEU D 203 -11.58 -12.29 -10.80
N ARG D 204 -11.86 -13.56 -11.13
CA ARG D 204 -10.79 -14.55 -11.11
C ARG D 204 -9.69 -14.17 -12.09
N SER D 205 -10.08 -13.62 -13.24
CA SER D 205 -9.12 -13.28 -14.28
C SER D 205 -8.15 -12.20 -13.86
N LEU D 206 -8.47 -11.46 -12.80
CA LEU D 206 -7.61 -10.42 -12.24
C LEU D 206 -6.61 -10.96 -11.21
N GLY D 207 -6.69 -12.24 -10.88
CA GLY D 207 -5.82 -12.85 -9.89
C GLY D 207 -6.46 -13.19 -8.55
N PHE D 208 -7.78 -13.35 -8.49
CA PHE D 208 -8.49 -13.63 -7.25
C PHE D 208 -9.27 -14.91 -7.43
N PRO D 209 -8.64 -16.06 -7.20
CA PRO D 209 -9.32 -17.32 -7.49
C PRO D 209 -10.46 -17.63 -6.54
N THR D 210 -10.45 -17.04 -5.35
CA THR D 210 -11.51 -17.23 -4.37
C THR D 210 -12.32 -15.94 -4.26
N VAL D 211 -13.56 -15.95 -4.75
CA VAL D 211 -14.37 -14.75 -4.75
C VAL D 211 -15.83 -15.15 -4.82
N ARG D 212 -16.70 -14.27 -4.30
CA ARG D 212 -18.12 -14.45 -4.55
C ARG D 212 -18.71 -13.09 -4.92
N VAL D 213 -19.53 -13.05 -5.96
CA VAL D 213 -20.32 -11.86 -6.25
C VAL D 213 -21.73 -12.22 -5.78
N ARG D 214 -22.04 -11.85 -4.54
CA ARG D 214 -23.36 -12.13 -3.99
C ARG D 214 -24.35 -11.18 -4.63
N PHE D 215 -25.49 -11.73 -5.05
CA PHE D 215 -26.48 -11.00 -5.82
C PHE D 215 -27.53 -10.38 -4.90
N HIS D 216 -27.71 -9.06 -4.98
CA HIS D 216 -28.77 -8.33 -4.23
C HIS D 216 -29.51 -7.36 -5.16
N ASN D 217 -30.09 -7.91 -6.23
CA ASN D 217 -30.79 -7.15 -7.25
C ASN D 217 -29.91 -6.10 -7.89
N ASP D 218 -30.05 -4.84 -7.51
CA ASP D 218 -29.25 -3.83 -8.20
C ASP D 218 -27.88 -3.63 -7.56
N ILE D 219 -27.58 -4.34 -6.49
CA ILE D 219 -26.30 -4.27 -5.81
C ILE D 219 -25.57 -5.58 -5.99
N ALA D 220 -24.31 -5.52 -6.43
CA ALA D 220 -23.36 -6.61 -6.27
C ALA D 220 -22.54 -6.42 -4.99
N ARG D 221 -22.49 -7.45 -4.17
CA ARG D 221 -21.72 -7.43 -2.91
C ARG D 221 -20.60 -8.45 -3.02
N ILE D 222 -19.37 -7.98 -3.25
CA ILE D 222 -18.24 -8.85 -3.55
C ILE D 222 -17.61 -9.37 -2.26
N GLU D 223 -17.40 -10.69 -2.19
CA GLU D 223 -16.69 -11.32 -1.07
C GLU D 223 -15.30 -11.76 -1.50
N LEU D 224 -14.29 -11.26 -0.80
CA LEU D 224 -12.91 -11.65 -1.00
C LEU D 224 -12.37 -12.10 0.33
N PRO D 225 -11.41 -13.02 0.35
CA PRO D 225 -10.64 -13.23 1.58
C PRO D 225 -10.04 -11.93 2.06
N GLU D 226 -10.15 -11.67 3.36
CA GLU D 226 -9.69 -10.40 3.91
C GLU D 226 -8.21 -10.17 3.61
N ALA D 227 -7.43 -11.24 3.51
CA ALA D 227 -6.02 -11.08 3.21
C ALA D 227 -5.77 -10.56 1.79
N ARG D 228 -6.76 -10.64 0.89
CA ARG D 228 -6.57 -10.18 -0.49
C ARG D 228 -7.10 -8.78 -0.75
N ILE D 229 -7.80 -8.16 0.20
CA ILE D 229 -8.52 -6.93 -0.10
C ILE D 229 -7.57 -5.77 -0.36
N GLY D 230 -6.40 -5.76 0.29
CA GLY D 230 -5.41 -4.73 0.00
C GLY D 230 -4.89 -4.79 -1.43
N ASP D 231 -4.68 -6.01 -1.96
CA ASP D 231 -4.20 -6.14 -3.32
C ASP D 231 -5.27 -5.74 -4.32
N PHE D 232 -6.53 -5.81 -3.91
CA PHE D 232 -7.64 -5.54 -4.81
C PHE D 232 -7.75 -4.06 -5.19
N LEU D 233 -7.17 -3.16 -4.41
CA LEU D 233 -7.48 -1.74 -4.55
C LEU D 233 -7.13 -1.20 -5.93
N VAL D 234 -6.12 -1.78 -6.59
CA VAL D 234 -5.73 -1.36 -7.93
C VAL D 234 -6.83 -1.61 -8.97
N PHE D 235 -7.80 -2.46 -8.64
CA PHE D 235 -8.85 -2.86 -9.58
C PHE D 235 -10.19 -2.22 -9.29
N ASN D 236 -10.35 -1.49 -8.18
CA ASN D 236 -11.64 -0.94 -7.79
C ASN D 236 -12.42 -0.35 -8.97
N ASP D 237 -11.81 0.61 -9.67
CA ASP D 237 -12.52 1.33 -10.71
C ASP D 237 -12.91 0.42 -11.87
N ARG D 238 -12.01 -0.47 -12.30
CA ARG D 238 -12.34 -1.36 -13.40
C ARG D 238 -13.46 -2.34 -13.03
N VAL D 239 -13.43 -2.90 -11.82
CA VAL D 239 -14.47 -3.82 -11.40
C VAL D 239 -15.82 -3.12 -11.34
N ASN D 240 -15.83 -1.89 -10.82
CA ASN D 240 -17.05 -1.11 -10.75
C ASN D 240 -17.70 -0.98 -12.13
N ARG D 241 -16.94 -0.52 -13.12
CA ARG D 241 -17.51 -0.31 -14.45
C ARG D 241 -17.92 -1.64 -15.09
N GLN D 242 -17.09 -2.67 -14.95
CA GLN D 242 -17.37 -3.96 -15.56
C GLN D 242 -18.64 -4.58 -15.00
N LEU D 243 -18.80 -4.56 -13.68
CA LEU D 243 -19.99 -5.18 -13.09
C LEU D 243 -21.22 -4.32 -13.32
N GLN D 244 -21.04 -3.02 -13.53
CA GLN D 244 -22.16 -2.19 -13.92
C GLN D 244 -22.62 -2.51 -15.33
N SER D 245 -21.69 -2.73 -16.26
CA SER D 245 -22.09 -3.11 -17.61
C SER D 245 -22.71 -4.51 -17.66
N LEU D 246 -22.51 -5.33 -16.63
CA LEU D 246 -23.22 -6.60 -16.53
C LEU D 246 -24.62 -6.44 -15.95
N GLY D 247 -24.99 -5.24 -15.49
CA GLY D 247 -26.34 -4.95 -15.06
C GLY D 247 -26.49 -4.47 -13.63
N PHE D 248 -25.45 -4.53 -12.79
CA PHE D 248 -25.57 -4.00 -11.44
C PHE D 248 -25.55 -2.49 -11.46
N ARG D 249 -26.35 -1.87 -10.59
CA ARG D 249 -26.24 -0.42 -10.44
C ARG D 249 -25.13 -0.05 -9.46
N TYR D 250 -25.01 -0.78 -8.36
CA TYR D 250 -23.98 -0.54 -7.37
C TYR D 250 -23.11 -1.77 -7.24
N VAL D 251 -21.79 -1.56 -7.24
CA VAL D 251 -20.79 -2.62 -7.08
C VAL D 251 -20.04 -2.34 -5.79
N THR D 252 -20.12 -3.28 -4.85
CA THR D 252 -19.59 -3.05 -3.51
C THR D 252 -18.75 -4.23 -3.05
N LEU D 253 -17.94 -3.97 -2.04
CA LEU D 253 -17.05 -4.95 -1.43
C LEU D 253 -17.51 -5.14 0.01
N ASP D 254 -17.80 -6.39 0.38
CA ASP D 254 -18.21 -6.70 1.75
C ASP D 254 -17.04 -6.46 2.72
N LEU D 255 -17.26 -5.61 3.73
CA LEU D 255 -16.20 -5.37 4.72
C LEU D 255 -15.86 -6.60 5.55
N GLY D 256 -16.76 -7.57 5.65
CA GLY D 256 -16.49 -8.81 6.36
C GLY D 256 -15.69 -9.82 5.57
N GLY D 257 -15.55 -9.65 4.26
CA GLY D 257 -14.76 -10.56 3.47
C GLY D 257 -15.46 -11.89 3.20
N PHE D 258 -14.66 -12.85 2.74
CA PHE D 258 -15.22 -14.14 2.29
C PHE D 258 -15.67 -14.96 3.48
N ARG D 259 -16.93 -15.42 3.42
CA ARG D 259 -17.62 -16.12 4.52
C ARG D 259 -17.76 -15.20 5.74
N ALA E 2 28.61 -36.67 -8.29
CA ALA E 2 28.37 -35.97 -9.55
C ALA E 2 26.87 -35.77 -9.77
N THR E 3 26.32 -36.51 -10.73
CA THR E 3 24.89 -36.43 -10.99
C THR E 3 24.09 -36.98 -9.80
N LEU E 4 22.79 -36.68 -9.84
CA LEU E 4 21.87 -37.19 -8.82
C LEU E 4 21.97 -38.70 -8.68
N ALA E 5 22.06 -39.41 -9.83
CA ALA E 5 22.11 -40.87 -9.80
C ALA E 5 23.30 -41.38 -9.00
N THR E 6 24.46 -40.74 -9.15
CA THR E 6 25.61 -41.12 -8.33
C THR E 6 25.34 -40.83 -6.87
N LYS E 7 24.69 -39.70 -6.58
CA LYS E 7 24.35 -39.36 -5.20
C LYS E 7 23.32 -40.35 -4.66
N LYS E 8 22.35 -40.75 -5.49
CA LYS E 8 21.40 -41.77 -5.05
C LYS E 8 22.08 -43.11 -4.80
N ALA E 9 23.01 -43.50 -5.68
CA ALA E 9 23.71 -44.78 -5.54
C ALA E 9 24.55 -44.82 -4.26
N THR E 10 25.27 -43.75 -3.97
CA THR E 10 25.97 -43.67 -2.69
C THR E 10 24.98 -43.90 -1.54
N LEU E 11 23.79 -43.32 -1.65
CA LEU E 11 22.80 -43.46 -0.60
C LEU E 11 22.34 -44.91 -0.46
N VAL E 12 22.03 -45.56 -1.59
CA VAL E 12 21.60 -46.96 -1.54
C VAL E 12 22.69 -47.83 -0.89
N ALA E 13 23.94 -47.61 -1.31
CA ALA E 13 25.05 -48.44 -0.84
C ALA E 13 25.26 -48.32 0.67
N ALA E 14 25.23 -47.09 1.20
CA ALA E 14 25.37 -46.90 2.63
C ALA E 14 24.22 -47.56 3.39
N LEU E 15 23.01 -47.46 2.85
CA LEU E 15 21.85 -48.06 3.51
C LEU E 15 21.96 -49.58 3.60
N LYS E 16 22.27 -50.23 2.48
CA LYS E 16 22.42 -51.69 2.45
C LYS E 16 23.51 -52.15 3.41
N ASP E 17 24.61 -51.41 3.48
CA ASP E 17 25.67 -51.79 4.40
C ASP E 17 25.19 -51.81 5.85
N LEU E 18 24.18 -50.98 6.19
CA LEU E 18 23.72 -50.88 7.57
C LEU E 18 22.68 -51.93 7.94
N GLN E 19 21.89 -52.41 6.98
CA GLN E 19 20.95 -53.51 7.19
C GLN E 19 19.79 -53.15 8.11
N ARG E 20 20.07 -52.70 9.33
CA ARG E 20 19.02 -52.25 10.25
C ARG E 20 19.32 -50.83 10.71
N VAL E 21 18.33 -49.95 10.56
CA VAL E 21 18.47 -48.52 10.85
C VAL E 21 17.28 -48.07 11.67
N THR E 22 17.49 -47.00 12.45
CA THR E 22 16.41 -46.28 13.12
C THR E 22 16.43 -44.86 12.56
N VAL E 23 15.32 -44.43 11.98
CA VAL E 23 15.26 -43.16 11.29
C VAL E 23 14.56 -42.13 12.18
N ALA E 24 15.29 -41.07 12.55
CA ALA E 24 14.70 -39.91 13.23
C ALA E 24 13.91 -39.10 12.21
N PHE E 25 12.60 -39.15 12.29
CA PHE E 25 11.69 -38.59 11.27
C PHE E 25 10.98 -37.38 11.85
N SER E 26 11.29 -36.21 11.31
CA SER E 26 10.66 -34.98 11.75
C SER E 26 9.43 -34.61 10.93
N GLY E 27 9.26 -35.18 9.74
CA GLY E 27 8.24 -34.75 8.81
C GLY E 27 8.69 -33.75 7.76
N GLY E 28 9.86 -33.17 7.88
CA GLY E 28 10.35 -32.32 6.82
C GLY E 28 10.79 -33.13 5.61
N ILE E 29 11.11 -32.42 4.54
CA ILE E 29 11.41 -33.09 3.28
C ILE E 29 12.69 -33.92 3.39
N ASP E 30 13.65 -33.49 4.21
CA ASP E 30 14.92 -34.18 4.24
C ASP E 30 14.77 -35.55 4.90
N SER E 31 14.20 -35.60 6.11
CA SER E 31 14.08 -36.88 6.77
C SER E 31 13.08 -37.80 6.07
N THR E 32 12.13 -37.23 5.34
CA THR E 32 11.22 -38.03 4.54
C THR E 32 11.97 -38.81 3.48
N LEU E 33 12.87 -38.14 2.77
CA LEU E 33 13.64 -38.81 1.75
C LEU E 33 14.50 -39.91 2.36
N VAL E 34 15.15 -39.63 3.49
CA VAL E 34 15.88 -40.69 4.19
C VAL E 34 14.94 -41.84 4.54
N LEU E 35 13.79 -41.52 5.15
CA LEU E 35 12.86 -42.58 5.54
C LEU E 35 12.40 -43.38 4.33
N LYS E 36 12.05 -42.70 3.23
CA LYS E 36 11.60 -43.40 2.04
C LYS E 36 12.69 -44.30 1.47
N MET E 37 13.92 -43.80 1.41
CA MET E 37 14.99 -44.60 0.85
C MET E 37 15.30 -45.80 1.72
N ALA E 38 15.28 -45.63 3.04
CA ALA E 38 15.58 -46.74 3.95
C ALA E 38 14.54 -47.83 3.82
N LEU E 39 13.26 -47.45 3.76
CA LEU E 39 12.22 -48.46 3.58
C LEU E 39 12.44 -49.21 2.28
N ASP E 40 12.71 -48.47 1.20
CA ASP E 40 12.79 -49.06 -0.13
C ASP E 40 13.99 -50.00 -0.29
N VAL E 41 15.11 -49.74 0.37
CA VAL E 41 16.28 -50.60 0.19
C VAL E 41 16.34 -51.68 1.27
N LEU E 42 15.92 -51.37 2.49
CA LEU E 42 16.04 -52.32 3.59
C LEU E 42 14.72 -53.03 3.92
N GLY E 43 13.59 -52.48 3.49
CA GLY E 43 12.32 -53.09 3.81
C GLY E 43 11.76 -52.66 5.15
N ARG E 44 10.44 -52.77 5.26
CA ARG E 44 9.72 -52.21 6.40
C ARG E 44 10.13 -52.87 7.72
N ASP E 45 10.53 -54.14 7.71
CA ASP E 45 10.90 -54.79 8.97
C ASP E 45 12.24 -54.30 9.49
N ASN E 46 13.05 -53.65 8.65
CA ASN E 46 14.40 -53.20 9.02
C ASN E 46 14.49 -51.71 9.28
N VAL E 47 13.37 -51.01 9.33
CA VAL E 47 13.35 -49.57 9.60
C VAL E 47 12.38 -49.30 10.73
N THR E 48 12.83 -48.48 11.68
CA THR E 48 11.96 -47.95 12.72
C THR E 48 11.97 -46.45 12.57
N ALA E 49 10.79 -45.88 12.30
CA ALA E 49 10.61 -44.45 12.29
C ALA E 49 10.31 -43.98 13.71
N VAL E 50 11.04 -42.97 14.18
CA VAL E 50 10.86 -42.39 15.51
C VAL E 50 10.56 -40.90 15.34
N VAL E 51 9.45 -40.46 15.91
CA VAL E 51 9.09 -39.05 15.94
C VAL E 51 9.14 -38.58 17.37
N ALA E 52 10.00 -37.61 17.65
CA ALA E 52 10.08 -37.07 18.99
C ALA E 52 9.01 -36.02 19.14
N ASN E 53 8.17 -36.19 20.17
CA ASN E 53 7.24 -35.16 20.61
C ASN E 53 7.85 -34.47 21.82
N SER E 54 7.58 -33.18 21.95
CA SER E 54 8.17 -32.41 23.03
C SER E 54 7.30 -31.20 23.33
N GLU E 55 7.64 -30.56 24.43
CA GLU E 55 6.93 -29.36 24.88
C GLU E 55 7.31 -28.15 24.04
N LEU E 56 8.44 -28.21 23.35
CA LEU E 56 8.95 -27.10 22.56
C LEU E 56 8.38 -27.06 21.15
N PHE E 57 7.51 -28.00 20.79
CA PHE E 57 6.94 -28.07 19.45
C PHE E 57 5.46 -28.42 19.53
N THR E 58 4.78 -28.18 18.42
CA THR E 58 3.33 -28.30 18.43
C THR E 58 2.91 -29.75 18.25
N ASP E 59 1.79 -30.08 18.90
CA ASP E 59 1.18 -31.39 18.69
C ASP E 59 0.80 -31.56 17.23
N GLU E 60 0.54 -30.45 16.53
CA GLU E 60 0.21 -30.50 15.12
C GLU E 60 1.36 -31.07 14.29
N GLU E 61 2.61 -30.72 14.64
CA GLU E 61 3.75 -31.25 13.88
C GLU E 61 4.03 -32.70 14.20
N PHE E 62 3.86 -33.11 15.46
CA PHE E 62 4.03 -34.51 15.81
C PHE E 62 3.00 -35.38 15.09
N ASP E 63 1.71 -35.00 15.18
CA ASP E 63 0.65 -35.79 14.55
C ASP E 63 0.85 -35.86 13.04
N LYS E 64 1.23 -34.74 12.43
CA LYS E 64 1.47 -34.76 11.00
C LYS E 64 2.62 -35.69 10.66
N ALA E 65 3.67 -35.68 11.49
CA ALA E 65 4.82 -36.53 11.21
C ALA E 65 4.46 -38.00 11.39
N MET E 66 3.74 -38.34 12.46
CA MET E 66 3.31 -39.72 12.67
C MET E 66 2.49 -40.26 11.50
N SER E 67 1.55 -39.46 10.99
CA SER E 67 0.73 -39.92 9.87
C SER E 67 1.56 -40.10 8.59
N LEU E 68 2.51 -39.19 8.33
CA LEU E 68 3.33 -39.31 7.12
C LEU E 68 4.22 -40.56 7.16
N ALA E 69 4.79 -40.88 8.32
CA ALA E 69 5.61 -42.08 8.43
C ALA E 69 4.80 -43.36 8.18
N GLU E 70 3.60 -43.43 8.76
CA GLU E 70 2.71 -44.55 8.46
C GLU E 70 2.33 -44.58 6.99
N GLU E 71 1.97 -43.41 6.44
CA GLU E 71 1.55 -43.33 5.05
C GLU E 71 2.65 -43.79 4.11
N LEU E 72 3.92 -43.57 4.46
CA LEU E 72 5.02 -44.08 3.65
C LEU E 72 5.24 -45.58 3.83
N GLY E 73 4.52 -46.22 4.76
CA GLY E 73 4.65 -47.65 4.99
C GLY E 73 5.64 -48.04 6.06
N ALA E 74 5.97 -47.14 6.98
CA ALA E 74 6.93 -47.44 8.02
C ALA E 74 6.24 -47.74 9.34
N ASN E 75 6.83 -48.66 10.10
CA ASN E 75 6.51 -48.72 11.51
C ASN E 75 7.09 -47.49 12.18
N VAL E 76 6.24 -46.71 12.82
CA VAL E 76 6.67 -45.47 13.45
C VAL E 76 6.26 -45.49 14.91
N GLN E 77 7.15 -45.03 15.77
CA GLN E 77 6.88 -44.98 17.19
C GLN E 77 7.14 -43.57 17.69
N GLY E 78 6.18 -43.03 18.44
CA GLY E 78 6.38 -41.73 19.03
C GLY E 78 7.19 -41.89 20.31
N THR E 79 8.04 -40.92 20.56
CA THR E 79 8.78 -40.86 21.81
C THR E 79 8.75 -39.41 22.31
N THR E 80 8.65 -39.22 23.62
CA THR E 80 8.59 -37.88 24.19
C THR E 80 9.85 -37.53 24.96
N LEU E 81 10.42 -36.38 24.64
CA LEU E 81 11.57 -35.83 25.32
C LEU E 81 11.12 -34.74 26.28
N ASP E 82 11.77 -34.68 27.43
CA ASP E 82 11.49 -33.67 28.45
C ASP E 82 12.65 -32.67 28.45
N TYR E 83 12.63 -31.80 27.44
CA TYR E 83 13.68 -30.79 27.29
C TYR E 83 13.74 -29.85 28.47
N LEU E 84 12.60 -29.54 29.08
CA LEU E 84 12.60 -28.56 30.17
C LEU E 84 13.15 -29.10 31.49
N SER E 85 13.47 -30.39 31.56
CA SER E 85 14.16 -30.94 32.73
C SER E 85 15.64 -30.57 32.73
N ASP E 86 16.20 -30.19 31.59
CA ASP E 86 17.58 -29.75 31.48
C ASP E 86 17.66 -28.25 31.77
N ASP E 87 18.54 -27.88 32.70
CA ASP E 87 18.61 -26.50 33.16
C ASP E 87 19.07 -25.54 32.08
N HIS E 88 19.94 -25.98 31.17
CA HIS E 88 20.38 -25.10 30.10
C HIS E 88 19.21 -24.73 29.19
N ILE E 89 18.32 -25.69 28.93
CA ILE E 89 17.16 -25.43 28.10
C ILE E 89 16.15 -24.56 28.83
N LYS E 90 15.87 -24.90 30.09
CA LYS E 90 14.85 -24.19 30.87
C LYS E 90 15.18 -22.71 30.99
N ASN E 91 16.47 -22.39 31.14
CA ASN E 91 16.91 -21.02 31.27
C ASN E 91 17.39 -20.45 29.94
N ASN E 92 17.20 -21.21 28.85
CA ASN E 92 17.43 -20.75 27.48
C ASN E 92 18.78 -20.02 27.38
N THR E 93 19.83 -20.82 27.53
CA THR E 93 21.17 -20.29 27.39
C THR E 93 21.55 -20.30 25.91
N PRO E 94 22.59 -19.57 25.51
CA PRO E 94 22.95 -19.57 24.09
C PRO E 94 23.35 -20.93 23.54
N ASP E 95 23.76 -21.87 24.40
CA ASP E 95 24.07 -23.22 23.96
C ASP E 95 22.96 -24.20 24.31
N SER E 96 21.78 -23.69 24.67
CA SER E 96 20.65 -24.56 24.95
C SER E 96 20.44 -25.56 23.83
N TRP E 97 20.60 -25.10 22.59
CA TRP E 97 20.43 -25.96 21.41
C TRP E 97 21.25 -27.24 21.50
N TYR E 98 22.45 -27.17 22.08
CA TYR E 98 23.34 -28.34 22.11
C TYR E 98 22.86 -29.37 23.12
N TYR E 99 22.48 -28.93 24.32
CA TYR E 99 21.98 -29.89 25.31
C TYR E 99 20.63 -30.45 24.87
N ALA E 100 19.85 -29.69 24.11
CA ALA E 100 18.64 -30.25 23.52
C ALA E 100 18.99 -31.34 22.53
N LYS E 101 19.97 -31.08 21.66
CA LYS E 101 20.38 -32.07 20.68
C LYS E 101 21.00 -33.30 21.34
N LYS E 102 21.76 -33.09 22.42
CA LYS E 102 22.29 -34.22 23.15
C LYS E 102 21.15 -35.07 23.71
N MET E 103 20.20 -34.42 24.38
CA MET E 103 19.08 -35.17 24.93
C MET E 103 18.29 -35.83 23.82
N PHE E 104 18.18 -35.15 22.68
CA PHE E 104 17.51 -35.80 21.56
C PHE E 104 18.27 -37.05 21.14
N TYR E 105 19.56 -36.92 20.78
CA TYR E 105 20.30 -38.06 20.24
C TYR E 105 20.55 -39.14 21.28
N SER E 106 20.62 -38.79 22.57
CA SER E 106 20.71 -39.86 23.56
C SER E 106 19.48 -40.76 23.49
N ARG E 107 18.30 -40.17 23.30
CA ARG E 107 17.08 -40.97 23.25
C ARG E 107 17.02 -41.85 22.01
N LEU E 108 17.44 -41.36 20.85
CA LEU E 108 17.30 -42.20 19.67
C LEU E 108 18.36 -43.32 19.66
N ASN E 109 19.56 -43.05 20.20
CA ASN E 109 20.57 -44.11 20.31
C ASN E 109 20.11 -45.21 21.27
N ASP E 110 19.45 -44.82 22.38
CA ASP E 110 18.89 -45.81 23.30
C ASP E 110 17.83 -46.68 22.60
N ILE E 111 16.97 -46.06 21.80
CA ILE E 111 15.96 -46.81 21.06
C ILE E 111 16.63 -47.73 20.04
N ALA E 112 17.65 -47.23 19.35
CA ALA E 112 18.32 -48.01 18.32
C ALA E 112 18.98 -49.26 18.91
N ALA E 113 19.62 -49.13 20.07
CA ALA E 113 20.26 -50.28 20.70
C ALA E 113 19.26 -51.38 21.04
N ASN E 114 18.02 -51.01 21.33
CA ASN E 114 17.01 -51.96 21.75
C ASN E 114 16.27 -52.61 20.59
N ASN E 115 16.25 -51.98 19.43
CA ASN E 115 15.59 -52.57 18.26
C ASN E 115 16.56 -53.18 17.29
N GLY E 116 17.84 -53.30 17.67
CA GLY E 116 18.80 -53.98 16.83
C GLY E 116 19.24 -53.20 15.62
N SER E 117 19.14 -51.88 15.65
CA SER E 117 19.62 -51.08 14.54
C SER E 117 21.14 -50.95 14.59
N ALA E 118 21.74 -50.77 13.42
CA ALA E 118 23.17 -50.54 13.32
C ALA E 118 23.51 -49.06 13.39
N ALA E 119 22.53 -48.19 13.17
CA ALA E 119 22.79 -46.76 13.21
C ALA E 119 21.48 -46.01 13.37
N VAL E 120 21.60 -44.78 13.89
CA VAL E 120 20.54 -43.79 13.85
C VAL E 120 20.75 -42.93 12.62
N LEU E 121 19.68 -42.70 11.86
CA LEU E 121 19.74 -41.83 10.68
C LEU E 121 18.92 -40.56 10.92
N ASP E 122 19.48 -39.43 10.53
CA ASP E 122 18.74 -38.17 10.44
C ASP E 122 18.89 -37.62 9.04
N GLY E 123 18.25 -36.48 8.81
CA GLY E 123 18.20 -35.92 7.48
C GLY E 123 19.08 -34.70 7.27
N MET E 124 20.17 -34.60 8.02
CA MET E 124 21.10 -33.50 7.79
C MET E 124 21.68 -33.58 6.39
N ILE E 125 21.74 -32.44 5.71
CA ILE E 125 22.38 -32.32 4.41
C ILE E 125 23.58 -31.39 4.52
N LYS E 126 24.10 -30.92 3.38
CA LYS E 126 25.35 -30.17 3.30
C LYS E 126 25.52 -29.05 4.34
N GLY E 143 27.03 -39.74 17.23
CA GLY E 143 26.84 -41.16 17.03
C GLY E 143 25.88 -41.47 15.89
N ALA E 144 25.10 -40.46 15.53
CA ALA E 144 24.08 -40.59 14.49
C ALA E 144 24.67 -40.33 13.11
N ARG E 145 24.06 -40.94 12.09
CA ARG E 145 24.52 -40.87 10.72
C ARG E 145 23.60 -39.99 9.89
N SER E 146 24.18 -39.08 9.12
CA SER E 146 23.49 -38.24 8.14
C SER E 146 23.92 -38.64 6.73
N LEU E 147 23.23 -39.64 6.18
CA LEU E 147 23.61 -40.22 4.90
C LEU E 147 23.46 -39.23 3.76
N LEU E 148 22.52 -38.29 3.88
CA LEU E 148 22.38 -37.28 2.83
C LEU E 148 23.64 -36.44 2.73
N GLN E 149 24.25 -36.14 3.87
CA GLN E 149 25.47 -35.34 3.87
C GLN E 149 26.66 -36.14 3.33
N GLU E 150 26.70 -37.43 3.65
CA GLU E 150 27.77 -38.27 3.13
C GLU E 150 27.69 -38.44 1.62
N ALA E 151 26.48 -38.42 1.05
CA ALA E 151 26.28 -38.57 -0.38
C ALA E 151 26.31 -37.25 -1.13
N ASP E 152 26.72 -36.17 -0.44
CA ASP E 152 26.85 -34.83 -1.05
C ASP E 152 25.53 -34.32 -1.60
N PHE E 153 24.44 -34.53 -0.86
CA PHE E 153 23.15 -33.93 -1.23
C PHE E 153 23.09 -32.46 -0.82
N PHE E 154 22.86 -31.58 -1.78
CA PHE E 154 22.48 -30.21 -1.46
C PHE E 154 20.96 -30.12 -1.48
N LYS E 155 20.46 -28.96 -1.09
CA LYS E 155 19.01 -28.78 -1.01
C LYS E 155 18.34 -29.07 -2.33
N THR E 156 18.99 -28.66 -3.43
CA THR E 156 18.38 -28.93 -4.73
C THR E 156 18.39 -30.42 -5.06
N ASP E 157 19.43 -31.15 -4.64
CA ASP E 157 19.46 -32.61 -4.81
C ASP E 157 18.34 -33.29 -4.03
N VAL E 158 18.06 -32.81 -2.82
CA VAL E 158 16.96 -33.37 -2.03
C VAL E 158 15.65 -33.24 -2.78
N ARG E 159 15.40 -32.07 -3.37
CA ARG E 159 14.12 -31.84 -4.02
C ARG E 159 13.98 -32.68 -5.28
N ALA E 160 15.06 -32.85 -6.03
CA ALA E 160 15.02 -33.65 -7.26
C ALA E 160 14.74 -35.12 -6.96
N LEU E 161 15.44 -35.71 -6.00
CA LEU E 161 15.19 -37.12 -5.73
C LEU E 161 13.81 -37.32 -5.12
N ALA E 162 13.33 -36.36 -4.32
CA ALA E 162 11.98 -36.46 -3.75
C ALA E 162 10.93 -36.40 -4.83
N GLN E 163 11.13 -35.54 -5.82
CA GLN E 163 10.22 -35.53 -6.95
C GLN E 163 10.30 -36.85 -7.72
N GLU E 164 11.53 -37.31 -7.98
CA GLU E 164 11.71 -38.56 -8.71
C GLU E 164 11.02 -39.73 -8.01
N LEU E 165 11.10 -39.78 -6.68
CA LEU E 165 10.51 -40.85 -5.88
C LEU E 165 9.00 -40.76 -5.70
N GLY E 166 8.35 -39.73 -6.23
CA GLY E 166 6.92 -39.54 -6.06
C GLY E 166 6.50 -39.01 -4.71
N LEU E 167 7.44 -38.55 -3.89
CA LEU E 167 7.11 -37.96 -2.60
C LEU E 167 6.56 -36.55 -2.79
N THR E 168 5.37 -36.29 -2.25
CA THR E 168 4.71 -34.99 -2.34
C THR E 168 4.20 -34.42 -1.02
N ASN E 169 4.19 -35.20 0.06
CA ASN E 169 3.61 -34.78 1.32
C ASN E 169 4.71 -34.62 2.36
N TRP E 170 4.84 -33.42 2.89
CA TRP E 170 5.75 -33.14 3.98
C TRP E 170 5.35 -31.77 4.52
N ASN E 171 5.85 -31.43 5.69
CA ASN E 171 5.51 -30.12 6.23
C ASN E 171 6.41 -29.11 5.52
N LYS E 172 5.81 -28.22 4.73
CA LYS E 172 6.57 -27.30 3.92
C LYS E 172 6.98 -26.04 4.67
N VAL E 173 6.48 -25.85 5.89
CA VAL E 173 6.84 -24.73 6.74
C VAL E 173 7.96 -25.19 7.67
N ALA E 174 9.13 -24.55 7.60
CA ALA E 174 10.27 -25.00 8.40
C ALA E 174 9.92 -24.91 9.86
N SER E 175 10.04 -26.03 10.57
CA SER E 175 9.72 -26.07 11.98
C SER E 175 10.93 -25.66 12.81
N CYS E 176 10.67 -25.04 13.96
CA CYS E 176 11.73 -24.53 14.81
C CYS E 176 11.31 -24.57 16.27
N SER E 177 12.26 -24.95 17.12
CA SER E 177 12.03 -25.00 18.56
C SER E 177 11.55 -23.66 19.08
N VAL E 178 10.54 -23.69 19.95
CA VAL E 178 9.97 -22.46 20.45
C VAL E 178 10.98 -21.64 21.27
N SER E 179 12.11 -22.22 21.67
CA SER E 179 13.12 -21.48 22.42
C SER E 179 13.61 -20.24 21.68
N SER E 180 13.62 -20.28 20.35
CA SER E 180 14.05 -19.15 19.54
C SER E 180 13.10 -17.96 19.62
N ARG E 181 11.89 -18.14 20.13
CA ARG E 181 10.99 -17.02 20.37
C ARG E 181 11.31 -16.26 21.66
N PHE E 182 12.28 -16.74 22.44
CA PHE E 182 12.60 -16.17 23.72
C PHE E 182 14.02 -15.63 23.74
N PRO E 183 14.25 -14.51 24.43
CA PRO E 183 15.62 -14.02 24.56
C PRO E 183 16.47 -15.04 25.31
N TYR E 184 17.76 -15.03 25.03
CA TYR E 184 18.67 -15.82 25.85
C TYR E 184 18.56 -15.35 27.29
N GLY E 185 18.52 -16.30 28.22
CA GLY E 185 18.42 -15.97 29.64
C GLY E 185 17.02 -15.93 30.20
N THR E 186 16.00 -15.87 29.35
CA THR E 186 14.62 -15.92 29.80
C THR E 186 14.22 -17.37 30.11
N THR E 187 13.61 -17.57 31.27
CA THR E 187 13.16 -18.89 31.69
C THR E 187 11.89 -19.29 30.95
N LEU E 188 11.92 -20.43 30.27
CA LEU E 188 10.73 -20.96 29.63
C LEU E 188 9.82 -21.63 30.66
N THR E 189 8.53 -21.33 30.58
CA THR E 189 7.50 -21.97 31.38
C THR E 189 6.43 -22.53 30.45
N HIS E 190 5.60 -23.42 31.00
CA HIS E 190 4.42 -23.84 30.27
C HIS E 190 3.54 -22.64 29.95
N ASP E 191 3.46 -21.68 30.87
CA ASP E 191 2.60 -20.52 30.63
C ASP E 191 3.11 -19.72 29.45
N ASN E 192 4.42 -19.38 29.45
CA ASN E 192 4.92 -18.52 28.38
C ASN E 192 5.05 -19.26 27.05
N ILE E 193 5.31 -20.58 27.09
CA ILE E 193 5.32 -21.37 25.86
C ILE E 193 3.94 -21.41 25.23
N ALA E 194 2.94 -21.77 26.04
CA ALA E 194 1.57 -21.85 25.52
C ALA E 194 1.13 -20.48 25.01
N GLN E 195 1.55 -19.42 25.69
CA GLN E 195 1.21 -18.08 25.26
C GLN E 195 1.81 -17.81 23.90
N VAL E 196 3.08 -18.18 23.71
CA VAL E 196 3.70 -17.96 22.41
C VAL E 196 3.05 -18.85 21.34
N MET E 197 2.79 -20.13 21.64
CA MET E 197 2.24 -21.01 20.61
C MET E 197 0.82 -20.59 20.21
N ALA E 198 -0.01 -20.20 21.19
CA ALA E 198 -1.37 -19.79 20.87
C ALA E 198 -1.35 -18.56 19.97
N ALA E 199 -0.44 -17.63 20.23
CA ALA E 199 -0.35 -16.45 19.39
C ALA E 199 0.06 -16.83 17.98
N GLU E 200 1.05 -17.72 17.84
CA GLU E 200 1.44 -18.15 16.50
C GLU E 200 0.32 -18.94 15.81
N LYS E 201 -0.39 -19.78 16.55
CA LYS E 201 -1.49 -20.54 15.95
C LYS E 201 -2.57 -19.61 15.43
N TYR E 202 -2.91 -18.59 16.23
CA TYR E 202 -3.90 -17.60 15.80
C TYR E 202 -3.45 -16.87 14.53
N LEU E 203 -2.19 -16.50 14.45
CA LEU E 203 -1.75 -15.78 13.26
C LEU E 203 -1.77 -16.69 12.03
N ARG E 204 -1.37 -17.95 12.19
CA ARG E 204 -1.50 -18.90 11.10
C ARG E 204 -2.96 -19.05 10.68
N SER E 205 -3.87 -19.04 11.66
CA SER E 205 -5.27 -19.25 11.36
C SER E 205 -5.86 -18.14 10.51
N LEU E 206 -5.21 -16.98 10.44
CA LEU E 206 -5.59 -15.88 9.56
C LEU E 206 -4.96 -15.96 8.18
N GLY E 207 -4.12 -16.95 7.91
CA GLY E 207 -3.48 -17.07 6.63
C GLY E 207 -2.01 -16.73 6.57
N PHE E 208 -1.30 -16.76 7.70
CA PHE E 208 0.13 -16.46 7.77
C PHE E 208 0.83 -17.70 8.30
N PRO E 209 1.13 -18.68 7.42
CA PRO E 209 1.72 -19.93 7.91
C PRO E 209 3.15 -19.77 8.37
N THR E 210 3.87 -18.77 7.88
CA THR E 210 5.23 -18.48 8.33
C THR E 210 5.20 -17.23 9.20
N VAL E 211 5.38 -17.42 10.51
CA VAL E 211 5.29 -16.31 11.46
C VAL E 211 6.05 -16.70 12.73
N ARG E 212 6.54 -15.69 13.44
CA ARG E 212 7.12 -15.90 14.76
C ARG E 212 6.53 -14.86 15.68
N VAL E 213 6.11 -15.28 16.88
CA VAL E 213 5.74 -14.32 17.91
C VAL E 213 6.87 -14.32 18.93
N ARG E 214 7.78 -13.36 18.79
CA ARG E 214 8.89 -13.26 19.71
C ARG E 214 8.40 -12.69 21.03
N PHE E 215 8.80 -13.35 22.11
CA PHE E 215 8.36 -13.00 23.46
C PHE E 215 9.36 -12.01 24.06
N HIS E 216 8.85 -10.88 24.54
CA HIS E 216 9.66 -9.90 25.27
C HIS E 216 8.88 -9.45 26.50
N ASN E 217 8.54 -10.43 27.34
CA ASN E 217 7.74 -10.22 28.55
C ASN E 217 6.40 -9.62 28.15
N ASP E 218 6.21 -8.31 28.34
CA ASP E 218 4.91 -7.74 28.02
C ASP E 218 4.79 -7.27 26.57
N ILE E 219 5.83 -7.40 25.78
CA ILE E 219 5.81 -7.01 24.38
C ILE E 219 5.82 -8.26 23.50
N ALA E 220 4.86 -8.33 22.58
CA ALA E 220 4.88 -9.29 21.48
C ALA E 220 5.48 -8.61 20.25
N ARG E 221 6.46 -9.25 19.63
CA ARG E 221 7.10 -8.73 18.43
C ARG E 221 6.89 -9.73 17.30
N ILE E 222 5.96 -9.42 16.38
CA ILE E 222 5.54 -10.34 15.33
C ILE E 222 6.45 -10.21 14.12
N GLU E 223 6.95 -11.34 13.64
CA GLU E 223 7.75 -11.42 12.43
C GLU E 223 6.97 -12.10 11.32
N LEU E 224 6.84 -11.43 10.18
CA LEU E 224 6.17 -11.94 9.00
C LEU E 224 7.11 -11.84 7.82
N PRO E 225 6.97 -12.71 6.82
CA PRO E 225 7.60 -12.43 5.52
C PRO E 225 7.16 -11.04 5.05
N GLU E 226 8.12 -10.22 4.64
CA GLU E 226 7.78 -8.84 4.29
C GLU E 226 6.76 -8.79 3.18
N ALA E 227 6.79 -9.80 2.30
CA ALA E 227 5.86 -9.83 1.17
C ALA E 227 4.42 -9.93 1.63
N ARG E 228 4.19 -10.33 2.89
CA ARG E 228 2.85 -10.44 3.44
C ARG E 228 2.43 -9.24 4.28
N ILE E 229 3.36 -8.34 4.64
CA ILE E 229 3.01 -7.31 5.62
C ILE E 229 2.00 -6.33 5.04
N GLY E 230 2.03 -6.11 3.73
CA GLY E 230 1.00 -5.30 3.10
C GLY E 230 -0.39 -5.87 3.32
N ASP E 231 -0.50 -7.20 3.33
CA ASP E 231 -1.82 -7.82 3.54
C ASP E 231 -2.31 -7.74 4.97
N PHE E 232 -1.39 -7.66 5.93
CA PHE E 232 -1.68 -7.85 7.34
C PHE E 232 -2.52 -6.73 7.97
N LEU E 233 -2.51 -5.55 7.36
CA LEU E 233 -3.05 -4.38 8.04
C LEU E 233 -4.52 -4.56 8.40
N VAL E 234 -5.27 -5.30 7.60
CA VAL E 234 -6.69 -5.55 7.89
C VAL E 234 -6.89 -6.31 9.19
N PHE E 235 -5.84 -6.93 9.72
CA PHE E 235 -5.95 -7.71 10.95
C PHE E 235 -5.37 -7.02 12.17
N ASN E 236 -4.74 -5.84 12.00
CA ASN E 236 -4.07 -5.11 13.08
C ASN E 236 -4.87 -5.14 14.38
N ASP E 237 -6.12 -4.69 14.32
CA ASP E 237 -6.89 -4.56 15.56
C ASP E 237 -7.20 -5.92 16.18
N ARG E 238 -7.58 -6.90 15.35
CA ARG E 238 -7.90 -8.21 15.91
C ARG E 238 -6.67 -8.89 16.51
N VAL E 239 -5.51 -8.79 15.84
CA VAL E 239 -4.30 -9.38 16.39
C VAL E 239 -3.91 -8.68 17.70
N ASN E 240 -4.01 -7.36 17.72
CA ASN E 240 -3.72 -6.59 18.93
C ASN E 240 -4.53 -7.07 20.12
N ARG E 241 -5.86 -7.15 19.98
N ARG E 241 -5.85 -7.14 19.96
CA ARG E 241 -6.68 -7.51 21.12
CA ARG E 241 -6.75 -7.52 21.05
C ARG E 241 -6.73 -9.01 21.39
C ARG E 241 -6.59 -8.99 21.41
N GLN E 242 -6.37 -9.83 20.40
CA GLN E 242 -6.25 -11.27 20.65
C GLN E 242 -5.00 -11.57 21.47
N LEU E 243 -3.87 -10.95 21.10
CA LEU E 243 -2.61 -11.23 21.79
C LEU E 243 -2.56 -10.54 23.14
N GLN E 244 -3.35 -9.49 23.33
CA GLN E 244 -3.47 -8.92 24.66
C GLN E 244 -4.21 -9.86 25.61
N SER E 245 -5.28 -10.50 25.13
CA SER E 245 -5.98 -11.45 25.99
C SER E 245 -5.15 -12.69 26.26
N LEU E 246 -4.13 -12.96 25.45
CA LEU E 246 -3.24 -14.04 25.77
C LEU E 246 -2.16 -13.64 26.77
N GLY E 247 -2.05 -12.36 27.12
CA GLY E 247 -1.12 -11.92 28.15
C GLY E 247 -0.13 -10.84 27.75
N PHE E 248 -0.02 -10.46 26.48
CA PHE E 248 0.87 -9.35 26.16
C PHE E 248 0.22 -8.00 26.47
N ARG E 249 1.03 -7.03 26.88
CA ARG E 249 0.56 -5.66 27.05
C ARG E 249 0.65 -4.83 25.77
N TYR E 250 1.74 -4.98 25.02
CA TYR E 250 1.95 -4.33 23.74
C TYR E 250 2.13 -5.41 22.68
N VAL E 251 1.47 -5.26 21.55
CA VAL E 251 1.54 -6.17 20.42
C VAL E 251 2.11 -5.40 19.24
N THR E 252 3.25 -5.84 18.73
CA THR E 252 3.98 -5.08 17.73
C THR E 252 4.42 -5.96 16.57
N LEU E 253 4.69 -5.31 15.45
CA LEU E 253 5.13 -5.96 14.24
C LEU E 253 6.56 -5.51 13.96
N ASP E 254 7.46 -6.48 13.80
CA ASP E 254 8.85 -6.17 13.54
C ASP E 254 8.98 -5.55 12.15
N LEU E 255 9.55 -4.33 12.08
CA LEU E 255 9.69 -3.68 10.77
C LEU E 255 10.68 -4.41 9.87
N GLY E 256 11.60 -5.19 10.44
CA GLY E 256 12.50 -5.93 9.58
C GLY E 256 11.89 -7.18 9.01
N GLY E 257 10.81 -7.66 9.62
CA GLY E 257 10.13 -8.85 9.19
C GLY E 257 10.87 -10.13 9.54
N PHE E 258 10.34 -11.22 8.98
CA PHE E 258 10.87 -12.55 9.20
C PHE E 258 12.09 -12.74 8.32
N ARG E 259 13.22 -13.17 8.92
CA ARG E 259 14.48 -13.34 8.21
C ARG E 259 14.99 -12.03 7.62
N SER E 260 15.06 -11.01 8.47
CA SER E 260 15.53 -9.69 8.06
C SER E 260 16.87 -9.77 7.33
N GLY E 261 16.94 -9.07 6.19
CA GLY E 261 18.15 -8.97 5.41
C GLY E 261 18.25 -9.96 4.26
N ARG E 262 17.49 -11.07 4.32
CA ARG E 262 17.57 -12.08 3.28
C ARG E 262 17.07 -11.56 1.94
N MET E 263 16.15 -10.60 1.94
CA MET E 263 15.59 -10.03 0.73
C MET E 263 16.21 -8.69 0.34
N ASN E 264 17.14 -8.16 1.14
CA ASN E 264 17.56 -6.79 0.96
C ASN E 264 18.57 -6.66 -0.18
N ASP E 265 18.73 -5.41 -0.66
CA ASP E 265 19.79 -5.13 -1.63
C ASP E 265 21.16 -5.33 -0.98
N THR E 266 22.21 -5.25 -1.82
CA THR E 266 23.55 -5.64 -1.37
C THR E 266 24.03 -4.82 -0.18
N LEU E 267 23.76 -3.51 -0.19
CA LEU E 267 24.31 -2.63 0.84
C LEU E 267 23.62 -2.83 2.19
N THR E 268 22.27 -2.96 2.19
CA THR E 268 21.52 -3.02 3.45
C THR E 268 21.49 -4.41 4.07
N LYS E 269 21.74 -5.47 3.29
CA LYS E 269 21.99 -6.78 3.90
C LYS E 269 23.35 -6.79 4.59
N ALA E 270 24.31 -6.05 4.05
CA ALA E 270 25.58 -5.88 4.74
C ALA E 270 25.39 -5.10 6.03
N GLN E 271 24.49 -4.09 6.01
CA GLN E 271 24.27 -3.27 7.20
C GLN E 271 23.49 -4.03 8.27
N LEU E 272 22.44 -4.75 7.88
CA LEU E 272 21.63 -5.47 8.86
C LEU E 272 22.37 -6.68 9.42
N ALA E 273 23.28 -7.28 8.65
CA ALA E 273 24.10 -8.36 9.17
C ALA E 273 25.05 -7.86 10.27
N THR E 274 25.60 -6.65 10.10
CA THR E 274 26.41 -6.05 11.16
C THR E 274 25.57 -5.75 12.40
N PHE E 275 24.37 -5.16 12.20
CA PHE E 275 23.44 -4.97 13.31
C PHE E 275 23.15 -6.28 14.02
N ALA E 276 22.99 -7.36 13.26
CA ALA E 276 22.64 -8.65 13.86
C ALA E 276 23.82 -9.27 14.61
N ALA E 277 25.06 -8.93 14.20
CA ALA E 277 26.27 -9.40 14.88
C ALA E 277 26.60 -8.59 16.14
N SER E 278 26.14 -7.33 16.22
CA SER E 278 26.39 -6.48 17.38
C SER E 278 25.73 -6.98 18.65
N TRP E 279 24.78 -7.91 18.55
CA TRP E 279 24.13 -8.51 19.71
C TRP E 279 24.51 -9.98 19.91
N SER E 280 25.66 -10.40 19.37
CA SER E 280 26.14 -11.78 19.50
C SER E 280 26.21 -12.24 20.96
N ALA F 2 -6.62 -40.47 -34.27
CA ALA F 2 -7.74 -40.73 -33.37
C ALA F 2 -7.32 -40.63 -31.92
N THR F 3 -6.67 -41.66 -31.43
CA THR F 3 -6.45 -41.82 -30.00
C THR F 3 -4.98 -41.62 -29.64
N LEU F 4 -4.74 -41.40 -28.36
CA LEU F 4 -3.38 -41.25 -27.88
C LEU F 4 -2.51 -42.42 -28.34
N ALA F 5 -3.06 -43.65 -28.26
CA ALA F 5 -2.29 -44.82 -28.68
C ALA F 5 -1.90 -44.75 -30.16
N THR F 6 -2.84 -44.34 -31.02
CA THR F 6 -2.51 -44.21 -32.44
C THR F 6 -1.46 -43.13 -32.65
N LYS F 7 -1.55 -42.03 -31.90
CA LYS F 7 -0.56 -40.97 -32.03
C LYS F 7 0.78 -41.43 -31.46
N LYS F 8 0.76 -42.16 -30.35
CA LYS F 8 2.01 -42.68 -29.79
C LYS F 8 2.70 -43.60 -30.78
N ALA F 9 1.92 -44.42 -31.51
CA ALA F 9 2.46 -45.35 -32.49
C ALA F 9 3.17 -44.65 -33.63
N THR F 10 2.53 -43.61 -34.18
CA THR F 10 3.17 -42.83 -35.23
C THR F 10 4.52 -42.29 -34.78
N LEU F 11 4.58 -41.80 -33.55
CA LEU F 11 5.82 -41.25 -33.03
C LEU F 11 6.87 -42.34 -32.86
N VAL F 12 6.48 -43.51 -32.32
CA VAL F 12 7.42 -44.61 -32.14
C VAL F 12 8.02 -45.04 -33.47
N ALA F 13 7.19 -45.19 -34.50
CA ALA F 13 7.70 -45.62 -35.80
C ALA F 13 8.67 -44.60 -36.39
N ALA F 14 8.33 -43.31 -36.31
CA ALA F 14 9.23 -42.27 -36.82
C ALA F 14 10.56 -42.31 -36.08
N LEU F 15 10.52 -42.59 -34.78
CA LEU F 15 11.75 -42.73 -34.01
C LEU F 15 12.58 -43.90 -34.52
N LYS F 16 11.93 -45.06 -34.69
CA LYS F 16 12.62 -46.26 -35.21
C LYS F 16 13.20 -46.02 -36.59
N ASP F 17 12.44 -45.34 -37.46
CA ASP F 17 12.93 -45.05 -38.80
C ASP F 17 14.18 -44.19 -38.78
N LEU F 18 14.35 -43.34 -37.75
CA LEU F 18 15.50 -42.46 -37.66
C LEU F 18 16.71 -43.10 -37.01
N GLN F 19 16.52 -44.14 -36.18
CA GLN F 19 17.61 -44.92 -35.58
C GLN F 19 18.47 -44.13 -34.59
N ARG F 20 18.97 -42.97 -35.00
CA ARG F 20 19.86 -42.17 -34.15
C ARG F 20 19.48 -40.70 -34.25
N VAL F 21 19.23 -40.05 -33.11
CA VAL F 21 18.69 -38.70 -33.13
C VAL F 21 19.47 -37.77 -32.22
N THR F 22 19.37 -36.48 -32.56
CA THR F 22 19.88 -35.40 -31.75
C THR F 22 18.65 -34.62 -31.29
N VAL F 23 18.45 -34.55 -29.98
CA VAL F 23 17.22 -33.99 -29.42
C VAL F 23 17.51 -32.59 -28.87
N ALA F 24 16.84 -31.59 -29.43
CA ALA F 24 16.91 -30.25 -28.86
C ALA F 24 16.08 -30.23 -27.58
N PHE F 25 16.75 -30.15 -26.42
CA PHE F 25 16.12 -30.32 -25.12
C PHE F 25 16.12 -28.98 -24.38
N SER F 26 14.93 -28.44 -24.13
CA SER F 26 14.77 -27.18 -23.41
C SER F 26 14.56 -27.37 -21.92
N GLY F 27 14.20 -28.58 -21.49
CA GLY F 27 13.77 -28.85 -20.14
C GLY F 27 12.28 -28.78 -19.93
N GLY F 28 11.51 -28.27 -20.91
CA GLY F 28 10.07 -28.21 -20.84
C GLY F 28 9.40 -29.56 -21.06
N ILE F 29 8.07 -29.56 -20.89
CA ILE F 29 7.33 -30.82 -20.92
C ILE F 29 7.41 -31.48 -22.29
N ASP F 30 7.37 -30.69 -23.36
CA ASP F 30 7.27 -31.28 -24.70
C ASP F 30 8.55 -31.99 -25.07
N SER F 31 9.67 -31.26 -25.03
CA SER F 31 10.93 -31.91 -25.35
C SER F 31 11.29 -32.96 -24.31
N THR F 32 10.76 -32.86 -23.08
CA THR F 32 10.92 -33.95 -22.12
C THR F 32 10.23 -35.22 -22.64
N LEU F 33 9.01 -35.08 -23.18
CA LEU F 33 8.31 -36.21 -23.75
C LEU F 33 9.10 -36.81 -24.92
N VAL F 34 9.62 -35.95 -25.80
CA VAL F 34 10.41 -36.40 -26.95
C VAL F 34 11.64 -37.15 -26.49
N LEU F 35 12.40 -36.57 -25.56
CA LEU F 35 13.63 -37.20 -25.09
C LEU F 35 13.36 -38.55 -24.42
N LYS F 36 12.31 -38.62 -23.59
CA LYS F 36 11.94 -39.91 -23.00
C LYS F 36 11.55 -40.92 -24.06
N MET F 37 10.75 -40.49 -25.05
CA MET F 37 10.39 -41.42 -26.12
C MET F 37 11.60 -41.83 -26.95
N ALA F 38 12.53 -40.90 -27.19
CA ALA F 38 13.76 -41.23 -27.91
C ALA F 38 14.63 -42.21 -27.15
N LEU F 39 14.79 -42.00 -25.83
CA LEU F 39 15.54 -42.96 -25.01
C LEU F 39 14.90 -44.34 -24.98
N ASP F 40 13.58 -44.40 -24.78
CA ASP F 40 12.91 -45.69 -24.64
C ASP F 40 12.97 -46.50 -25.93
N VAL F 41 12.95 -45.82 -27.08
CA VAL F 41 12.89 -46.51 -28.36
C VAL F 41 14.27 -46.77 -28.95
N LEU F 42 15.20 -45.83 -28.83
CA LEU F 42 16.47 -45.96 -29.53
C LEU F 42 17.62 -46.39 -28.62
N GLY F 43 17.47 -46.26 -27.31
CA GLY F 43 18.53 -46.59 -26.38
C GLY F 43 19.49 -45.44 -26.19
N ARG F 44 20.12 -45.42 -25.01
CA ARG F 44 20.88 -44.25 -24.58
C ARG F 44 22.06 -43.94 -25.51
N ASP F 45 22.61 -44.95 -26.18
CA ASP F 45 23.70 -44.68 -27.11
C ASP F 45 23.25 -44.06 -28.42
N ASN F 46 21.97 -44.07 -28.75
CA ASN F 46 21.50 -43.56 -30.04
C ASN F 46 20.82 -42.18 -29.93
N VAL F 47 20.86 -41.50 -28.79
CA VAL F 47 20.21 -40.21 -28.66
C VAL F 47 21.21 -39.22 -28.08
N THR F 48 21.30 -38.03 -28.64
CA THR F 48 22.10 -36.98 -28.02
C THR F 48 21.20 -35.80 -27.65
N ALA F 49 21.13 -35.52 -26.36
CA ALA F 49 20.40 -34.37 -25.85
C ALA F 49 21.33 -33.16 -25.90
N VAL F 50 20.83 -32.06 -26.47
CA VAL F 50 21.57 -30.82 -26.60
C VAL F 50 20.79 -29.72 -25.88
N VAL F 51 21.46 -29.04 -24.95
CA VAL F 51 20.90 -27.86 -24.33
C VAL F 51 21.72 -26.67 -24.80
N ALA F 52 21.06 -25.69 -25.39
CA ALA F 52 21.68 -24.47 -25.86
C ALA F 52 21.77 -23.47 -24.72
N ASN F 53 22.99 -23.00 -24.46
CA ASN F 53 23.31 -21.92 -23.54
C ASN F 53 23.54 -20.66 -24.36
N SER F 54 23.05 -19.53 -23.86
CA SER F 54 23.21 -18.29 -24.59
C SER F 54 23.02 -17.09 -23.67
N GLU F 55 23.34 -15.92 -24.22
CA GLU F 55 23.16 -14.67 -23.50
C GLU F 55 21.69 -14.26 -23.41
N LEU F 56 20.82 -14.77 -24.29
CA LEU F 56 19.42 -14.37 -24.29
C LEU F 56 18.57 -15.15 -23.29
N PHE F 57 19.17 -16.08 -22.55
CA PHE F 57 18.48 -16.86 -21.54
C PHE F 57 19.40 -17.05 -20.33
N THR F 58 18.78 -17.38 -19.21
CA THR F 58 19.49 -17.39 -17.94
C THR F 58 20.32 -18.65 -17.79
N ASP F 59 21.41 -18.51 -17.03
CA ASP F 59 22.16 -19.70 -16.65
C ASP F 59 21.30 -20.67 -15.85
N GLU F 60 20.34 -20.15 -15.08
CA GLU F 60 19.52 -21.02 -14.25
C GLU F 60 18.69 -22.01 -15.08
N GLU F 61 18.10 -21.55 -16.21
CA GLU F 61 17.27 -22.43 -17.02
C GLU F 61 18.13 -23.47 -17.74
N PHE F 62 19.32 -23.05 -18.16
CA PHE F 62 20.29 -23.97 -18.74
C PHE F 62 20.69 -25.04 -17.72
N ASP F 63 21.02 -24.61 -16.50
CA ASP F 63 21.41 -25.57 -15.47
C ASP F 63 20.28 -26.54 -15.15
N LYS F 64 19.04 -26.06 -15.15
CA LYS F 64 17.91 -26.95 -14.92
C LYS F 64 17.74 -27.97 -16.06
N ALA F 65 17.89 -27.53 -17.31
CA ALA F 65 17.67 -28.44 -18.42
C ALA F 65 18.78 -29.49 -18.50
N MET F 66 20.03 -29.07 -18.35
CA MET F 66 21.12 -30.04 -18.31
C MET F 66 20.87 -31.07 -17.23
N SER F 67 20.48 -30.60 -16.03
CA SER F 67 20.25 -31.55 -14.94
C SER F 67 19.06 -32.44 -15.25
N LEU F 68 18.01 -31.90 -15.86
CA LEU F 68 16.84 -32.71 -16.17
C LEU F 68 17.16 -33.80 -17.19
N ALA F 69 17.94 -33.47 -18.22
CA ALA F 69 18.29 -34.47 -19.21
C ALA F 69 19.07 -35.62 -18.57
N GLU F 70 20.00 -35.29 -17.66
CA GLU F 70 20.69 -36.34 -16.91
C GLU F 70 19.71 -37.19 -16.14
N GLU F 71 18.76 -36.55 -15.46
CA GLU F 71 17.77 -37.27 -14.67
C GLU F 71 16.98 -38.25 -15.53
N LEU F 72 16.73 -37.90 -16.80
CA LEU F 72 16.05 -38.86 -17.65
C LEU F 72 16.94 -40.00 -18.11
N GLY F 73 18.24 -39.95 -17.86
CA GLY F 73 19.11 -41.01 -18.30
C GLY F 73 19.66 -40.83 -19.69
N ALA F 74 19.71 -39.60 -20.19
CA ALA F 74 20.24 -39.31 -21.50
C ALA F 74 21.68 -38.79 -21.39
N ASN F 75 22.47 -39.09 -22.41
CA ASN F 75 23.71 -38.34 -22.63
C ASN F 75 23.34 -36.93 -23.10
N VAL F 76 23.77 -35.90 -22.37
CA VAL F 76 23.43 -34.52 -22.70
C VAL F 76 24.71 -33.74 -22.86
N GLN F 77 24.75 -32.87 -23.86
CA GLN F 77 25.88 -31.99 -24.08
C GLN F 77 25.39 -30.56 -24.23
N GLY F 78 26.02 -29.64 -23.52
CA GLY F 78 25.70 -28.24 -23.66
C GLY F 78 26.45 -27.61 -24.82
N THR F 79 25.79 -26.68 -25.50
CA THR F 79 26.40 -25.91 -26.58
C THR F 79 26.10 -24.43 -26.31
N THR F 80 27.05 -23.56 -26.66
CA THR F 80 26.91 -22.12 -26.49
C THR F 80 26.69 -21.46 -27.84
N LEU F 81 25.61 -20.70 -27.96
CA LEU F 81 25.38 -19.89 -29.14
C LEU F 81 25.74 -18.45 -28.84
N ASP F 82 26.28 -17.79 -29.86
CA ASP F 82 26.59 -16.36 -29.81
C ASP F 82 25.54 -15.67 -30.69
N TYR F 83 24.36 -15.48 -30.10
CA TYR F 83 23.29 -14.80 -30.81
C TYR F 83 23.70 -13.39 -31.19
N LEU F 84 24.54 -12.76 -30.36
CA LEU F 84 24.88 -11.37 -30.61
C LEU F 84 25.82 -11.18 -31.81
N SER F 85 26.35 -12.27 -32.39
CA SER F 85 27.17 -12.17 -33.59
C SER F 85 26.35 -11.84 -34.84
N ASP F 86 25.06 -12.12 -34.84
CA ASP F 86 24.18 -11.79 -35.95
C ASP F 86 23.64 -10.37 -35.73
N ASP F 87 23.86 -9.50 -36.72
CA ASP F 87 23.49 -8.10 -36.56
C ASP F 87 21.97 -7.91 -36.49
N HIS F 88 21.17 -8.79 -37.12
CA HIS F 88 19.73 -8.70 -36.94
C HIS F 88 19.33 -8.91 -35.48
N ILE F 89 20.01 -9.84 -34.80
CA ILE F 89 19.74 -10.07 -33.39
C ILE F 89 20.28 -8.91 -32.57
N LYS F 90 21.52 -8.52 -32.84
CA LYS F 90 22.21 -7.48 -32.07
C LYS F 90 21.45 -6.15 -32.08
N ASN F 91 20.86 -5.79 -33.22
CA ASN F 91 20.15 -4.52 -33.32
C ASN F 91 18.65 -4.67 -33.13
N ASN F 92 18.20 -5.87 -32.74
CA ASN F 92 16.84 -6.15 -32.29
C ASN F 92 15.80 -5.56 -33.22
N THR F 93 15.77 -6.12 -34.40
CA THR F 93 14.76 -5.75 -35.38
C THR F 93 13.55 -6.62 -35.15
N PRO F 94 12.42 -6.30 -35.77
CA PRO F 94 11.25 -7.21 -35.65
C PRO F 94 11.53 -8.62 -36.16
N ASP F 95 12.58 -8.79 -36.96
CA ASP F 95 12.96 -10.10 -37.48
C ASP F 95 14.06 -10.78 -36.68
N SER F 96 14.50 -10.19 -35.56
CA SER F 96 15.56 -10.81 -34.78
C SER F 96 15.23 -12.24 -34.39
N TRP F 97 13.97 -12.51 -34.10
N TRP F 97 13.97 -12.49 -34.04
CA TRP F 97 13.59 -13.81 -33.57
CA TRP F 97 13.56 -13.82 -33.59
C TRP F 97 13.78 -14.94 -34.59
C TRP F 97 13.95 -14.89 -34.60
N TYR F 98 13.70 -14.62 -35.89
CA TYR F 98 13.94 -15.64 -36.90
C TYR F 98 15.43 -15.93 -37.07
N TYR F 99 16.27 -14.89 -37.08
CA TYR F 99 17.69 -15.09 -37.21
C TYR F 99 18.27 -15.81 -35.99
N ALA F 100 17.64 -15.67 -34.83
CA ALA F 100 18.04 -16.47 -33.68
C ALA F 100 17.76 -17.96 -33.90
N LYS F 101 16.56 -18.28 -34.36
CA LYS F 101 16.22 -19.68 -34.61
C LYS F 101 17.05 -20.26 -35.75
N LYS F 102 17.34 -19.46 -36.77
CA LYS F 102 18.23 -19.89 -37.84
C LYS F 102 19.58 -20.29 -37.27
N MET F 103 20.14 -19.47 -36.39
CA MET F 103 21.43 -19.81 -35.80
C MET F 103 21.32 -21.04 -34.91
N PHE F 104 20.21 -21.16 -34.18
CA PHE F 104 19.95 -22.30 -33.30
C PHE F 104 19.89 -23.60 -34.10
N TYR F 105 19.05 -23.64 -35.14
CA TYR F 105 18.90 -24.89 -35.89
C TYR F 105 20.15 -25.21 -36.70
N SER F 106 20.91 -24.18 -37.08
CA SER F 106 22.21 -24.40 -37.71
C SER F 106 23.16 -25.13 -36.76
N ARG F 107 23.23 -24.69 -35.52
CA ARG F 107 24.13 -25.34 -34.57
C ARG F 107 23.70 -26.77 -34.28
N LEU F 108 22.39 -27.03 -34.20
CA LEU F 108 21.94 -28.38 -33.90
C LEU F 108 22.23 -29.32 -35.05
N ASN F 109 22.12 -28.82 -36.29
CA ASN F 109 22.48 -29.65 -37.45
C ASN F 109 23.97 -29.96 -37.48
N ASP F 110 24.80 -28.99 -37.09
CA ASP F 110 26.23 -29.25 -37.01
C ASP F 110 26.53 -30.38 -36.04
N ILE F 111 25.91 -30.34 -34.86
CA ILE F 111 26.11 -31.40 -33.88
C ILE F 111 25.58 -32.72 -34.39
N ALA F 112 24.38 -32.71 -34.97
CA ALA F 112 23.77 -33.96 -35.43
C ALA F 112 24.58 -34.59 -36.55
N ALA F 113 25.02 -33.78 -37.52
CA ALA F 113 25.86 -34.27 -38.60
C ALA F 113 27.20 -34.81 -38.08
N ASN F 114 27.72 -34.24 -37.00
CA ASN F 114 29.02 -34.64 -36.52
C ASN F 114 28.98 -35.84 -35.59
N ASN F 115 27.83 -36.16 -35.00
CA ASN F 115 27.69 -37.38 -34.18
C ASN F 115 26.97 -38.48 -34.94
N GLY F 116 26.65 -38.25 -36.21
CA GLY F 116 26.04 -39.27 -37.05
C GLY F 116 24.57 -39.47 -36.84
N SER F 117 23.85 -38.47 -36.34
CA SER F 117 22.41 -38.56 -36.19
C SER F 117 21.73 -38.39 -37.53
N ALA F 118 20.56 -38.99 -37.66
CA ALA F 118 19.79 -38.85 -38.89
C ALA F 118 18.87 -37.66 -38.87
N ALA F 119 18.62 -37.06 -37.70
CA ALA F 119 17.78 -35.88 -37.63
C ALA F 119 18.01 -35.16 -36.31
N VAL F 120 17.68 -33.88 -36.33
CA VAL F 120 17.49 -33.09 -35.12
C VAL F 120 16.01 -33.11 -34.80
N LEU F 121 15.68 -33.36 -33.54
CA LEU F 121 14.30 -33.36 -33.08
C LEU F 121 14.07 -32.17 -32.14
N ASP F 122 12.95 -31.49 -32.28
CA ASP F 122 12.52 -30.49 -31.29
C ASP F 122 11.16 -30.88 -30.73
N GLY F 123 10.65 -30.04 -29.83
CA GLY F 123 9.42 -30.37 -29.16
C GLY F 123 8.20 -29.60 -29.61
N MET F 124 8.19 -29.09 -30.85
CA MET F 124 7.00 -28.41 -31.35
C MET F 124 5.82 -29.36 -31.41
N ILE F 125 4.67 -28.90 -30.96
CA ILE F 125 3.44 -29.68 -31.01
C ILE F 125 2.47 -29.10 -32.04
N LYS F 126 1.26 -29.69 -32.13
CA LYS F 126 0.29 -29.25 -33.13
C LYS F 126 -0.20 -27.84 -32.86
N ASN F 127 -0.24 -27.43 -31.60
CA ASN F 127 -0.45 -26.02 -31.29
C ASN F 127 0.77 -25.40 -30.60
N LYS F 137 9.02 -23.02 -38.83
CA LYS F 137 9.35 -21.71 -39.38
C LYS F 137 10.80 -21.68 -39.86
N ALA F 138 11.69 -21.25 -38.99
CA ALA F 138 13.12 -21.44 -39.20
C ALA F 138 13.57 -22.86 -38.85
N ARG F 139 12.64 -23.70 -38.39
CA ARG F 139 12.88 -25.14 -38.21
C ARG F 139 12.82 -25.86 -39.55
N SER F 140 11.75 -25.62 -40.33
CA SER F 140 11.61 -26.21 -41.65
C SER F 140 12.67 -25.71 -42.62
N GLU F 141 13.26 -24.55 -42.34
CA GLU F 141 14.44 -24.06 -43.04
C GLU F 141 15.70 -24.70 -42.48
N ALA F 142 15.59 -25.94 -41.99
CA ALA F 142 16.73 -26.71 -41.48
C ALA F 142 16.43 -28.21 -41.53
N GLY F 143 15.17 -28.56 -41.80
CA GLY F 143 14.79 -29.95 -41.88
C GLY F 143 14.67 -30.66 -40.55
N ALA F 144 14.74 -29.92 -39.44
CA ALA F 144 14.49 -30.50 -38.13
C ALA F 144 13.10 -31.09 -38.09
N ARG F 145 12.92 -32.11 -37.27
CA ARG F 145 11.66 -32.83 -37.19
C ARG F 145 10.95 -32.52 -35.89
N SER F 146 9.67 -32.20 -35.99
CA SER F 146 8.81 -32.01 -34.82
C SER F 146 7.87 -33.21 -34.81
N LEU F 147 8.35 -34.30 -34.21
CA LEU F 147 7.61 -35.54 -34.32
C LEU F 147 6.30 -35.51 -33.57
N LEU F 148 6.22 -34.77 -32.46
CA LEU F 148 4.95 -34.66 -31.77
C LEU F 148 3.92 -33.98 -32.66
N GLN F 149 4.37 -32.99 -33.45
CA GLN F 149 3.47 -32.26 -34.34
C GLN F 149 3.02 -33.13 -35.50
N GLU F 150 3.93 -33.95 -36.06
CA GLU F 150 3.58 -34.85 -37.15
C GLU F 150 2.62 -35.93 -36.68
N ALA F 151 2.74 -36.36 -35.43
CA ALA F 151 1.83 -37.36 -34.88
C ALA F 151 0.57 -36.72 -34.30
N ASP F 152 0.38 -35.42 -34.55
CA ASP F 152 -0.78 -34.62 -34.16
C ASP F 152 -0.99 -34.53 -32.64
N PHE F 153 0.09 -34.39 -31.90
CA PHE F 153 -0.02 -34.20 -30.46
C PHE F 153 -0.48 -32.77 -30.19
N PHE F 154 -1.57 -32.62 -29.45
CA PHE F 154 -1.95 -31.36 -28.85
C PHE F 154 -1.47 -31.37 -27.41
N LYS F 155 -1.67 -30.25 -26.73
CA LYS F 155 -1.17 -30.13 -25.37
C LYS F 155 -1.72 -31.23 -24.48
N THR F 156 -2.99 -31.58 -24.67
CA THR F 156 -3.60 -32.61 -23.82
C THR F 156 -2.96 -33.97 -24.09
N ASP F 157 -2.60 -34.24 -25.35
CA ASP F 157 -1.89 -35.47 -25.68
C ASP F 157 -0.50 -35.53 -25.04
N VAL F 158 0.23 -34.42 -25.02
CA VAL F 158 1.54 -34.42 -24.37
C VAL F 158 1.38 -34.78 -22.89
N ARG F 159 0.40 -34.18 -22.21
CA ARG F 159 0.20 -34.48 -20.80
C ARG F 159 -0.33 -35.90 -20.62
N ALA F 160 -1.18 -36.36 -21.53
CA ALA F 160 -1.74 -37.69 -21.41
C ALA F 160 -0.63 -38.75 -21.49
N LEU F 161 0.25 -38.62 -22.50
CA LEU F 161 1.34 -39.57 -22.65
C LEU F 161 2.42 -39.40 -21.57
N ALA F 162 2.68 -38.17 -21.13
CA ALA F 162 3.68 -37.99 -20.06
C ALA F 162 3.23 -38.67 -18.78
N GLN F 163 1.93 -38.60 -18.49
CA GLN F 163 1.40 -39.30 -17.33
C GLN F 163 1.55 -40.81 -17.48
N GLU F 164 1.18 -41.34 -18.65
CA GLU F 164 1.29 -42.78 -18.88
C GLU F 164 2.73 -43.25 -18.78
N LEU F 165 3.68 -42.44 -19.24
CA LEU F 165 5.09 -42.77 -19.12
C LEU F 165 5.64 -42.57 -17.72
N GLY F 166 4.84 -42.04 -16.80
CA GLY F 166 5.34 -41.75 -15.47
C GLY F 166 6.16 -40.48 -15.36
N LEU F 167 6.13 -39.62 -16.38
CA LEU F 167 6.82 -38.35 -16.31
C LEU F 167 6.01 -37.36 -15.47
N THR F 168 6.66 -36.79 -14.46
CA THR F 168 6.08 -35.76 -13.62
C THR F 168 7.01 -34.56 -13.41
N ASN F 169 8.27 -34.66 -13.82
CA ASN F 169 9.32 -33.67 -13.58
C ASN F 169 9.74 -33.02 -14.90
N TRP F 170 9.57 -31.70 -14.97
CA TRP F 170 10.00 -30.90 -16.10
C TRP F 170 9.99 -29.45 -15.65
N ASN F 171 10.58 -28.59 -16.47
CA ASN F 171 10.63 -27.16 -16.16
C ASN F 171 9.26 -26.59 -16.44
N LYS F 172 8.57 -26.15 -15.40
CA LYS F 172 7.23 -25.61 -15.55
C LYS F 172 7.24 -24.11 -15.79
N VAL F 173 8.39 -23.46 -15.65
CA VAL F 173 8.51 -22.03 -15.89
C VAL F 173 8.95 -21.83 -17.34
N ALA F 174 8.07 -21.28 -18.17
CA ALA F 174 8.42 -20.98 -19.55
C ALA F 174 9.37 -19.80 -19.60
N SER F 175 10.52 -19.99 -20.23
CA SER F 175 11.50 -18.91 -20.34
C SER F 175 11.20 -18.07 -21.58
N CYS F 176 11.73 -16.86 -21.57
CA CYS F 176 11.44 -15.93 -22.65
C CYS F 176 12.70 -15.14 -23.00
N SER F 177 12.99 -15.06 -24.30
CA SER F 177 14.21 -14.39 -24.73
C SER F 177 14.29 -12.96 -24.21
N VAL F 178 15.45 -12.58 -23.70
CA VAL F 178 15.64 -11.28 -23.09
C VAL F 178 15.48 -10.14 -24.08
N SER F 179 15.49 -10.41 -25.39
CA SER F 179 15.28 -9.36 -26.38
C SER F 179 13.91 -8.71 -26.26
N SER F 180 12.93 -9.40 -25.67
CA SER F 180 11.61 -8.83 -25.48
C SER F 180 11.64 -7.67 -24.48
N ARG F 181 12.73 -7.54 -23.72
CA ARG F 181 12.94 -6.42 -22.83
C ARG F 181 13.45 -5.19 -23.54
N PHE F 182 13.77 -5.29 -24.83
CA PHE F 182 14.37 -4.15 -25.46
C PHE F 182 13.50 -3.62 -26.59
N PRO F 183 13.44 -2.30 -26.76
CA PRO F 183 12.70 -1.74 -27.90
C PRO F 183 13.33 -2.18 -29.20
N TYR F 184 12.50 -2.28 -30.24
CA TYR F 184 13.02 -2.48 -31.58
C TYR F 184 13.95 -1.33 -31.92
N GLY F 185 15.09 -1.64 -32.53
CA GLY F 185 16.09 -0.65 -32.83
C GLY F 185 17.14 -0.47 -31.75
N THR F 186 16.88 -0.97 -30.55
CA THR F 186 17.86 -0.92 -29.48
C THR F 186 18.92 -1.99 -29.70
N THR F 187 20.19 -1.59 -29.60
CA THR F 187 21.30 -2.52 -29.75
C THR F 187 21.51 -3.32 -28.46
N LEU F 188 21.47 -4.64 -28.55
CA LEU F 188 21.77 -5.46 -27.38
C LEU F 188 23.28 -5.50 -27.17
N THR F 189 23.69 -5.34 -25.92
CA THR F 189 25.08 -5.51 -25.58
C THR F 189 25.22 -6.52 -24.47
N HIS F 190 26.45 -6.99 -24.27
CA HIS F 190 26.73 -7.85 -23.15
C HIS F 190 26.35 -7.17 -21.83
N ASP F 191 26.63 -5.88 -21.71
CA ASP F 191 26.39 -5.20 -20.45
C ASP F 191 24.91 -5.00 -20.20
N ASN F 192 24.15 -4.48 -21.19
CA ASN F 192 22.75 -4.21 -20.91
C ASN F 192 21.93 -5.50 -20.80
N ILE F 193 22.33 -6.57 -21.48
CA ILE F 193 21.66 -7.84 -21.29
C ILE F 193 21.85 -8.31 -19.85
N ALA F 194 23.11 -8.31 -19.40
CA ALA F 194 23.40 -8.81 -18.06
C ALA F 194 22.70 -7.99 -16.99
N GLN F 195 22.61 -6.66 -17.18
CA GLN F 195 21.97 -5.79 -16.20
C GLN F 195 20.45 -6.05 -16.16
N VAL F 196 19.82 -6.25 -17.31
CA VAL F 196 18.40 -6.59 -17.32
C VAL F 196 18.16 -7.93 -16.62
N MET F 197 19.05 -8.90 -16.87
CA MET F 197 18.91 -10.24 -16.29
C MET F 197 19.09 -10.22 -14.78
N ALA F 198 20.08 -9.48 -14.29
CA ALA F 198 20.29 -9.36 -12.84
C ALA F 198 19.11 -8.68 -12.16
N ALA F 199 18.53 -7.67 -12.82
CA ALA F 199 17.39 -6.98 -12.23
C ALA F 199 16.20 -7.93 -12.09
N GLU F 200 15.89 -8.67 -13.15
CA GLU F 200 14.76 -9.59 -13.07
C GLU F 200 15.03 -10.68 -12.04
N LYS F 201 16.27 -11.16 -11.96
CA LYS F 201 16.60 -12.18 -10.96
C LYS F 201 16.41 -11.65 -9.56
N TYR F 202 16.89 -10.42 -9.28
CA TYR F 202 16.69 -9.81 -7.97
C TYR F 202 15.21 -9.66 -7.65
N LEU F 203 14.40 -9.25 -8.62
CA LEU F 203 12.96 -9.12 -8.39
C LEU F 203 12.30 -10.49 -8.20
N ARG F 204 12.73 -11.53 -8.93
CA ARG F 204 12.20 -12.86 -8.66
C ARG F 204 12.54 -13.29 -7.24
N SER F 205 13.74 -12.95 -6.77
CA SER F 205 14.19 -13.33 -5.43
C SER F 205 13.36 -12.70 -4.33
N LEU F 206 12.60 -11.65 -4.64
CA LEU F 206 11.70 -11.04 -3.67
C LEU F 206 10.32 -11.68 -3.66
N GLY F 207 10.07 -12.68 -4.50
CA GLY F 207 8.77 -13.29 -4.56
C GLY F 207 7.92 -12.86 -5.72
N PHE F 208 8.53 -12.40 -6.81
CA PHE F 208 7.79 -11.98 -8.00
C PHE F 208 8.32 -12.81 -9.15
N PRO F 209 7.81 -14.03 -9.33
CA PRO F 209 8.32 -14.90 -10.38
C PRO F 209 7.94 -14.44 -11.77
N THR F 210 6.86 -13.68 -11.90
CA THR F 210 6.43 -13.16 -13.19
C THR F 210 6.76 -11.68 -13.21
N VAL F 211 7.76 -11.29 -14.00
CA VAL F 211 8.22 -9.92 -13.97
C VAL F 211 8.94 -9.62 -15.28
N ARG F 212 8.97 -8.33 -15.64
CA ARG F 212 9.80 -7.85 -16.73
C ARG F 212 10.45 -6.53 -16.33
N VAL F 213 11.75 -6.42 -16.58
CA VAL F 213 12.46 -5.16 -16.49
C VAL F 213 12.69 -4.69 -17.93
N ARG F 214 11.82 -3.83 -18.41
CA ARG F 214 11.99 -3.32 -19.77
C ARG F 214 13.09 -2.26 -19.79
N PHE F 215 13.94 -2.34 -20.81
CA PHE F 215 15.11 -1.47 -20.93
C PHE F 215 14.77 -0.26 -21.78
N HIS F 216 15.04 0.93 -21.23
CA HIS F 216 14.86 2.20 -21.94
C HIS F 216 16.08 3.09 -21.66
N ASN F 217 17.26 2.59 -22.00
CA ASN F 217 18.54 3.23 -21.76
C ASN F 217 18.78 3.43 -20.27
N ASP F 218 18.58 4.65 -19.81
CA ASP F 218 18.80 5.00 -18.43
C ASP F 218 17.59 4.70 -17.54
N ILE F 219 16.49 4.21 -18.12
CA ILE F 219 15.26 3.91 -17.38
C ILE F 219 15.06 2.41 -17.36
N ALA F 220 14.78 1.86 -16.19
CA ALA F 220 14.18 0.54 -16.07
C ALA F 220 12.67 0.71 -15.87
N ARG F 221 11.88 0.02 -16.68
CA ARG F 221 10.42 0.05 -16.57
C ARG F 221 9.99 -1.36 -16.18
N ILE F 222 9.62 -1.54 -14.92
CA ILE F 222 9.32 -2.84 -14.36
C ILE F 222 7.87 -3.20 -14.62
N GLU F 223 7.63 -4.39 -15.15
CA GLU F 223 6.29 -4.92 -15.35
C GLU F 223 6.00 -6.00 -14.30
N LEU F 224 4.95 -5.79 -13.54
CA LEU F 224 4.44 -6.70 -12.53
C LEU F 224 2.96 -6.97 -12.77
N PRO F 225 2.47 -8.16 -12.42
CA PRO F 225 1.01 -8.34 -12.32
C PRO F 225 0.44 -7.33 -11.34
N GLU F 226 -0.63 -6.64 -11.78
CA GLU F 226 -1.20 -5.55 -10.99
C GLU F 226 -1.61 -6.01 -9.59
N ALA F 227 -2.04 -7.27 -9.45
CA ALA F 227 -2.45 -7.80 -8.15
C ALA F 227 -1.30 -7.88 -7.16
N ARG F 228 -0.05 -7.79 -7.60
CA ARG F 228 1.08 -7.87 -6.70
C ARG F 228 1.59 -6.51 -6.25
N ILE F 229 1.11 -5.42 -6.86
CA ILE F 229 1.74 -4.13 -6.65
C ILE F 229 1.45 -3.61 -5.23
N GLY F 230 0.32 -4.00 -4.62
CA GLY F 230 0.07 -3.58 -3.26
C GLY F 230 1.12 -4.08 -2.29
N ASP F 231 1.51 -5.35 -2.41
CA ASP F 231 2.54 -5.88 -1.53
C ASP F 231 3.95 -5.45 -1.91
N PHE F 232 4.17 -5.12 -3.19
CA PHE F 232 5.47 -4.73 -3.70
C PHE F 232 6.00 -3.43 -3.09
N LEU F 233 5.13 -2.61 -2.51
CA LEU F 233 5.57 -1.28 -2.09
C LEU F 233 6.65 -1.36 -1.02
N VAL F 234 6.62 -2.42 -0.20
CA VAL F 234 7.59 -2.56 0.87
C VAL F 234 9.02 -2.70 0.35
N PHE F 235 9.19 -2.98 -0.95
CA PHE F 235 10.50 -3.14 -1.57
C PHE F 235 10.92 -1.98 -2.45
N ASN F 236 10.04 -1.00 -2.68
CA ASN F 236 10.31 0.13 -3.58
C ASN F 236 11.71 0.65 -3.44
N ASP F 237 12.10 1.03 -2.23
CA ASP F 237 13.40 1.67 -2.05
C ASP F 237 14.53 0.70 -2.33
N ARG F 238 14.40 -0.53 -1.86
CA ARG F 238 15.46 -1.51 -2.10
C ARG F 238 15.56 -1.82 -3.58
N VAL F 239 14.42 -1.99 -4.25
CA VAL F 239 14.47 -2.27 -5.68
C VAL F 239 15.08 -1.09 -6.42
N ASN F 240 14.67 0.13 -6.03
CA ASN F 240 15.23 1.35 -6.63
C ASN F 240 16.75 1.37 -6.55
N ARG F 241 17.31 1.18 -5.35
CA ARG F 241 18.76 1.28 -5.20
C ARG F 241 19.46 0.07 -5.82
N GLN F 242 18.84 -1.11 -5.81
CA GLN F 242 19.50 -2.27 -6.40
C GLN F 242 19.66 -2.10 -7.90
N LEU F 243 18.62 -1.64 -8.59
CA LEU F 243 18.69 -1.54 -10.05
C LEU F 243 19.52 -0.34 -10.48
N GLN F 244 19.65 0.67 -9.62
CA GLN F 244 20.60 1.75 -9.88
C GLN F 244 22.03 1.24 -9.75
N SER F 245 22.28 0.38 -8.77
CA SER F 245 23.62 -0.19 -8.65
C SER F 245 23.92 -1.12 -9.83
N LEU F 246 22.91 -1.53 -10.58
CA LEU F 246 23.11 -2.29 -11.81
C LEU F 246 23.35 -1.43 -13.03
N GLY F 247 23.15 -0.11 -12.96
CA GLY F 247 23.40 0.75 -14.09
C GLY F 247 22.20 1.56 -14.55
N PHE F 248 21.01 1.33 -14.03
CA PHE F 248 19.90 2.21 -14.36
C PHE F 248 20.02 3.53 -13.60
N ARG F 249 19.70 4.63 -14.30
CA ARG F 249 19.65 5.91 -13.60
C ARG F 249 18.28 6.09 -12.94
N TYR F 250 17.23 5.62 -13.61
CA TYR F 250 15.86 5.66 -13.10
C TYR F 250 15.28 4.26 -13.05
N VAL F 251 14.62 3.95 -11.94
CA VAL F 251 13.93 2.69 -11.73
C VAL F 251 12.46 3.01 -11.53
N THR F 252 11.60 2.51 -12.43
CA THR F 252 10.18 2.86 -12.44
C THR F 252 9.32 1.61 -12.53
N LEU F 253 8.05 1.76 -12.17
CA LEU F 253 7.05 0.72 -12.24
C LEU F 253 6.00 1.10 -13.27
N ASP F 254 5.75 0.22 -14.24
CA ASP F 254 4.74 0.49 -15.26
C ASP F 254 3.36 0.56 -14.64
N LEU F 255 2.65 1.67 -14.84
CA LEU F 255 1.32 1.75 -14.25
C LEU F 255 0.36 0.73 -14.85
N GLY F 256 0.61 0.29 -16.08
CA GLY F 256 -0.24 -0.67 -16.75
C GLY F 256 -0.05 -2.11 -16.32
N GLY F 257 1.03 -2.41 -15.59
CA GLY F 257 1.24 -3.77 -15.17
C GLY F 257 1.93 -4.63 -16.22
N PHE F 258 1.79 -5.94 -16.02
CA PHE F 258 2.51 -6.95 -16.78
C PHE F 258 1.95 -7.07 -18.19
N ARG F 259 2.83 -6.88 -19.18
CA ARG F 259 2.46 -6.82 -20.61
C ARG F 259 1.47 -5.69 -20.89
N SER F 260 1.82 -4.48 -20.45
CA SER F 260 1.01 -3.29 -20.69
C SER F 260 0.98 -2.93 -22.18
#